data_6LOE
#
_entry.id   6LOE
#
_cell.length_a   1.00
_cell.length_b   1.00
_cell.length_c   1.00
_cell.angle_alpha   90.00
_cell.angle_beta   90.00
_cell.angle_gamma   90.00
#
_symmetry.space_group_name_H-M   'P 1'
#
loop_
_entity.id
_entity.type
_entity.pdbx_description
1 polymer 'MULTIHEME_CYTC domain-containing protein'
2 polymer 'Fe-S-cluster-containing hydrogenase components 1-like protein'
3 polymer 'Polysulphide reductase NrfD'
4 polymer 'Uncharacterized protein ActD'
5 polymer 'Cytochrome c domain-containing protein'
6 polymer 'Uncharacterized protein ActF'
7 non-polymer 'HEME C'
8 non-polymer 'IRON/SULFUR CLUSTER'
9 non-polymer 'FE3-S4 CLUSTER'
10 non-polymer '[(2S)-2-octadecanoyloxypropyl] octadecanoate'
#
loop_
_entity_poly.entity_id
_entity_poly.type
_entity_poly.pdbx_seq_one_letter_code
_entity_poly.pdbx_strand_id
1 'polypeptide(L)'
;MLERRPMAQVFDRRANTLARVSIFAGIPLVLAILGGVWWLFGWSDWHRDVGVEIPQPGGGFNHQLHVALGMDCRYCHTAV
EVSAHANIPPTETCMGCHSQIISRSEKVAFVWQSWETGTSIQWNKVHDLPKFVYFNHSIHVAKGVGCSTCHGRIDQMRVV
YKTQPLFMSWCLDCHRNPEKYVRPREEVFNMAWTPPPNQLEVGRRLVQEYEIRSSWELTNCAICHR
;
A
2 'polypeptide(L)'
;CQFALKQPQEKIVPYVRQPEEIIHGRPLFFATAVTFAGFGVGLLVESHEGRPTKIEGNPDHPASLGSTDLITQAMILTMY
DPDRSQAPTNAGQETTWDAFVAAATAAMQAQTAKQGAGLRVLSGSLTSPTLIAQKQQLLTQFPQAKWYEYEPVGRDNANA
GARLAFGADVHTIYRLDTAKVIVGFDADFTAPSPTGVRMARQLADGRRIRKGTKEVNRLYLAESTPSITGLLADHRLPVR
SSQIEHLVRALATLVGVPNVAAGAPLSDTEKKWVEAAAKDLQANRGACVVLVGESQPPVVHALGHAINAQLGNVGSTVVY
TEPVEDDPSGGIAALSALTQEMNAGTVEVLLMIESNPVYNAPADIPFAEALAKVPLSMHVGLYRDETAQQSVWHINGAHF
LEAWGDVRAFDGTTTIVQPLIAPLYNGKSAIEVLNVLLGKPQETGYQTLTAYWQTQDASGNFRVFWNTALHDGVITATQA
RSRQVTLQQGFADAAPPAPTQGLEIVFRPDPSLWDGAFANNAWLQETPKPYTKLTWDNVALMSVRTANALGLKNGDVVRL
TYQGRSVDAPVWVQPGHADDSVTVHFGFGRTAAGRVGNNVGFNAYRLRTSATPWFGVGLEVAKVGENYKLASTQGHFLME
GRKKDLVRYGTLAEYVEDEKFLQVEKEEPISLIGEYEYNGYKWGMSIDLNVCNSCNACVVACQSENNIPVVGKDEVWLGR
EMHWIRIDQYYVGDEHTPNVYNMVMLCQQCEHAPCEIVCPVAATVHDAEGLNNMVYNRCVGTKYCSNNCPYKVRRFNFLQ
YQDVPYRSPIDASTENDSIPVLKMMRNPDVTVRARGVMEKCTFCVQRINEARIQARTENRRIADGEIMTACQQVCPTQAI
VFGDLNDPQARVVDLKEQPLKYTSLDKLNTKPRVSYLAKIKNLNPDLAEEKTA
;
B
3 'polypeptide(L)'
;MASQPAQKSAYGKMLEELLGPKQTYESVTRTIGDIVLTPIRKTPWGWPVGFVIAALGLLMYLFSLAVLFTVGVGVWGINI
PVAWGFDIINFVWWIGIGHAGTLISAILLLFRQDWRTSINRAAEAMTIFAVACAGIYPLVHTGRPWLDYWMLPYPGTLGM
WPQFRSALEWDVFAISTYATVSILFWYLGLIPDLASLRDRATNIWVKRFYGFLALGWRGGARDWNRYEVASLILAGLSTP
LVLSVHSIISLDFAISQLPGWHVTVFPPYFVAGAVYCGFAMVILLLVPLRRWYKLHDLITIKHFDLMGKVMLASGLVVAY
GYFAEIFYAWYSANIYEYFLITNRTMGPYAWSYWALIVLNVAIPQLLWFKRFRVSLPWLFFISICINIGMWFERWVIIVL
SLHRDFLPSSWGYYTPSVWDISLYAGSFGWFFFLFFLFIRLLPAISIFEVRDLVHKTETEKALAHGSAGHH
;
C
4 'polypeptide(L)'
;MLKRNARQPKALKVSTGPTLYGLMAEFDDAEALLAAAEKTRDAGYKQFEAYTPMPIHGLDEAVGYRGTRLPWVIFGAGLL
GASGMFALQTWINLVEYPLNIGGRPLFSWPAFIPATFEGMVLLSAFAAVFGMIAACGLPRPYHPVFNAPNFERASVDRFF
LCIEAADPKFELKQTRQFLESLGPLAVSTVDN
;
D
5 'polypeptide(L)'
;(ACE)CHLEMYDQAKYKPQQASEIFADGASARPLVEHTVARGRLRIDATSTGRVDGDPNGAYVTTIPIRITPELLERGAQ
RYRIYCAVCHGVNGNGRGQVGLLLNPRPPSFYDQRLLDMPDGEYYDVLVNGRRTMYPYGYRVQSISDRWAIVAHIRELQK
NPPPQN
;
E
6 'polypeptide(L)'
;MIAQEPAALRPALGRLQQVALIVGGVAMLLAVAGAFLGAAQFFHSYIFAYFFWMALSLGGLLVLMINHLTQGVWGLMLRR
LLEAAALTLPLMAILFLPIAAETLMGTHYLFPWTNPEVVANDEVVALKTPYLNVPFFLARAVIYFVLFIGMAYLLRQWSL
EEDAKGFSDDLRGRFQRLSGPGIVVLVMAWTFAATDWGMSLEPEWFSSMYPVTYIASMLILTFGGGIIALAVLKSRNLLP
FGIPVDRLHDLGKFLFAFVAVWAYVNFSEYLIIWSGNVPELTPWHGHRSAGGWEILGIVMIFGHFLLPFMLLLSRFAKRR
LANLTAIAIYLYLIEIVWYFWKIMPAFHPDGFHIHWLDLVTLIAIGGLWLGVFAWNLQRAPLLAPNDYRVPLLRRQEASG
HGHGHHGKATAEHH
;
F
#
loop_
_chem_comp.id
_chem_comp.type
_chem_comp.name
_chem_comp.formula
ACE non-polymer 'ACETYL GROUP' 'C2 H4 O'
EL6 non-polymer '[(2S)-2-octadecanoyloxypropyl] octadecanoate' 'C39 H76 O4'
F3S non-polymer 'FE3-S4 CLUSTER' 'Fe3 S4'
HEC non-polymer 'HEME C' 'C34 H34 Fe N4 O4'
SF4 non-polymer 'IRON/SULFUR CLUSTER' 'Fe4 S4'
#
# COMPACT_ATOMS: atom_id res chain seq x y z
N GLN A 9 -36.77 23.08 45.36
CA GLN A 9 -36.06 23.19 44.10
C GLN A 9 -34.94 22.17 43.98
N VAL A 10 -34.83 21.57 42.80
CA VAL A 10 -33.72 20.67 42.52
C VAL A 10 -32.41 21.46 42.48
N PHE A 11 -31.30 20.74 42.74
CA PHE A 11 -29.94 21.28 42.56
C PHE A 11 -29.70 22.50 43.44
N ASP A 12 -29.61 22.24 44.74
CA ASP A 12 -29.34 23.26 45.76
C ASP A 12 -28.13 24.13 45.41
N ARG A 13 -28.06 25.31 46.03
CA ARG A 13 -27.11 26.37 45.65
C ARG A 13 -25.65 25.92 45.63
N ARG A 14 -25.31 24.84 46.34
CA ARG A 14 -23.94 24.33 46.28
C ARG A 14 -23.57 23.83 44.89
N ALA A 15 -24.55 23.52 44.05
CA ALA A 15 -24.28 23.09 42.68
C ALA A 15 -23.80 24.23 41.79
N ASN A 16 -23.85 25.47 42.27
CA ASN A 16 -23.24 26.57 41.52
C ASN A 16 -21.73 26.40 41.43
N THR A 17 -21.06 26.39 42.58
CA THR A 17 -19.60 26.30 42.59
C THR A 17 -19.12 24.92 42.21
N LEU A 18 -19.86 23.88 42.60
CA LEU A 18 -19.46 22.51 42.26
C LEU A 18 -19.52 22.25 40.76
N ALA A 19 -20.29 23.05 40.02
CA ALA A 19 -20.28 23.01 38.56
C ALA A 19 -19.53 24.17 37.94
N ARG A 20 -19.07 25.12 38.76
CA ARG A 20 -18.23 26.21 38.28
C ARG A 20 -16.75 25.89 38.40
N VAL A 21 -16.37 25.11 39.40
CA VAL A 21 -14.97 24.68 39.54
C VAL A 21 -14.70 23.36 38.84
N SER A 22 -15.71 22.72 38.28
CA SER A 22 -15.51 21.52 37.47
C SER A 22 -15.32 21.84 35.99
N ILE A 23 -15.24 23.12 35.63
CA ILE A 23 -14.95 23.53 34.27
C ILE A 23 -13.74 24.46 34.30
N PHE A 24 -13.55 25.14 35.43
CA PHE A 24 -12.47 26.09 35.58
C PHE A 24 -11.32 25.59 36.44
N ALA A 25 -11.57 24.62 37.33
CA ALA A 25 -10.51 24.00 38.11
C ALA A 25 -10.57 22.48 38.04
N GLY A 26 -11.40 21.93 37.16
CA GLY A 26 -11.47 20.50 36.96
C GLY A 26 -11.11 20.12 35.55
N ILE A 27 -11.34 21.02 34.60
CA ILE A 27 -10.88 20.83 33.22
C ILE A 27 -9.40 21.15 33.11
N PRO A 28 -8.88 22.28 33.63
CA PRO A 28 -7.42 22.47 33.63
C PRO A 28 -6.68 21.54 34.56
N LEU A 29 -7.39 20.78 35.40
CA LEU A 29 -6.75 19.76 36.23
C LEU A 29 -6.63 18.43 35.49
N VAL A 30 -7.70 18.02 34.80
CA VAL A 30 -7.63 16.82 33.97
C VAL A 30 -6.74 17.06 32.76
N LEU A 31 -6.72 18.28 32.24
CA LEU A 31 -5.82 18.59 31.12
C LEU A 31 -4.37 18.57 31.59
N ALA A 32 -4.10 18.99 32.82
CA ALA A 32 -2.76 18.90 33.38
C ALA A 32 -2.40 17.50 33.84
N ILE A 33 -3.39 16.61 33.93
CA ILE A 33 -3.10 15.19 34.16
C ILE A 33 -2.81 14.48 32.85
N LEU A 34 -3.61 14.74 31.82
CA LEU A 34 -3.38 14.16 30.51
C LEU A 34 -2.12 14.68 29.84
N GLY A 35 -1.54 15.77 30.35
CA GLY A 35 -0.27 16.25 29.86
C GLY A 35 0.86 15.72 30.71
N GLY A 36 0.62 15.62 32.02
CA GLY A 36 1.60 15.07 32.92
C GLY A 36 1.80 13.57 32.77
N VAL A 37 0.84 12.90 32.14
CA VAL A 37 1.04 11.51 31.74
C VAL A 37 1.54 11.42 30.30
N TRP A 38 1.29 12.46 29.49
CA TRP A 38 1.87 12.51 28.15
C TRP A 38 3.37 12.71 28.22
N TRP A 39 3.83 13.68 29.01
CA TRP A 39 5.25 13.91 29.16
C TRP A 39 5.93 12.73 29.83
N LEU A 40 5.29 12.16 30.85
CA LEU A 40 5.91 11.10 31.63
C LEU A 40 6.11 9.84 30.81
N PHE A 41 5.18 9.56 29.89
CA PHE A 41 5.21 8.31 29.13
C PHE A 41 5.44 8.51 27.65
N GLY A 42 5.62 9.74 27.19
CA GLY A 42 5.88 9.97 25.78
C GLY A 42 6.99 10.95 25.52
N TRP A 43 7.47 11.64 26.56
CA TRP A 43 8.48 12.67 26.38
C TRP A 43 9.61 12.61 27.39
N SER A 44 9.44 11.97 28.54
CA SER A 44 10.37 12.13 29.65
C SER A 44 11.67 11.39 29.38
N ASP A 45 12.68 11.72 30.19
CA ASP A 45 13.90 10.96 30.29
C ASP A 45 13.80 9.87 31.36
N TRP A 46 12.59 9.49 31.74
CA TRP A 46 12.39 8.47 32.76
C TRP A 46 11.99 7.13 32.16
N HIS A 47 10.96 7.10 31.32
CA HIS A 47 10.55 5.84 30.70
C HIS A 47 11.65 5.30 29.79
N ARG A 48 12.36 6.18 29.11
CA ARG A 48 13.67 5.85 28.58
C ARG A 48 14.66 5.92 29.73
N ASP A 49 15.47 4.87 29.88
CA ASP A 49 16.31 4.74 31.08
C ASP A 49 17.52 5.66 31.02
N VAL A 50 17.25 6.96 30.96
CA VAL A 50 18.31 7.96 30.94
C VAL A 50 18.89 8.11 32.33
N GLY A 51 20.21 7.97 32.45
CA GLY A 51 20.85 8.05 33.75
C GLY A 51 20.63 6.86 34.65
N VAL A 52 19.97 5.82 34.16
CA VAL A 52 19.71 4.61 34.94
C VAL A 52 20.84 3.63 34.69
N GLU A 53 21.66 3.40 35.70
CA GLU A 53 22.80 2.49 35.60
C GLU A 53 22.28 1.07 35.45
N ILE A 54 22.35 0.53 34.24
CA ILE A 54 21.80 -0.79 33.95
C ILE A 54 22.72 -1.85 34.53
N PRO A 55 22.23 -2.76 35.37
CA PRO A 55 23.11 -3.73 36.01
C PRO A 55 23.64 -4.75 35.02
N GLN A 56 24.96 -4.92 35.03
CA GLN A 56 25.67 -5.84 34.16
C GLN A 56 25.93 -7.14 34.94
N PRO A 57 26.55 -8.16 34.33
CA PRO A 57 27.02 -9.29 35.14
C PRO A 57 27.97 -8.86 36.23
N GLY A 58 28.31 -9.82 37.10
CA GLY A 58 29.14 -9.61 38.27
C GLY A 58 30.36 -8.75 38.03
N GLY A 59 30.73 -7.92 38.98
CA GLY A 59 31.81 -6.97 38.73
C GLY A 59 31.36 -5.72 38.03
N GLY A 60 30.60 -5.86 36.95
CA GLY A 60 29.93 -4.74 36.31
C GLY A 60 30.75 -4.00 35.27
N PHE A 61 32.08 -4.12 35.30
CA PHE A 61 32.97 -3.50 34.33
C PHE A 61 32.81 -1.98 34.30
N ASN A 62 33.34 -1.35 35.34
CA ASN A 62 33.41 0.11 35.34
C ASN A 62 34.33 0.62 34.23
N HIS A 63 33.77 1.45 33.34
CA HIS A 63 34.56 2.07 32.28
C HIS A 63 35.56 3.06 32.86
N GLN A 64 35.19 3.74 33.95
CA GLN A 64 36.03 4.80 34.50
C GLN A 64 37.38 4.26 34.93
N LEU A 65 37.40 3.08 35.54
CA LEU A 65 38.67 2.48 35.94
C LEU A 65 39.49 2.02 34.75
N HIS A 66 38.83 1.56 33.69
CA HIS A 66 39.52 0.95 32.56
C HIS A 66 40.07 1.99 31.59
N VAL A 67 39.28 3.00 31.24
CA VAL A 67 39.78 4.05 30.35
C VAL A 67 40.87 4.87 31.05
N ALA A 68 40.85 4.93 32.38
CA ALA A 68 41.89 5.64 33.11
C ALA A 68 43.26 5.00 32.95
N LEU A 69 43.32 3.73 32.53
CA LEU A 69 44.57 3.07 32.25
C LEU A 69 45.15 3.45 30.89
N GLY A 70 44.57 4.46 30.22
CA GLY A 70 45.03 4.88 28.92
C GLY A 70 44.43 4.14 27.75
N MET A 71 43.36 3.39 27.96
CA MET A 71 42.75 2.61 26.88
C MET A 71 41.99 3.53 25.94
N ASP A 72 42.35 3.51 24.67
CA ASP A 72 41.95 4.54 23.72
C ASP A 72 40.60 4.28 23.09
N CYS A 73 39.74 3.51 23.75
CA CYS A 73 38.35 3.28 23.38
C CYS A 73 38.21 2.44 22.11
N ARG A 74 39.30 2.12 21.45
CA ARG A 74 39.32 1.17 20.34
C ARG A 74 40.07 -0.10 20.68
N TYR A 75 40.69 -0.16 21.85
CA TYR A 75 41.19 -1.42 22.37
C TYR A 75 40.07 -2.44 22.46
N CYS A 76 39.08 -2.15 23.30
CA CYS A 76 37.77 -2.76 23.14
C CYS A 76 36.97 -1.92 22.16
N HIS A 77 35.85 -2.48 21.69
CA HIS A 77 35.05 -1.87 20.63
C HIS A 77 35.89 -1.63 19.37
N THR A 78 36.49 -2.72 18.89
CA THR A 78 37.37 -2.61 17.73
C THR A 78 36.60 -2.34 16.45
N ALA A 79 35.39 -2.88 16.35
CA ALA A 79 34.60 -2.77 15.12
C ALA A 79 34.05 -1.38 14.89
N VAL A 80 34.28 -0.43 15.79
CA VAL A 80 33.90 0.94 15.52
C VAL A 80 34.81 1.48 14.42
N GLU A 81 34.33 2.51 13.72
CA GLU A 81 35.02 3.26 12.67
C GLU A 81 35.36 2.36 11.48
N VAL A 82 34.92 1.10 11.51
CA VAL A 82 35.01 0.22 10.35
C VAL A 82 33.70 -0.47 10.02
N SER A 83 32.78 -0.67 10.97
CA SER A 83 31.58 -1.45 10.74
C SER A 83 30.36 -0.70 11.25
N ALA A 84 29.19 -1.17 10.84
CA ALA A 84 27.94 -0.56 11.25
C ALA A 84 27.64 -0.75 12.72
N HIS A 85 28.22 -1.77 13.34
CA HIS A 85 27.89 -2.14 14.71
C HIS A 85 29.14 -2.02 15.56
N ALA A 86 29.08 -1.11 16.54
CA ALA A 86 30.18 -0.95 17.50
C ALA A 86 30.19 -2.17 18.41
N ASN A 87 31.19 -3.01 18.26
CA ASN A 87 31.16 -4.31 18.90
C ASN A 87 31.47 -4.21 20.38
N ILE A 88 31.06 -5.22 21.12
CA ILE A 88 31.39 -5.38 22.53
C ILE A 88 32.53 -6.38 22.61
N PRO A 89 33.59 -6.10 23.38
CA PRO A 89 34.77 -6.96 23.37
C PRO A 89 34.44 -8.35 23.88
N PRO A 90 35.06 -9.39 23.31
CA PRO A 90 34.80 -10.75 23.77
C PRO A 90 35.45 -11.06 25.11
N THR A 91 35.34 -12.31 25.54
CA THR A 91 36.00 -12.73 26.78
C THR A 91 37.51 -12.69 26.64
N GLU A 92 38.04 -12.97 25.43
CA GLU A 92 39.49 -12.95 25.23
C GLU A 92 40.07 -11.57 25.46
N THR A 93 39.32 -10.51 25.14
CA THR A 93 39.79 -9.17 25.43
C THR A 93 39.87 -8.94 26.93
N CYS A 94 38.77 -9.24 27.64
CA CYS A 94 38.76 -9.06 29.09
C CYS A 94 39.77 -9.99 29.76
N MET A 95 39.93 -11.20 29.24
CA MET A 95 40.96 -12.09 29.74
C MET A 95 42.34 -11.78 29.17
N GLY A 96 42.45 -10.79 28.29
CA GLY A 96 43.76 -10.39 27.82
C GLY A 96 44.62 -9.81 28.92
N CYS A 97 44.00 -9.10 29.85
CA CYS A 97 44.66 -8.61 31.05
C CYS A 97 44.30 -9.43 32.28
N HIS A 98 43.00 -9.68 32.49
CA HIS A 98 42.52 -10.35 33.70
C HIS A 98 42.87 -11.81 33.76
N SER A 99 43.67 -12.36 32.85
CA SER A 99 44.22 -13.69 33.10
C SER A 99 45.21 -13.67 34.26
N GLN A 100 45.79 -12.51 34.55
CA GLN A 100 46.69 -12.38 35.69
C GLN A 100 46.57 -11.05 36.44
N ILE A 101 45.64 -10.17 36.07
CA ILE A 101 45.57 -8.87 36.72
C ILE A 101 44.95 -9.02 38.10
N ILE A 102 43.69 -9.44 38.16
CA ILE A 102 43.02 -9.69 39.43
C ILE A 102 42.36 -11.05 39.42
N SER A 103 42.94 -11.99 38.68
CA SER A 103 42.43 -13.36 38.65
C SER A 103 42.25 -13.91 40.06
N ARG A 104 41.29 -14.83 40.19
CA ARG A 104 40.85 -15.42 41.45
C ARG A 104 40.16 -14.41 42.37
N SER A 105 39.53 -13.39 41.79
CA SER A 105 38.71 -12.44 42.54
C SER A 105 37.26 -12.58 42.14
N GLU A 106 36.35 -12.42 43.11
CA GLU A 106 34.93 -12.58 42.84
C GLU A 106 34.37 -11.46 41.96
N LYS A 107 35.10 -10.35 41.81
CA LYS A 107 34.65 -9.29 40.92
C LYS A 107 34.86 -9.66 39.46
N VAL A 108 35.91 -10.43 39.16
CA VAL A 108 36.28 -10.77 37.80
C VAL A 108 36.15 -12.27 37.54
N ALA A 109 35.56 -13.01 38.47
CA ALA A 109 35.37 -14.44 38.26
C ALA A 109 34.25 -14.76 37.29
N PHE A 110 33.73 -13.76 36.58
CA PHE A 110 32.68 -13.98 35.60
C PHE A 110 33.22 -14.05 34.18
N VAL A 111 34.43 -13.52 33.94
CA VAL A 111 35.07 -13.76 32.65
C VAL A 111 35.80 -15.09 32.68
N TRP A 112 36.28 -15.51 33.86
CA TRP A 112 36.84 -16.85 34.00
C TRP A 112 35.75 -17.90 33.86
N GLN A 113 34.56 -17.61 34.41
CA GLN A 113 33.41 -18.49 34.20
C GLN A 113 33.00 -18.49 32.74
N SER A 114 33.33 -17.43 32.00
CA SER A 114 33.06 -17.36 30.58
C SER A 114 34.22 -17.82 29.71
N TRP A 115 35.41 -17.99 30.29
CA TRP A 115 36.59 -18.44 29.55
C TRP A 115 36.81 -19.94 29.67
N GLU A 116 36.67 -20.49 30.87
CA GLU A 116 36.75 -21.94 31.03
C GLU A 116 35.55 -22.62 30.38
N THR A 117 34.35 -22.24 30.80
CA THR A 117 33.15 -22.65 30.08
C THR A 117 33.08 -21.91 28.75
N GLY A 118 32.52 -22.57 27.75
CA GLY A 118 32.40 -21.95 26.44
C GLY A 118 31.39 -20.83 26.37
N THR A 119 30.64 -20.57 27.44
CA THR A 119 29.60 -19.56 27.40
C THR A 119 30.19 -18.17 27.30
N SER A 120 29.51 -17.31 26.54
CA SER A 120 29.89 -15.91 26.39
C SER A 120 29.11 -15.05 27.37
N ILE A 121 29.68 -13.90 27.70
CA ILE A 121 29.08 -13.03 28.72
C ILE A 121 27.81 -12.40 28.17
N GLN A 122 26.75 -12.41 28.99
CA GLN A 122 25.48 -11.81 28.60
C GLN A 122 25.45 -10.37 29.12
N TRP A 123 26.05 -9.47 28.35
CA TRP A 123 26.07 -8.07 28.72
C TRP A 123 24.70 -7.45 28.53
N ASN A 124 24.23 -6.71 29.54
CA ASN A 124 22.99 -5.98 29.42
C ASN A 124 23.18 -4.75 28.55
N LYS A 125 22.37 -4.61 27.52
CA LYS A 125 22.50 -3.49 26.60
C LYS A 125 21.82 -2.25 27.17
N VAL A 126 22.54 -1.14 27.20
CA VAL A 126 21.99 0.09 27.74
C VAL A 126 21.43 0.97 26.63
N HIS A 127 22.11 1.05 25.49
CA HIS A 127 21.64 1.82 24.34
C HIS A 127 20.87 0.86 23.44
N ASP A 128 19.56 0.82 23.60
CA ASP A 128 18.73 -0.22 23.02
C ASP A 128 17.86 0.37 21.93
N LEU A 129 18.37 0.39 20.70
CA LEU A 129 17.58 0.84 19.56
C LEU A 129 16.63 -0.26 19.10
N PRO A 130 15.52 0.10 18.45
CA PRO A 130 14.42 -0.85 18.27
C PRO A 130 14.55 -1.87 17.15
N LYS A 131 15.74 -2.09 16.61
CA LYS A 131 16.04 -3.13 15.63
C LYS A 131 15.32 -2.93 14.29
N PHE A 132 14.49 -1.91 14.15
CA PHE A 132 14.00 -1.49 12.83
C PHE A 132 14.58 -0.16 12.41
N VAL A 133 15.64 0.29 13.07
CA VAL A 133 16.19 1.60 12.85
C VAL A 133 17.55 1.56 12.13
N TYR A 134 18.34 0.52 12.37
CA TYR A 134 19.58 0.26 11.63
C TYR A 134 20.55 1.43 11.75
N PHE A 135 20.96 1.67 12.99
CA PHE A 135 22.04 2.58 13.25
C PHE A 135 23.32 2.09 12.58
N ASN A 136 24.22 3.03 12.30
CA ASN A 136 25.44 2.70 11.57
C ASN A 136 26.56 3.55 12.14
N HIS A 137 27.38 2.94 13.00
CA HIS A 137 28.66 3.55 13.37
C HIS A 137 29.58 3.55 12.16
N SER A 138 30.78 4.05 12.32
CA SER A 138 31.80 4.14 11.27
C SER A 138 31.41 5.13 10.19
N ILE A 139 30.23 5.73 10.25
CA ILE A 139 29.90 6.90 9.45
C ILE A 139 29.63 8.11 10.31
N HIS A 140 29.29 7.94 11.58
CA HIS A 140 29.36 9.06 12.52
C HIS A 140 30.79 9.26 12.99
N VAL A 141 31.49 8.15 13.26
CA VAL A 141 32.89 8.22 13.66
C VAL A 141 33.78 8.69 12.51
N ALA A 142 33.35 8.46 11.27
CA ALA A 142 34.13 8.90 10.12
C ALA A 142 33.79 10.32 9.69
N LYS A 143 32.57 10.79 9.97
CA LYS A 143 32.17 12.15 9.65
C LYS A 143 32.30 13.09 10.83
N GLY A 144 33.14 12.74 11.81
CA GLY A 144 33.47 13.65 12.88
C GLY A 144 32.40 13.81 13.94
N VAL A 145 31.76 12.73 14.33
CA VAL A 145 30.78 12.74 15.41
C VAL A 145 31.36 11.89 16.53
N GLY A 146 31.98 12.54 17.50
CA GLY A 146 32.76 11.84 18.51
C GLY A 146 31.90 10.96 19.39
N CYS A 147 32.59 10.12 20.16
CA CYS A 147 31.91 9.12 20.98
C CYS A 147 31.01 9.73 22.04
N SER A 148 31.21 11.00 22.38
CA SER A 148 30.29 11.72 23.24
C SER A 148 29.10 12.17 22.41
N THR A 149 28.24 13.01 22.99
CA THR A 149 27.09 13.62 22.33
C THR A 149 26.04 12.59 21.91
N CYS A 150 26.37 11.32 22.07
CA CYS A 150 25.46 10.18 21.93
C CYS A 150 25.55 9.23 23.10
N HIS A 151 26.75 9.04 23.65
CA HIS A 151 26.97 8.17 24.79
C HIS A 151 27.30 8.91 26.07
N GLY A 152 27.56 10.21 25.99
CA GLY A 152 27.92 10.95 27.18
C GLY A 152 29.33 10.61 27.63
N ARG A 153 29.71 11.19 28.77
CA ARG A 153 31.04 10.98 29.32
C ARG A 153 31.17 9.57 29.85
N ILE A 154 31.66 8.65 29.02
CA ILE A 154 31.87 7.27 29.46
C ILE A 154 33.05 7.18 30.41
N ASP A 155 33.96 8.17 30.39
CA ASP A 155 35.10 8.16 31.29
C ASP A 155 34.70 8.34 32.74
N GLN A 156 33.49 8.86 33.00
CA GLN A 156 33.02 9.03 34.36
C GLN A 156 31.80 8.15 34.61
N MET A 157 31.86 6.91 34.15
CA MET A 157 30.72 5.99 34.23
C MET A 157 31.18 4.65 34.79
N ARG A 158 30.98 4.46 36.10
CA ARG A 158 31.22 3.15 36.68
C ARG A 158 30.25 2.12 36.15
N VAL A 159 29.05 2.54 35.76
CA VAL A 159 28.09 1.68 35.09
C VAL A 159 27.51 2.47 33.94
N VAL A 160 27.52 1.89 32.73
CA VAL A 160 27.08 2.62 31.56
C VAL A 160 25.58 2.84 31.64
N TYR A 161 25.16 4.09 31.50
CA TYR A 161 23.75 4.44 31.45
C TYR A 161 23.48 5.25 30.20
N LYS A 162 22.22 5.25 29.77
CA LYS A 162 21.81 6.11 28.67
C LYS A 162 21.91 7.57 29.10
N THR A 163 22.40 8.42 28.22
CA THR A 163 22.36 9.86 28.43
C THR A 163 21.43 10.57 27.47
N GLN A 164 21.45 10.20 26.20
CA GLN A 164 20.47 10.64 25.24
C GLN A 164 19.44 9.55 25.05
N PRO A 165 18.14 9.85 25.12
CA PRO A 165 17.12 8.81 25.16
C PRO A 165 16.81 8.16 23.82
N LEU A 166 17.53 8.51 22.74
CA LEU A 166 17.33 7.94 21.41
C LEU A 166 15.89 8.11 20.95
N PHE A 167 15.49 9.38 20.79
CA PHE A 167 14.10 9.73 20.55
C PHE A 167 13.67 9.67 19.09
N MET A 168 14.60 9.85 18.15
CA MET A 168 14.42 10.18 16.73
C MET A 168 14.06 11.65 16.56
N SER A 169 13.70 12.36 17.63
CA SER A 169 13.75 13.82 17.56
C SER A 169 15.14 14.31 17.94
N TRP A 170 16.00 13.42 18.40
CA TRP A 170 17.40 13.67 18.69
C TRP A 170 18.32 13.19 17.59
N CYS A 171 17.98 12.08 16.93
CA CYS A 171 18.75 11.64 15.78
C CYS A 171 18.51 12.55 14.59
N LEU A 172 17.26 12.96 14.38
CA LEU A 172 16.97 13.91 13.32
C LEU A 172 17.48 15.30 13.65
N ASP A 173 17.69 15.60 14.94
CA ASP A 173 18.14 16.93 15.32
C ASP A 173 19.55 17.21 14.83
N CYS A 174 20.41 16.19 14.80
CA CYS A 174 21.73 16.36 14.23
C CYS A 174 21.77 15.98 12.75
N HIS A 175 20.82 15.20 12.26
CA HIS A 175 20.77 14.97 10.83
C HIS A 175 20.23 16.19 10.10
N ARG A 176 19.26 16.88 10.70
CA ARG A 176 18.77 18.13 10.14
C ARG A 176 19.76 19.28 10.34
N ASN A 177 20.68 19.15 11.31
CA ASN A 177 21.62 20.21 11.62
C ASN A 177 22.89 19.63 12.21
N PRO A 178 23.78 19.06 11.40
CA PRO A 178 25.00 18.44 11.95
C PRO A 178 26.00 19.44 12.48
N GLU A 179 25.94 20.70 12.06
CA GLU A 179 26.95 21.67 12.47
C GLU A 179 26.94 21.95 13.96
N LYS A 180 25.85 21.62 14.65
CA LYS A 180 25.77 21.87 16.08
C LYS A 180 26.52 20.83 16.90
N TYR A 181 26.91 19.71 16.30
CA TYR A 181 27.58 18.66 17.04
C TYR A 181 28.79 18.05 16.34
N VAL A 182 28.99 18.29 15.04
CA VAL A 182 30.09 17.68 14.32
C VAL A 182 31.41 18.28 14.81
N ARG A 183 32.32 17.42 15.24
CA ARG A 183 33.62 17.76 15.76
C ARG A 183 34.71 17.30 14.81
N PRO A 184 35.96 17.73 15.00
CA PRO A 184 37.06 17.24 14.15
C PRO A 184 37.18 15.73 14.17
N ARG A 185 37.63 15.17 13.04
CA ARG A 185 37.77 13.73 12.92
C ARG A 185 38.81 13.18 13.88
N GLU A 186 39.87 13.94 14.14
CA GLU A 186 40.93 13.43 15.00
C GLU A 186 40.49 13.39 16.46
N GLU A 187 39.70 14.37 16.89
CA GLU A 187 39.23 14.41 18.27
C GLU A 187 37.85 13.76 18.41
N VAL A 188 37.70 12.57 17.86
CA VAL A 188 36.48 11.78 18.01
C VAL A 188 36.54 10.91 19.25
N PHE A 189 37.66 10.24 19.46
CA PHE A 189 37.88 9.41 20.64
C PHE A 189 38.48 10.18 21.79
N ASN A 190 38.31 11.50 21.81
CA ASN A 190 38.75 12.37 22.89
C ASN A 190 37.49 12.75 23.66
N MET A 191 37.20 12.00 24.73
CA MET A 191 35.96 12.19 25.47
C MET A 191 35.92 13.50 26.23
N ALA A 192 37.08 14.12 26.49
CA ALA A 192 37.13 15.40 27.16
C ALA A 192 36.78 16.57 26.24
N TRP A 193 36.21 16.29 25.08
CA TRP A 193 35.92 17.31 24.08
C TRP A 193 34.63 18.05 24.46
N THR A 194 34.79 19.29 24.90
CA THR A 194 33.65 20.19 25.07
C THR A 194 33.52 21.04 23.81
N PRO A 195 32.32 21.17 23.25
CA PRO A 195 32.15 21.98 22.04
C PRO A 195 32.60 23.42 22.28
N PRO A 196 33.29 24.01 21.31
CA PRO A 196 33.79 25.38 21.48
C PRO A 196 32.64 26.36 21.65
N PRO A 197 32.91 27.57 22.15
CA PRO A 197 31.84 28.58 22.22
C PRO A 197 31.21 28.87 20.88
N ASN A 198 32.01 28.88 19.82
CA ASN A 198 31.50 28.97 18.45
C ASN A 198 31.46 27.57 17.82
N GLN A 199 30.54 26.74 18.32
CA GLN A 199 30.38 25.41 17.75
C GLN A 199 29.85 25.51 16.33
N LEU A 200 28.80 26.30 16.12
CA LEU A 200 28.44 26.72 14.77
C LEU A 200 29.54 27.64 14.26
N GLU A 201 29.63 27.73 12.93
CA GLU A 201 30.66 28.38 12.09
C GLU A 201 32.03 27.73 12.30
N VAL A 202 32.16 26.76 13.20
CA VAL A 202 33.24 25.80 13.19
C VAL A 202 32.73 24.40 12.80
N GLY A 203 31.61 23.99 13.39
CA GLY A 203 30.92 22.82 12.89
C GLY A 203 30.30 23.04 11.53
N ARG A 204 29.91 24.28 11.22
CA ARG A 204 29.48 24.61 9.87
C ARG A 204 30.64 24.43 8.90
N ARG A 205 31.85 24.74 9.33
CA ARG A 205 33.02 24.60 8.48
C ARG A 205 33.44 23.15 8.34
N LEU A 206 33.15 22.32 9.34
CA LEU A 206 33.48 20.90 9.25
C LEU A 206 32.49 20.15 8.38
N VAL A 207 31.31 20.72 8.14
CA VAL A 207 30.33 20.06 7.28
C VAL A 207 30.83 20.05 5.84
N GLN A 208 31.33 21.18 5.34
CA GLN A 208 31.88 21.17 3.98
C GLN A 208 33.18 20.40 3.92
N GLU A 209 33.96 20.41 5.01
CA GLU A 209 35.21 19.66 5.01
C GLU A 209 34.97 18.17 4.96
N TYR A 210 33.88 17.69 5.56
CA TYR A 210 33.51 16.29 5.54
C TYR A 210 32.49 15.96 4.48
N GLU A 211 31.97 16.96 3.77
CA GLU A 211 30.94 16.79 2.76
C GLU A 211 29.73 16.08 3.33
N ILE A 212 29.41 16.38 4.59
CA ILE A 212 28.24 15.81 5.24
C ILE A 212 26.99 16.29 4.51
N ARG A 213 26.12 15.35 4.14
CA ARG A 213 25.01 15.65 3.27
C ARG A 213 23.99 16.55 3.96
N SER A 214 23.07 17.08 3.17
CA SER A 214 22.16 18.10 3.65
C SER A 214 21.06 17.48 4.52
N SER A 215 20.27 18.36 5.14
CA SER A 215 19.14 17.92 5.94
C SER A 215 18.05 17.27 5.13
N TRP A 216 18.08 17.41 3.81
CA TRP A 216 17.09 16.80 2.94
C TRP A 216 17.46 15.38 2.54
N GLU A 217 18.76 15.08 2.45
CA GLU A 217 19.22 13.75 2.10
C GLU A 217 19.45 12.86 3.30
N LEU A 218 19.47 13.43 4.51
CA LEU A 218 19.87 12.70 5.71
C LEU A 218 18.70 12.36 6.62
N THR A 219 17.50 12.81 6.31
CA THR A 219 16.32 12.61 7.15
C THR A 219 15.17 12.07 6.33
N ASN A 220 15.42 11.06 5.50
CA ASN A 220 14.44 10.64 4.51
C ASN A 220 14.19 9.14 4.56
N CYS A 221 14.01 8.60 5.76
CA CYS A 221 13.35 7.31 5.99
C CYS A 221 14.18 6.11 5.56
N ALA A 222 15.30 6.34 4.88
CA ALA A 222 16.15 5.27 4.40
C ALA A 222 17.53 5.30 5.02
N ILE A 223 17.97 6.47 5.50
CA ILE A 223 19.15 6.54 6.34
C ILE A 223 18.99 5.57 7.50
N CYS A 224 18.00 5.84 8.34
CA CYS A 224 17.54 4.85 9.30
C CYS A 224 16.40 4.07 8.66
N HIS A 225 15.92 3.04 9.37
CA HIS A 225 14.73 2.29 8.98
C HIS A 225 14.87 1.65 7.58
N ARG A 226 16.01 1.02 7.36
CA ARG A 226 16.24 0.33 6.07
C ARG A 226 15.56 -1.03 6.07
N CYS B 1 -0.67 -9.60 19.67
CA CYS B 1 -0.59 -8.25 20.18
C CYS B 1 0.39 -8.16 21.35
N GLN B 2 1.58 -7.63 21.08
CA GLN B 2 2.59 -7.40 22.10
C GLN B 2 2.54 -5.95 22.55
N PHE B 3 2.68 -5.74 23.86
CA PHE B 3 2.66 -4.40 24.42
C PHE B 3 3.49 -4.40 25.70
N ALA B 4 4.22 -3.31 25.92
CA ALA B 4 5.03 -3.16 27.12
C ALA B 4 5.42 -1.71 27.26
N LEU B 5 5.56 -1.26 28.51
CA LEU B 5 6.00 0.12 28.74
C LEU B 5 7.44 0.32 28.30
N LYS B 6 8.23 -0.75 28.34
CA LYS B 6 9.63 -0.73 27.90
C LYS B 6 9.93 -2.04 27.20
N GLN B 7 10.69 -1.98 26.12
CA GLN B 7 11.13 -3.20 25.47
C GLN B 7 12.04 -3.98 26.40
N PRO B 8 12.04 -5.32 26.32
CA PRO B 8 12.80 -6.12 27.28
C PRO B 8 14.28 -5.83 27.22
N GLN B 9 14.99 -6.30 28.25
CA GLN B 9 16.43 -6.04 28.38
C GLN B 9 17.15 -6.92 27.35
N GLU B 10 17.28 -6.38 26.14
CA GLU B 10 18.01 -7.08 25.09
C GLU B 10 19.46 -7.24 25.50
N LYS B 11 19.97 -8.45 25.38
CA LYS B 11 21.34 -8.75 25.78
C LYS B 11 22.28 -8.59 24.60
N ILE B 12 23.54 -8.26 24.91
CA ILE B 12 24.60 -8.18 23.92
C ILE B 12 25.66 -9.19 24.34
N VAL B 13 25.64 -10.35 23.72
CA VAL B 13 26.67 -11.36 23.95
C VAL B 13 27.77 -11.15 22.92
N PRO B 14 29.00 -10.94 23.34
CA PRO B 14 30.12 -10.96 22.39
C PRO B 14 30.56 -12.38 22.15
N TYR B 15 31.66 -12.56 21.43
CA TYR B 15 32.26 -13.88 21.33
C TYR B 15 32.88 -14.27 22.67
N VAL B 16 33.28 -15.53 22.77
CA VAL B 16 34.20 -15.96 23.81
C VAL B 16 35.64 -15.89 23.32
N ARG B 17 35.85 -16.04 22.01
CA ARG B 17 37.17 -15.89 21.40
C ARG B 17 36.90 -15.46 19.96
N GLN B 18 36.96 -14.17 19.71
CA GLN B 18 36.53 -13.65 18.42
C GLN B 18 37.50 -14.06 17.33
N PRO B 19 37.02 -14.61 16.22
CA PRO B 19 37.94 -15.01 15.15
C PRO B 19 38.57 -13.82 14.48
N GLU B 20 39.77 -14.03 13.93
CA GLU B 20 40.51 -12.96 13.28
C GLU B 20 39.86 -12.46 12.00
N GLU B 21 38.73 -13.04 11.58
CA GLU B 21 38.07 -12.67 10.35
C GLU B 21 36.69 -12.05 10.56
N ILE B 22 36.07 -12.24 11.71
CA ILE B 22 34.70 -11.80 11.95
C ILE B 22 34.74 -10.36 12.47
N ILE B 23 34.33 -9.42 11.63
CA ILE B 23 34.02 -8.07 12.05
C ILE B 23 32.51 -7.96 12.18
N HIS B 24 32.04 -7.64 13.38
CA HIS B 24 30.61 -7.66 13.66
C HIS B 24 29.89 -6.59 12.85
N GLY B 25 28.93 -7.01 12.04
CA GLY B 25 28.21 -6.13 11.16
C GLY B 25 28.68 -6.11 9.73
N ARG B 26 29.29 -7.20 9.25
CA ARG B 26 29.83 -7.24 7.90
C ARG B 26 29.64 -8.63 7.30
N PRO B 27 29.32 -8.72 6.01
CA PRO B 27 28.83 -9.98 5.43
C PRO B 27 29.81 -11.13 5.44
N LEU B 28 31.05 -10.94 5.00
CA LEU B 28 32.08 -11.99 4.97
C LEU B 28 31.61 -13.18 4.12
N PHE B 29 31.47 -12.93 2.82
CA PHE B 29 31.05 -13.97 1.89
C PHE B 29 32.06 -15.12 1.86
N PHE B 30 31.54 -16.34 1.73
CA PHE B 30 32.34 -17.54 1.60
C PHE B 30 32.28 -18.05 0.16
N ALA B 31 32.86 -19.22 -0.08
CA ALA B 31 32.92 -19.79 -1.43
C ALA B 31 32.72 -21.30 -1.33
N THR B 32 31.47 -21.74 -1.50
CA THR B 32 31.12 -23.15 -1.42
C THR B 32 30.37 -23.56 -2.67
N ALA B 33 29.80 -24.77 -2.67
CA ALA B 33 29.01 -25.23 -3.81
C ALA B 33 27.97 -26.22 -3.32
N VAL B 34 27.02 -26.55 -4.19
CA VAL B 34 25.87 -27.36 -3.83
C VAL B 34 25.72 -28.49 -4.85
N THR B 35 25.63 -29.73 -4.36
CA THR B 35 25.32 -30.87 -5.20
C THR B 35 23.84 -30.79 -5.57
N PHE B 36 23.54 -30.34 -6.80
CA PHE B 36 22.16 -30.42 -7.25
C PHE B 36 21.84 -31.82 -7.76
N ALA B 37 22.51 -32.25 -8.81
CA ALA B 37 22.37 -33.59 -9.36
C ALA B 37 23.69 -34.33 -9.29
N GLY B 38 24.45 -34.07 -8.23
CA GLY B 38 25.82 -34.55 -8.14
C GLY B 38 26.79 -33.52 -8.66
N PHE B 39 26.33 -32.71 -9.61
CA PHE B 39 27.16 -31.65 -10.16
C PHE B 39 27.05 -30.40 -9.30
N GLY B 40 28.14 -29.63 -9.27
CA GLY B 40 28.19 -28.45 -8.45
C GLY B 40 27.64 -27.22 -9.14
N VAL B 41 27.29 -26.23 -8.32
CA VAL B 41 26.80 -24.94 -8.82
C VAL B 41 27.71 -23.79 -8.41
N GLY B 42 28.60 -23.97 -7.45
CA GLY B 42 29.59 -22.95 -7.18
C GLY B 42 29.02 -21.70 -6.53
N LEU B 43 28.67 -21.81 -5.25
CA LEU B 43 28.01 -20.73 -4.56
C LEU B 43 29.00 -19.77 -3.93
N LEU B 44 28.46 -18.70 -3.36
CA LEU B 44 29.23 -17.68 -2.65
C LEU B 44 28.27 -17.10 -1.62
N VAL B 45 28.32 -17.63 -0.40
CA VAL B 45 27.25 -17.49 0.57
C VAL B 45 27.64 -16.46 1.62
N GLU B 46 26.65 -15.69 2.08
CA GLU B 46 26.84 -14.59 3.01
C GLU B 46 26.89 -15.14 4.43
N SER B 47 28.09 -15.16 5.02
CA SER B 47 28.32 -15.73 6.34
C SER B 47 28.50 -14.61 7.35
N HIS B 48 27.39 -14.13 7.91
CA HIS B 48 27.42 -12.92 8.72
C HIS B 48 28.35 -13.05 9.91
N GLU B 49 28.02 -13.94 10.84
CA GLU B 49 28.94 -14.27 11.93
C GLU B 49 28.86 -15.77 12.15
N GLY B 50 29.68 -16.52 11.43
CA GLY B 50 29.63 -17.95 11.50
C GLY B 50 28.48 -18.57 10.72
N ARG B 51 27.30 -17.95 10.79
CA ARG B 51 26.14 -18.58 10.18
C ARG B 51 25.92 -18.04 8.77
N PRO B 52 25.46 -18.88 7.85
CA PRO B 52 25.08 -18.39 6.52
C PRO B 52 23.74 -17.67 6.56
N THR B 53 23.61 -16.69 5.69
CA THR B 53 22.36 -15.93 5.63
C THR B 53 21.78 -15.85 4.22
N LYS B 54 22.62 -15.68 3.21
CA LYS B 54 22.14 -15.48 1.85
C LYS B 54 23.08 -16.17 0.88
N ILE B 55 22.52 -16.92 -0.06
CA ILE B 55 23.28 -17.71 -1.03
C ILE B 55 23.39 -16.92 -2.32
N GLU B 56 24.61 -16.76 -2.80
CA GLU B 56 24.86 -16.04 -4.05
C GLU B 56 25.78 -16.87 -4.94
N GLY B 57 25.77 -16.55 -6.22
CA GLY B 57 26.61 -17.26 -7.17
C GLY B 57 28.05 -16.79 -7.14
N ASN B 58 28.96 -17.73 -7.34
CA ASN B 58 30.39 -17.42 -7.38
C ASN B 58 30.75 -17.00 -8.79
N PRO B 59 31.06 -15.72 -9.04
CA PRO B 59 31.28 -15.27 -10.42
C PRO B 59 32.44 -15.95 -11.13
N ASP B 60 33.28 -16.70 -10.42
CA ASP B 60 34.36 -17.46 -11.03
C ASP B 60 33.93 -18.87 -11.40
N HIS B 61 32.68 -19.25 -11.12
CA HIS B 61 32.33 -20.63 -11.37
C HIS B 61 31.63 -20.79 -12.72
N PRO B 62 31.96 -21.86 -13.45
CA PRO B 62 31.33 -22.05 -14.76
C PRO B 62 29.87 -22.44 -14.69
N ALA B 63 29.46 -23.20 -13.67
CA ALA B 63 28.06 -23.61 -13.60
C ALA B 63 27.14 -22.49 -13.16
N SER B 64 27.70 -21.42 -12.58
CA SER B 64 26.89 -20.26 -12.19
C SER B 64 27.82 -19.05 -12.23
N LEU B 65 27.71 -18.25 -13.30
CA LEU B 65 28.58 -17.09 -13.48
C LEU B 65 28.08 -15.90 -12.67
N GLY B 66 28.02 -16.09 -11.36
CA GLY B 66 27.60 -15.05 -10.45
C GLY B 66 26.13 -15.05 -10.11
N SER B 67 25.33 -15.89 -10.76
CA SER B 67 23.89 -15.94 -10.54
C SER B 67 23.48 -17.37 -10.21
N THR B 68 22.51 -17.51 -9.33
CA THR B 68 22.12 -18.82 -8.83
C THR B 68 20.82 -19.29 -9.48
N ASP B 69 20.37 -20.46 -9.04
CA ASP B 69 19.19 -21.11 -9.55
C ASP B 69 17.98 -20.72 -8.71
N LEU B 70 16.86 -21.40 -8.90
CA LEU B 70 15.69 -21.24 -8.05
C LEU B 70 15.76 -22.13 -6.82
N ILE B 71 16.05 -23.43 -7.03
CA ILE B 71 16.29 -24.33 -5.90
C ILE B 71 17.52 -23.90 -5.13
N THR B 72 18.58 -23.52 -5.84
CA THR B 72 19.84 -23.21 -5.19
C THR B 72 19.72 -21.98 -4.31
N GLN B 73 18.82 -21.07 -4.66
CA GLN B 73 18.64 -19.85 -3.88
C GLN B 73 17.91 -20.15 -2.56
N ALA B 74 16.86 -20.95 -2.62
CA ALA B 74 16.05 -21.25 -1.46
C ALA B 74 16.61 -22.36 -0.59
N MET B 75 17.82 -22.84 -0.86
CA MET B 75 18.42 -23.87 -0.05
C MET B 75 19.11 -23.32 1.19
N ILE B 76 18.90 -22.04 1.49
CA ILE B 76 19.26 -21.51 2.80
C ILE B 76 18.10 -21.67 3.78
N LEU B 77 16.87 -21.84 3.28
CA LEU B 77 15.77 -22.22 4.15
C LEU B 77 15.79 -23.72 4.43
N THR B 78 16.18 -24.53 3.44
CA THR B 78 16.30 -25.97 3.66
C THR B 78 17.26 -26.28 4.79
N MET B 79 18.30 -25.46 4.96
CA MET B 79 19.19 -25.62 6.10
C MET B 79 18.52 -25.16 7.39
N TYR B 80 18.05 -23.91 7.41
CA TYR B 80 17.37 -23.36 8.58
C TYR B 80 15.90 -23.75 8.58
N ASP B 81 15.69 -25.07 8.50
CA ASP B 81 14.36 -25.65 8.47
C ASP B 81 14.17 -26.40 9.78
N PRO B 82 13.22 -26.00 10.63
CA PRO B 82 13.06 -26.69 11.92
C PRO B 82 12.66 -28.14 11.79
N ASP B 83 12.18 -28.58 10.63
CA ASP B 83 11.87 -29.98 10.41
C ASP B 83 13.08 -30.81 10.02
N ARG B 84 14.26 -30.19 9.91
CA ARG B 84 15.46 -30.96 9.64
C ARG B 84 15.72 -31.95 10.76
N SER B 85 16.33 -33.07 10.42
CA SER B 85 16.61 -34.10 11.42
C SER B 85 17.67 -33.61 12.40
N GLN B 86 17.42 -33.83 13.68
CA GLN B 86 18.27 -33.30 14.73
C GLN B 86 19.03 -34.38 15.51
N ALA B 87 18.67 -35.64 15.32
CA ALA B 87 19.39 -36.74 15.95
C ALA B 87 19.09 -38.02 15.20
N PRO B 88 19.99 -38.99 15.21
CA PRO B 88 19.72 -40.26 14.53
C PRO B 88 18.62 -41.04 15.21
N THR B 89 17.89 -41.82 14.42
CA THR B 89 16.80 -42.65 14.91
C THR B 89 17.11 -44.11 14.63
N ASN B 90 17.17 -44.91 15.70
CA ASN B 90 17.31 -46.35 15.59
C ASN B 90 15.92 -46.99 15.64
N ALA B 91 15.45 -47.49 14.49
CA ALA B 91 14.13 -48.11 14.37
C ALA B 91 13.02 -47.17 14.82
N GLY B 92 13.10 -45.91 14.43
CA GLY B 92 12.15 -44.90 14.84
C GLY B 92 12.47 -44.24 16.17
N GLN B 93 13.07 -44.95 17.11
CA GLN B 93 13.43 -44.40 18.40
C GLN B 93 14.69 -43.55 18.27
N GLU B 94 14.60 -42.30 18.72
CA GLU B 94 15.73 -41.37 18.62
C GLU B 94 16.91 -41.89 19.43
N THR B 95 18.10 -41.77 18.86
CA THR B 95 19.30 -42.34 19.45
C THR B 95 20.49 -41.42 19.17
N THR B 96 21.62 -41.76 19.75
CA THR B 96 22.82 -40.95 19.60
C THR B 96 23.62 -41.38 18.38
N TRP B 97 24.58 -40.53 17.99
CA TRP B 97 25.44 -40.85 16.86
C TRP B 97 26.40 -41.98 17.19
N ASP B 98 27.06 -41.92 18.34
CA ASP B 98 28.02 -42.94 18.73
C ASP B 98 27.38 -44.30 18.99
N ALA B 99 26.05 -44.36 19.06
CA ALA B 99 25.37 -45.66 19.08
C ALA B 99 25.23 -46.22 17.68
N PHE B 100 25.24 -45.37 16.66
CA PHE B 100 25.20 -45.86 15.29
C PHE B 100 26.53 -46.48 14.90
N VAL B 101 27.63 -45.81 15.22
CA VAL B 101 28.96 -46.34 14.93
C VAL B 101 29.18 -47.67 15.63
N ALA B 102 28.55 -47.87 16.79
CA ALA B 102 28.65 -49.16 17.47
C ALA B 102 27.95 -50.25 16.67
N ALA B 103 26.81 -49.92 16.06
CA ALA B 103 26.05 -50.90 15.29
C ALA B 103 26.30 -50.82 13.79
N ALA B 104 27.11 -49.86 13.33
CA ALA B 104 27.51 -49.85 11.93
C ALA B 104 28.85 -50.55 11.74
N THR B 105 29.81 -50.33 12.65
CA THR B 105 31.07 -51.05 12.58
C THR B 105 30.89 -52.51 12.95
N ALA B 106 29.86 -52.84 13.74
CA ALA B 106 29.57 -54.24 14.00
C ALA B 106 28.99 -54.92 12.77
N ALA B 107 28.41 -54.15 11.86
CA ALA B 107 27.91 -54.74 10.61
C ALA B 107 29.01 -54.89 9.58
N MET B 108 30.04 -54.05 9.63
CA MET B 108 31.18 -54.21 8.74
C MET B 108 31.98 -55.45 9.09
N GLN B 109 32.18 -55.71 10.38
CA GLN B 109 32.84 -56.93 10.81
C GLN B 109 31.98 -58.16 10.52
N ALA B 110 30.67 -58.00 10.41
CA ALA B 110 29.79 -59.05 9.92
C ALA B 110 29.71 -59.07 8.41
N GLN B 111 30.17 -58.02 7.73
CA GLN B 111 30.28 -57.98 6.28
C GLN B 111 31.72 -58.14 5.81
N THR B 112 32.59 -58.66 6.68
CA THR B 112 33.98 -58.93 6.33
C THR B 112 34.28 -60.42 6.22
N ALA B 113 33.65 -61.25 7.05
CA ALA B 113 33.73 -62.70 6.86
C ALA B 113 33.24 -63.08 5.47
N LYS B 114 31.99 -62.75 5.17
CA LYS B 114 31.57 -62.68 3.77
C LYS B 114 32.26 -61.49 3.13
N GLN B 115 32.72 -61.68 1.89
CA GLN B 115 33.61 -60.71 1.26
C GLN B 115 32.84 -59.47 0.79
N GLY B 116 32.21 -58.81 1.76
CA GLY B 116 31.39 -57.64 1.49
C GLY B 116 30.28 -57.88 0.50
N ALA B 117 29.46 -58.90 0.74
CA ALA B 117 28.44 -59.30 -0.23
C ALA B 117 27.14 -58.53 -0.08
N GLY B 118 26.81 -58.06 1.12
CA GLY B 118 25.55 -57.40 1.35
C GLY B 118 25.68 -55.96 1.78
N LEU B 119 26.59 -55.21 1.14
CA LEU B 119 26.85 -53.84 1.55
C LEU B 119 26.44 -52.90 0.42
N ARG B 120 25.25 -53.12 -0.13
CA ARG B 120 24.76 -52.26 -1.21
C ARG B 120 24.51 -50.85 -0.70
N VAL B 121 24.74 -49.87 -1.57
CA VAL B 121 24.63 -48.45 -1.23
C VAL B 121 23.81 -47.78 -2.33
N LEU B 122 22.97 -46.81 -1.95
CA LEU B 122 22.04 -46.17 -2.87
C LEU B 122 22.20 -44.65 -2.85
N SER B 123 23.43 -44.17 -3.01
CA SER B 123 23.64 -42.75 -3.21
C SER B 123 23.02 -42.30 -4.53
N GLY B 124 22.79 -41.00 -4.66
CA GLY B 124 22.21 -40.49 -5.88
C GLY B 124 23.17 -39.73 -6.77
N SER B 125 23.66 -40.40 -7.82
CA SER B 125 24.42 -39.82 -8.93
C SER B 125 25.46 -38.79 -8.47
N LEU B 126 26.37 -39.26 -7.62
CA LEU B 126 27.37 -38.37 -7.05
C LEU B 126 28.53 -38.16 -8.01
N THR B 127 29.00 -36.92 -8.10
CA THR B 127 30.20 -36.58 -8.86
C THR B 127 31.32 -36.07 -7.98
N SER B 128 31.14 -36.03 -6.67
CA SER B 128 32.14 -35.50 -5.75
C SER B 128 33.41 -36.32 -5.83
N PRO B 129 34.57 -35.69 -6.12
CA PRO B 129 35.82 -36.46 -6.18
C PRO B 129 36.17 -37.18 -4.89
N THR B 130 35.95 -36.55 -3.73
CA THR B 130 36.28 -37.23 -2.49
C THR B 130 35.25 -38.27 -2.10
N LEU B 131 34.04 -38.18 -2.65
CA LEU B 131 33.05 -39.22 -2.42
C LEU B 131 33.22 -40.38 -3.39
N ILE B 132 33.65 -40.08 -4.62
CA ILE B 132 34.07 -41.13 -5.54
C ILE B 132 35.25 -41.89 -4.98
N ALA B 133 36.25 -41.17 -4.46
CA ALA B 133 37.46 -41.82 -3.96
C ALA B 133 37.18 -42.64 -2.70
N GLN B 134 36.15 -42.28 -1.92
CA GLN B 134 35.76 -43.14 -0.82
C GLN B 134 34.84 -44.26 -1.27
N LYS B 135 34.11 -44.06 -2.37
CA LYS B 135 33.42 -45.18 -2.99
C LYS B 135 34.42 -46.21 -3.50
N GLN B 136 35.60 -45.76 -3.94
CA GLN B 136 36.62 -46.69 -4.41
C GLN B 136 37.21 -47.48 -3.25
N GLN B 137 37.44 -46.83 -2.11
CA GLN B 137 37.95 -47.55 -0.94
C GLN B 137 36.93 -48.52 -0.37
N LEU B 138 35.64 -48.24 -0.57
CA LEU B 138 34.60 -49.12 -0.06
C LEU B 138 34.40 -50.34 -0.95
N LEU B 139 34.68 -50.21 -2.25
CA LEU B 139 34.49 -51.32 -3.18
C LEU B 139 35.72 -52.18 -3.35
N THR B 140 36.84 -51.81 -2.73
CA THR B 140 38.01 -52.69 -2.67
C THR B 140 38.25 -53.26 -1.28
N GLN B 141 37.87 -52.53 -0.23
CA GLN B 141 37.85 -53.12 1.11
C GLN B 141 36.76 -54.17 1.22
N PHE B 142 35.66 -53.98 0.48
CA PHE B 142 34.60 -54.97 0.34
C PHE B 142 34.41 -55.18 -1.16
N PRO B 143 35.08 -56.19 -1.74
CA PRO B 143 35.11 -56.30 -3.20
C PRO B 143 33.76 -56.61 -3.83
N GLN B 144 32.89 -57.34 -3.13
CA GLN B 144 31.60 -57.73 -3.70
C GLN B 144 30.52 -56.69 -3.48
N ALA B 145 30.77 -55.66 -2.67
CA ALA B 145 29.79 -54.62 -2.47
C ALA B 145 29.53 -53.86 -3.75
N LYS B 146 28.32 -53.35 -3.90
CA LYS B 146 27.94 -52.60 -5.08
C LYS B 146 27.35 -51.26 -4.68
N TRP B 147 27.49 -50.29 -5.57
CA TRP B 147 27.11 -48.91 -5.31
C TRP B 147 26.15 -48.47 -6.41
N TYR B 148 24.85 -48.57 -6.14
CA TYR B 148 23.84 -48.24 -7.12
C TYR B 148 23.50 -46.77 -7.02
N GLU B 149 23.65 -46.04 -8.13
CA GLU B 149 23.33 -44.63 -8.19
C GLU B 149 21.93 -44.46 -8.75
N TYR B 150 21.03 -43.86 -7.98
CA TYR B 150 19.66 -43.62 -8.41
C TYR B 150 19.28 -42.18 -8.15
N GLU B 151 19.14 -41.40 -9.21
CA GLU B 151 18.50 -40.11 -9.15
C GLU B 151 17.22 -40.15 -9.96
N PRO B 152 16.09 -39.70 -9.43
CA PRO B 152 14.82 -39.86 -10.15
C PRO B 152 14.73 -39.02 -11.40
N VAL B 153 15.54 -37.97 -11.50
CA VAL B 153 15.49 -37.04 -12.63
C VAL B 153 16.78 -37.06 -13.46
N GLY B 154 17.88 -37.54 -12.89
CA GLY B 154 19.19 -37.46 -13.52
C GLY B 154 19.35 -38.13 -14.87
N ARG B 155 20.56 -38.07 -15.41
CA ARG B 155 20.80 -38.42 -16.80
C ARG B 155 20.66 -39.93 -17.01
N ASP B 156 19.43 -40.44 -16.92
CA ASP B 156 19.21 -41.86 -17.15
C ASP B 156 19.26 -42.18 -18.64
N ASN B 157 18.73 -41.29 -19.47
CA ASN B 157 18.69 -41.53 -20.90
C ASN B 157 19.87 -40.87 -21.62
N ALA B 158 20.19 -39.63 -21.24
CA ALA B 158 21.25 -38.91 -21.92
C ALA B 158 22.61 -39.58 -21.73
N ASN B 159 22.80 -40.26 -20.60
CA ASN B 159 24.02 -41.02 -20.38
C ASN B 159 23.96 -42.42 -20.98
N ALA B 160 22.76 -42.98 -21.12
CA ALA B 160 22.58 -44.24 -21.81
C ALA B 160 22.41 -44.06 -23.31
N GLY B 161 22.16 -42.85 -23.77
CA GLY B 161 22.11 -42.56 -25.19
C GLY B 161 23.45 -42.08 -25.68
N ALA B 162 24.30 -41.62 -24.76
CA ALA B 162 25.65 -41.22 -25.14
C ALA B 162 26.52 -42.43 -25.46
N ARG B 163 26.39 -43.50 -24.67
CA ARG B 163 27.10 -44.73 -24.98
C ARG B 163 26.36 -45.60 -25.98
N LEU B 164 25.10 -45.29 -26.28
CA LEU B 164 24.39 -45.97 -27.35
C LEU B 164 24.78 -45.45 -28.72
N ALA B 165 25.33 -44.24 -28.79
CA ALA B 165 25.76 -43.66 -30.06
C ALA B 165 27.27 -43.58 -30.21
N PHE B 166 28.03 -43.68 -29.13
CA PHE B 166 29.48 -43.52 -29.18
C PHE B 166 30.26 -44.75 -28.73
N GLY B 167 29.60 -45.78 -28.22
CA GLY B 167 30.33 -46.90 -27.66
C GLY B 167 30.52 -46.72 -26.17
N ALA B 168 31.68 -46.20 -25.77
CA ALA B 168 31.89 -45.85 -24.38
C ALA B 168 31.05 -44.64 -24.00
N ASP B 169 31.02 -44.33 -22.71
CA ASP B 169 30.22 -43.22 -22.21
C ASP B 169 30.99 -41.90 -22.34
N VAL B 170 30.26 -40.85 -22.68
CA VAL B 170 30.81 -39.51 -22.80
C VAL B 170 29.92 -38.55 -22.03
N HIS B 171 30.47 -37.38 -21.73
CA HIS B 171 29.76 -36.32 -21.00
C HIS B 171 29.79 -35.08 -21.88
N THR B 172 28.68 -34.81 -22.57
CA THR B 172 28.62 -33.69 -23.49
C THR B 172 28.51 -32.37 -22.74
N ILE B 173 29.18 -31.34 -23.26
CA ILE B 173 29.18 -30.00 -22.68
C ILE B 173 28.73 -29.04 -23.78
N TYR B 174 27.46 -28.68 -23.78
CA TYR B 174 26.95 -27.76 -24.77
C TYR B 174 27.38 -26.33 -24.45
N ARG B 175 27.74 -25.59 -25.48
CA ARG B 175 28.19 -24.21 -25.34
C ARG B 175 27.33 -23.31 -26.21
N LEU B 176 26.73 -22.30 -25.61
CA LEU B 176 25.84 -21.40 -26.33
C LEU B 176 26.46 -20.01 -26.53
N ASP B 177 27.76 -19.86 -26.30
CA ASP B 177 28.43 -18.63 -26.70
C ASP B 177 28.39 -18.47 -28.21
N THR B 178 28.67 -19.54 -28.94
CA THR B 178 28.59 -19.57 -30.39
C THR B 178 27.51 -20.56 -30.80
N ALA B 179 26.27 -20.09 -30.81
CA ALA B 179 25.13 -20.91 -31.21
C ALA B 179 24.05 -19.97 -31.71
N LYS B 180 23.96 -19.81 -33.04
CA LYS B 180 22.97 -18.92 -33.60
C LYS B 180 21.61 -19.58 -33.72
N VAL B 181 21.57 -20.89 -33.91
CA VAL B 181 20.34 -21.65 -34.06
C VAL B 181 20.38 -22.83 -33.11
N ILE B 182 19.54 -22.79 -32.08
CA ILE B 182 19.38 -23.91 -31.15
C ILE B 182 18.09 -24.62 -31.49
N VAL B 183 18.15 -25.94 -31.59
CA VAL B 183 16.96 -26.77 -31.81
C VAL B 183 16.99 -27.84 -30.72
N GLY B 184 16.37 -27.55 -29.57
CA GLY B 184 16.41 -28.50 -28.49
C GLY B 184 15.12 -29.23 -28.23
N PHE B 185 15.03 -30.48 -28.70
CA PHE B 185 13.81 -31.28 -28.58
C PHE B 185 13.57 -31.64 -27.13
N ASP B 186 12.50 -31.07 -26.55
CA ASP B 186 12.13 -31.33 -25.12
C ASP B 186 13.27 -30.86 -24.22
N ALA B 187 14.14 -29.98 -24.70
CA ALA B 187 15.32 -29.59 -23.93
C ALA B 187 14.94 -28.49 -22.95
N ASP B 188 14.81 -28.90 -21.68
CA ASP B 188 14.63 -27.85 -20.63
C ASP B 188 16.04 -27.60 -20.10
N PHE B 189 16.88 -26.90 -20.87
CA PHE B 189 18.27 -26.67 -20.49
C PHE B 189 18.46 -25.38 -19.71
N THR B 190 17.53 -24.42 -19.85
CA THR B 190 17.50 -23.27 -18.94
C THR B 190 16.63 -23.59 -17.73
N ALA B 191 16.90 -24.72 -17.13
CA ALA B 191 16.06 -25.33 -16.11
C ALA B 191 16.91 -25.53 -14.86
N PRO B 192 16.37 -26.07 -13.77
CA PRO B 192 17.22 -26.38 -12.61
C PRO B 192 18.31 -27.43 -12.86
N SER B 193 18.46 -27.89 -14.09
CA SER B 193 19.53 -28.79 -14.52
C SER B 193 20.91 -28.26 -14.09
N PRO B 194 21.92 -29.13 -13.98
CA PRO B 194 23.23 -28.66 -13.50
C PRO B 194 23.84 -27.54 -14.33
N THR B 195 23.61 -27.54 -15.64
CA THR B 195 24.07 -26.47 -16.52
C THR B 195 23.00 -25.43 -16.78
N GLY B 196 22.01 -25.34 -15.91
CA GLY B 196 20.86 -24.48 -16.19
C GLY B 196 21.20 -23.00 -16.15
N VAL B 197 22.07 -22.60 -15.21
CA VAL B 197 22.39 -21.20 -15.08
C VAL B 197 23.27 -20.73 -16.24
N ARG B 198 24.27 -21.53 -16.61
CA ARG B 198 25.14 -21.13 -17.70
C ARG B 198 24.40 -21.19 -19.04
N MET B 199 23.61 -22.24 -19.26
CA MET B 199 22.85 -22.31 -20.51
C MET B 199 21.70 -21.32 -20.55
N ALA B 200 21.41 -20.63 -19.44
CA ALA B 200 20.47 -19.52 -19.49
C ALA B 200 21.18 -18.21 -19.78
N ARG B 201 22.40 -18.03 -19.27
CA ARG B 201 23.14 -16.82 -19.56
C ARG B 201 23.75 -16.85 -20.95
N GLN B 202 24.34 -17.99 -21.34
CA GLN B 202 24.93 -18.10 -22.66
C GLN B 202 23.87 -18.02 -23.76
N LEU B 203 22.64 -18.41 -23.45
CA LEU B 203 21.54 -18.23 -24.39
C LEU B 203 21.02 -16.80 -24.37
N ALA B 204 21.01 -16.18 -23.18
CA ALA B 204 20.59 -14.78 -23.10
C ALA B 204 21.65 -13.86 -23.68
N ASP B 205 22.93 -14.22 -23.54
CA ASP B 205 24.00 -13.39 -24.10
C ASP B 205 23.93 -13.33 -25.62
N GLY B 206 23.21 -14.26 -26.24
CA GLY B 206 23.00 -14.18 -27.68
C GLY B 206 21.85 -13.30 -28.09
N ARG B 207 20.87 -13.09 -27.21
CA ARG B 207 19.72 -12.25 -27.49
C ARG B 207 19.76 -10.95 -26.69
N ARG B 208 20.96 -10.38 -26.53
CA ARG B 208 21.10 -9.05 -25.94
C ARG B 208 20.80 -8.04 -27.03
N ILE B 209 19.55 -7.61 -27.12
CA ILE B 209 19.17 -6.60 -28.11
C ILE B 209 19.67 -5.25 -27.62
N ARG B 210 20.31 -4.50 -28.51
CA ARG B 210 20.90 -3.22 -28.17
C ARG B 210 20.53 -2.23 -29.28
N LYS B 211 21.21 -1.09 -29.31
CA LYS B 211 20.90 -0.05 -30.29
C LYS B 211 21.16 -0.52 -31.71
N GLY B 212 22.08 -1.46 -31.91
CA GLY B 212 22.45 -1.85 -33.25
C GLY B 212 22.62 -3.34 -33.49
N THR B 213 21.84 -4.17 -32.82
CA THR B 213 21.95 -5.62 -32.98
C THR B 213 21.12 -6.10 -34.16
N LYS B 214 21.64 -7.10 -34.87
CA LYS B 214 20.98 -7.66 -36.04
C LYS B 214 20.93 -9.18 -36.05
N GLU B 215 21.66 -9.86 -35.17
CA GLU B 215 21.71 -11.32 -35.15
C GLU B 215 21.46 -11.82 -33.74
N VAL B 216 20.54 -12.77 -33.61
CA VAL B 216 20.04 -13.24 -32.32
C VAL B 216 19.76 -14.73 -32.44
N ASN B 217 19.94 -15.47 -31.35
CA ASN B 217 19.60 -16.88 -31.29
C ASN B 217 18.12 -17.10 -31.63
N ARG B 218 17.79 -18.34 -32.01
CA ARG B 218 16.43 -18.66 -32.40
C ARG B 218 15.74 -19.65 -31.48
N LEU B 219 16.43 -20.70 -31.02
CA LEU B 219 15.90 -21.61 -30.00
C LEU B 219 14.57 -22.22 -30.44
N TYR B 220 14.59 -23.16 -31.37
CA TYR B 220 13.34 -23.89 -31.68
C TYR B 220 13.16 -24.91 -30.57
N LEU B 221 12.07 -24.87 -29.77
CA LEU B 221 12.00 -25.75 -28.55
C LEU B 221 11.27 -27.09 -28.62
N ALA B 222 10.23 -27.31 -29.40
CA ALA B 222 9.64 -28.67 -29.52
C ALA B 222 9.36 -29.34 -28.18
N GLU B 223 8.46 -28.81 -27.34
CA GLU B 223 8.30 -29.44 -26.00
C GLU B 223 6.81 -29.60 -25.67
N SER B 224 6.43 -30.76 -25.11
CA SER B 224 5.01 -31.05 -24.76
C SER B 224 4.53 -30.11 -23.67
N THR B 225 5.34 -29.90 -22.63
CA THR B 225 4.89 -29.08 -21.47
C THR B 225 5.46 -27.66 -21.61
N PRO B 226 4.70 -26.55 -21.48
CA PRO B 226 5.35 -25.26 -21.58
C PRO B 226 6.38 -25.14 -20.44
N SER B 227 7.64 -24.81 -20.77
CA SER B 227 8.71 -24.79 -19.74
C SER B 227 9.47 -23.47 -19.76
N ILE B 228 10.32 -23.23 -18.76
CA ILE B 228 11.12 -22.01 -18.69
C ILE B 228 12.13 -21.88 -19.82
N THR B 229 12.25 -22.88 -20.68
CA THR B 229 12.96 -22.65 -21.92
C THR B 229 12.01 -22.15 -23.01
N GLY B 230 10.72 -22.38 -22.83
CA GLY B 230 9.80 -21.96 -23.90
C GLY B 230 9.58 -20.47 -23.85
N LEU B 231 9.94 -19.82 -22.75
CA LEU B 231 9.84 -18.37 -22.73
C LEU B 231 10.88 -17.75 -23.65
N LEU B 232 12.12 -18.23 -23.58
CA LEU B 232 13.17 -17.78 -24.48
C LEU B 232 13.08 -18.44 -25.85
N ALA B 233 12.24 -19.46 -26.00
CA ALA B 233 12.06 -20.09 -27.30
C ALA B 233 11.30 -19.16 -28.24
N ASP B 234 11.84 -18.98 -29.43
CA ASP B 234 11.23 -18.12 -30.43
C ASP B 234 10.25 -18.86 -31.31
N HIS B 235 10.48 -20.16 -31.54
CA HIS B 235 9.52 -21.05 -32.19
C HIS B 235 9.29 -22.24 -31.27
N ARG B 236 8.40 -22.13 -30.29
CA ARG B 236 8.11 -23.34 -29.48
C ARG B 236 7.00 -24.09 -30.18
N LEU B 237 7.07 -25.41 -30.16
CA LEU B 237 6.05 -26.25 -30.83
C LEU B 237 5.45 -27.21 -29.79
N PRO B 238 4.16 -27.14 -29.42
CA PRO B 238 3.55 -28.15 -28.54
C PRO B 238 3.44 -29.50 -29.22
N VAL B 239 4.28 -30.45 -28.82
CA VAL B 239 4.32 -31.78 -29.40
C VAL B 239 3.79 -32.77 -28.37
N ARG B 240 3.33 -33.92 -28.85
CA ARG B 240 2.72 -34.90 -27.95
C ARG B 240 3.71 -35.53 -26.99
N SER B 241 5.02 -35.36 -27.21
CA SER B 241 6.13 -36.01 -26.50
C SER B 241 6.27 -37.48 -26.87
N SER B 242 5.31 -37.99 -27.63
CA SER B 242 5.50 -39.26 -28.32
C SER B 242 5.84 -39.05 -29.78
N GLN B 243 5.72 -37.83 -30.29
CA GLN B 243 6.18 -37.51 -31.62
C GLN B 243 7.61 -36.98 -31.63
N ILE B 244 8.08 -36.51 -30.48
CA ILE B 244 9.47 -35.99 -30.38
C ILE B 244 10.40 -37.11 -30.78
N GLU B 245 10.13 -38.32 -30.32
CA GLU B 245 11.02 -39.44 -30.57
C GLU B 245 11.12 -39.76 -32.07
N HIS B 246 10.16 -39.28 -32.86
CA HIS B 246 10.29 -39.31 -34.32
C HIS B 246 10.07 -37.95 -34.95
N LEU B 247 10.17 -36.87 -34.16
CA LEU B 247 10.35 -35.53 -34.70
C LEU B 247 11.83 -35.22 -34.89
N VAL B 248 12.70 -35.86 -34.11
CA VAL B 248 14.13 -35.76 -34.34
C VAL B 248 14.55 -36.69 -35.47
N ARG B 249 13.86 -37.81 -35.65
CA ARG B 249 14.14 -38.69 -36.77
C ARG B 249 13.83 -38.01 -38.09
N ALA B 250 12.89 -37.06 -38.10
CA ALA B 250 12.62 -36.29 -39.31
C ALA B 250 13.69 -35.24 -39.53
N LEU B 251 14.18 -34.62 -38.45
CA LEU B 251 15.25 -33.64 -38.60
C LEU B 251 16.57 -34.31 -38.92
N ALA B 252 16.76 -35.54 -38.45
CA ALA B 252 17.98 -36.29 -38.77
C ALA B 252 17.91 -36.94 -40.15
N THR B 253 16.84 -36.72 -40.91
CA THR B 253 16.80 -37.11 -42.31
C THR B 253 16.90 -35.93 -43.26
N LEU B 254 16.44 -34.75 -42.83
CA LEU B 254 16.68 -33.54 -43.60
C LEU B 254 18.15 -33.15 -43.54
N VAL B 255 18.68 -33.00 -42.31
CA VAL B 255 20.12 -33.10 -42.14
C VAL B 255 20.53 -34.51 -42.51
N GLY B 256 21.67 -34.64 -43.18
CA GLY B 256 21.97 -35.94 -43.76
C GLY B 256 22.66 -36.89 -42.80
N VAL B 257 21.87 -37.74 -42.15
CA VAL B 257 22.38 -38.78 -41.27
C VAL B 257 21.98 -40.11 -41.89
N PRO B 258 22.92 -41.04 -42.11
CA PRO B 258 22.69 -42.13 -43.07
C PRO B 258 21.49 -43.05 -42.82
N ASN B 259 21.38 -43.63 -41.63
CA ASN B 259 20.47 -44.75 -41.41
C ASN B 259 19.51 -44.45 -40.26
N VAL B 260 18.85 -43.29 -40.31
CA VAL B 260 17.90 -42.94 -39.26
C VAL B 260 16.61 -43.73 -39.41
N ALA B 261 16.12 -43.87 -40.64
CA ALA B 261 14.91 -44.63 -40.96
C ALA B 261 13.71 -44.11 -40.16
N ALA B 262 13.35 -42.86 -40.44
CA ALA B 262 12.26 -42.20 -39.73
C ALA B 262 10.92 -42.86 -40.05
N GLY B 263 9.96 -42.63 -39.17
CA GLY B 263 8.62 -43.16 -39.35
C GLY B 263 7.62 -42.33 -38.58
N ALA B 264 6.36 -42.80 -38.61
CA ALA B 264 5.26 -42.17 -37.90
C ALA B 264 5.08 -40.73 -38.34
N PRO B 265 4.52 -40.49 -39.56
CA PRO B 265 4.38 -39.14 -40.12
C PRO B 265 3.92 -38.09 -39.12
N LEU B 266 4.49 -36.88 -39.22
CA LEU B 266 4.51 -35.97 -38.08
C LEU B 266 3.20 -35.20 -37.94
N SER B 267 2.97 -34.25 -38.86
CA SER B 267 1.85 -33.32 -38.79
C SER B 267 1.88 -32.38 -39.98
N ASP B 268 0.92 -31.47 -40.07
CA ASP B 268 1.04 -30.38 -41.02
C ASP B 268 1.84 -29.21 -40.45
N THR B 269 1.78 -29.01 -39.14
CA THR B 269 2.50 -27.91 -38.50
C THR B 269 3.76 -28.34 -37.77
N GLU B 270 3.84 -29.59 -37.32
CA GLU B 270 5.09 -30.07 -36.74
C GLU B 270 6.11 -30.34 -37.82
N LYS B 271 5.65 -30.71 -39.03
CA LYS B 271 6.58 -30.91 -40.13
C LYS B 271 7.10 -29.58 -40.66
N LYS B 272 6.22 -28.58 -40.77
CA LYS B 272 6.67 -27.25 -41.18
C LYS B 272 7.67 -26.66 -40.20
N TRP B 273 7.60 -27.08 -38.93
CA TRP B 273 8.58 -26.64 -37.94
C TRP B 273 9.90 -27.36 -38.09
N VAL B 274 9.88 -28.62 -38.56
CA VAL B 274 11.11 -29.39 -38.64
C VAL B 274 11.85 -29.16 -39.96
N GLU B 275 11.16 -28.70 -41.01
CA GLU B 275 11.87 -28.27 -42.21
C GLU B 275 12.52 -26.91 -42.00
N ALA B 276 11.83 -26.00 -41.33
CA ALA B 276 12.38 -24.67 -41.08
C ALA B 276 13.53 -24.72 -40.09
N ALA B 277 13.53 -25.69 -39.18
CA ALA B 277 14.64 -25.82 -38.24
C ALA B 277 15.86 -26.44 -38.92
N ALA B 278 15.63 -27.51 -39.69
CA ALA B 278 16.74 -28.16 -40.38
C ALA B 278 17.34 -27.26 -41.46
N LYS B 279 16.50 -26.50 -42.16
CA LYS B 279 17.00 -25.50 -43.09
C LYS B 279 17.69 -24.35 -42.37
N ASP B 280 17.53 -24.25 -41.05
CA ASP B 280 18.24 -23.24 -40.26
C ASP B 280 19.47 -23.80 -39.59
N LEU B 281 19.57 -25.12 -39.44
CA LEU B 281 20.78 -25.74 -38.91
C LEU B 281 21.81 -26.02 -39.99
N GLN B 282 21.37 -26.27 -41.23
CA GLN B 282 22.31 -26.43 -42.33
C GLN B 282 23.03 -25.11 -42.61
N ALA B 283 22.32 -23.99 -42.50
CA ALA B 283 22.99 -22.71 -42.39
C ALA B 283 23.59 -22.58 -41.00
N ASN B 284 24.63 -21.75 -40.89
CA ASN B 284 25.45 -21.58 -39.69
C ASN B 284 25.75 -22.93 -39.03
N ARG B 285 26.44 -23.78 -39.78
CA ARG B 285 26.71 -25.15 -39.34
C ARG B 285 27.56 -25.17 -38.07
N GLY B 286 28.67 -24.44 -38.09
CA GLY B 286 29.58 -24.49 -36.95
C GLY B 286 29.02 -23.85 -35.70
N ALA B 287 28.13 -22.89 -35.85
CA ALA B 287 27.53 -22.20 -34.71
C ALA B 287 26.05 -22.57 -34.66
N CYS B 288 25.76 -23.70 -34.02
CA CYS B 288 24.42 -24.22 -33.84
C CYS B 288 24.52 -25.40 -32.88
N VAL B 289 23.37 -25.88 -32.44
CA VAL B 289 23.32 -27.00 -31.52
C VAL B 289 21.95 -27.65 -31.61
N VAL B 290 21.90 -28.96 -31.41
CA VAL B 290 20.66 -29.71 -31.38
C VAL B 290 20.60 -30.37 -30.00
N LEU B 291 19.98 -29.67 -29.06
CA LEU B 291 19.82 -30.18 -27.71
C LEU B 291 18.68 -31.20 -27.67
N VAL B 292 18.72 -32.06 -26.64
CA VAL B 292 17.68 -33.04 -26.39
C VAL B 292 17.46 -33.12 -24.90
N GLY B 293 16.21 -33.00 -24.46
CA GLY B 293 15.90 -33.03 -23.05
C GLY B 293 16.13 -34.41 -22.45
N GLU B 294 15.78 -34.51 -21.17
CA GLU B 294 15.94 -35.76 -20.44
C GLU B 294 14.77 -36.70 -20.66
N SER B 295 13.59 -36.15 -20.93
CA SER B 295 12.37 -37.00 -21.06
C SER B 295 12.48 -37.97 -22.24
N GLN B 296 13.29 -37.67 -23.25
CA GLN B 296 13.33 -38.49 -24.45
C GLN B 296 14.05 -39.81 -24.20
N PRO B 297 13.72 -40.85 -24.94
CA PRO B 297 14.39 -42.14 -24.78
C PRO B 297 15.85 -42.06 -25.21
N PRO B 298 16.67 -43.04 -24.84
CA PRO B 298 18.10 -42.97 -25.21
C PRO B 298 18.37 -42.93 -26.70
N VAL B 299 17.45 -43.45 -27.53
CA VAL B 299 17.67 -43.42 -28.97
C VAL B 299 17.55 -42.00 -29.53
N VAL B 300 16.89 -41.10 -28.81
CA VAL B 300 16.79 -39.72 -29.26
C VAL B 300 18.07 -38.96 -28.94
N HIS B 301 18.61 -39.15 -27.74
CA HIS B 301 19.90 -38.57 -27.40
C HIS B 301 21.00 -39.11 -28.30
N ALA B 302 20.85 -40.35 -28.77
CA ALA B 302 21.77 -40.87 -29.78
C ALA B 302 21.65 -40.10 -31.08
N LEU B 303 20.43 -39.70 -31.44
CA LEU B 303 20.24 -38.87 -32.61
C LEU B 303 20.59 -37.41 -32.34
N GLY B 304 20.52 -36.98 -31.08
CA GLY B 304 20.98 -35.64 -30.74
C GLY B 304 22.46 -35.44 -31.01
N HIS B 305 23.24 -36.52 -30.91
CA HIS B 305 24.64 -36.49 -31.30
C HIS B 305 24.84 -36.84 -32.76
N ALA B 306 23.90 -37.55 -33.38
CA ALA B 306 24.00 -37.84 -34.80
C ALA B 306 23.80 -36.59 -35.65
N ILE B 307 23.07 -35.62 -35.13
CA ILE B 307 22.84 -34.37 -35.84
C ILE B 307 23.90 -33.34 -35.47
N ASN B 308 24.32 -33.32 -34.21
CA ASN B 308 25.33 -32.36 -33.77
C ASN B 308 26.67 -32.61 -34.45
N ALA B 309 27.06 -33.88 -34.56
CA ALA B 309 28.30 -34.18 -35.26
C ALA B 309 28.16 -34.09 -36.76
N GLN B 310 26.94 -34.15 -37.29
CA GLN B 310 26.73 -33.98 -38.72
C GLN B 310 26.83 -32.51 -39.12
N LEU B 311 26.37 -31.62 -38.26
CA LEU B 311 26.49 -30.19 -38.50
C LEU B 311 27.84 -29.62 -38.10
N GLY B 312 28.79 -30.48 -37.72
CA GLY B 312 30.10 -29.99 -37.35
C GLY B 312 30.15 -29.27 -36.03
N ASN B 313 29.25 -29.58 -35.10
CA ASN B 313 29.23 -28.92 -33.80
C ASN B 313 30.27 -29.49 -32.84
N VAL B 314 30.86 -30.64 -33.14
CA VAL B 314 31.87 -31.20 -32.26
C VAL B 314 33.10 -30.30 -32.27
N GLY B 315 33.68 -30.11 -31.09
CA GLY B 315 34.80 -29.21 -30.93
C GLY B 315 34.45 -27.74 -30.91
N SER B 316 33.33 -27.34 -31.52
CA SER B 316 32.91 -25.94 -31.56
C SER B 316 31.85 -25.63 -30.53
N THR B 317 30.73 -26.34 -30.56
CA THR B 317 29.63 -26.12 -29.65
C THR B 317 29.41 -27.28 -28.69
N VAL B 318 29.28 -28.49 -29.21
CA VAL B 318 29.15 -29.69 -28.40
C VAL B 318 30.54 -30.25 -28.16
N VAL B 319 30.89 -30.46 -26.89
CA VAL B 319 32.21 -30.97 -26.53
C VAL B 319 32.00 -32.21 -25.66
N TYR B 320 32.42 -33.36 -26.17
CA TYR B 320 32.37 -34.60 -25.40
C TYR B 320 33.64 -34.74 -24.57
N THR B 321 33.48 -35.12 -23.31
CA THR B 321 34.58 -35.20 -22.38
C THR B 321 34.46 -36.47 -21.57
N GLU B 322 35.40 -36.66 -20.66
CA GLU B 322 35.31 -37.77 -19.73
C GLU B 322 34.08 -37.60 -18.84
N PRO B 323 33.40 -38.69 -18.49
CA PRO B 323 32.21 -38.56 -17.62
C PRO B 323 32.59 -38.01 -16.26
N VAL B 324 31.95 -36.90 -15.89
CA VAL B 324 32.24 -36.26 -14.60
C VAL B 324 31.79 -37.16 -13.45
N GLU B 325 30.57 -37.67 -13.52
CA GLU B 325 30.10 -38.60 -12.50
C GLU B 325 30.86 -39.93 -12.60
N ASP B 326 30.81 -40.70 -11.52
CA ASP B 326 31.59 -41.92 -11.44
C ASP B 326 31.10 -42.96 -12.44
N ASP B 327 29.84 -43.39 -12.30
CA ASP B 327 29.25 -44.35 -13.23
C ASP B 327 27.97 -43.76 -13.82
N PRO B 328 27.89 -43.61 -15.14
CA PRO B 328 26.65 -43.15 -15.76
C PRO B 328 25.68 -44.27 -16.07
N SER B 329 25.99 -45.51 -15.71
CA SER B 329 25.12 -46.65 -15.95
C SER B 329 24.16 -46.90 -14.78
N GLY B 330 23.87 -45.88 -13.99
CA GLY B 330 22.98 -46.00 -12.85
C GLY B 330 21.76 -45.12 -13.01
N GLY B 331 20.72 -45.41 -12.23
CA GLY B 331 19.49 -44.65 -12.29
C GLY B 331 18.27 -45.52 -12.07
N ILE B 332 17.33 -45.48 -13.03
CA ILE B 332 16.15 -46.32 -12.93
C ILE B 332 16.52 -47.80 -13.04
N ALA B 333 17.52 -48.12 -13.87
CA ALA B 333 17.95 -49.50 -14.02
C ALA B 333 18.80 -49.98 -12.86
N ALA B 334 19.48 -49.08 -12.15
CA ALA B 334 20.26 -49.50 -10.99
C ALA B 334 19.39 -49.59 -9.74
N LEU B 335 18.31 -48.82 -9.68
CA LEU B 335 17.37 -48.96 -8.57
C LEU B 335 16.63 -50.29 -8.66
N SER B 336 16.24 -50.70 -9.87
CA SER B 336 15.60 -52.00 -10.04
C SER B 336 16.58 -53.14 -9.86
N ALA B 337 17.86 -52.91 -10.17
CA ALA B 337 18.86 -53.95 -9.98
C ALA B 337 19.11 -54.19 -8.50
N LEU B 338 18.99 -53.16 -7.66
CA LEU B 338 19.16 -53.32 -6.23
C LEU B 338 17.89 -53.86 -5.58
N THR B 339 16.73 -53.43 -6.05
CA THR B 339 15.47 -53.90 -5.47
C THR B 339 15.27 -55.39 -5.72
N GLN B 340 15.68 -55.88 -6.89
CA GLN B 340 15.67 -57.32 -7.11
C GLN B 340 16.72 -58.05 -6.27
N GLU B 341 17.71 -57.31 -5.75
CA GLU B 341 18.67 -57.88 -4.82
C GLU B 341 18.22 -57.73 -3.38
N MET B 342 17.47 -56.68 -3.06
CA MET B 342 16.87 -56.58 -1.72
C MET B 342 15.81 -57.65 -1.53
N ASN B 343 15.07 -57.98 -2.59
CA ASN B 343 14.24 -59.17 -2.57
C ASN B 343 15.14 -60.40 -2.52
N ALA B 344 14.60 -61.48 -1.94
CA ALA B 344 15.27 -62.74 -1.62
C ALA B 344 16.33 -62.58 -0.53
N GLY B 345 16.53 -61.39 0.00
CA GLY B 345 17.38 -61.20 1.18
C GLY B 345 18.87 -61.27 0.92
N THR B 346 19.33 -60.72 -0.21
CA THR B 346 20.76 -60.67 -0.44
C THR B 346 21.40 -59.48 0.25
N VAL B 347 20.71 -58.34 0.29
CA VAL B 347 21.23 -57.13 0.90
C VAL B 347 21.17 -57.26 2.42
N GLU B 348 22.26 -56.89 3.08
CA GLU B 348 22.32 -56.89 4.54
C GLU B 348 22.64 -55.53 5.13
N VAL B 349 23.42 -54.69 4.44
CA VAL B 349 23.72 -53.34 4.88
C VAL B 349 23.41 -52.42 3.71
N LEU B 350 22.29 -51.70 3.79
CA LEU B 350 21.86 -50.82 2.71
C LEU B 350 21.94 -49.38 3.22
N LEU B 351 23.01 -48.69 2.84
CA LEU B 351 23.15 -47.27 3.14
C LEU B 351 22.56 -46.48 1.99
N MET B 352 21.35 -45.99 2.15
CA MET B 352 20.74 -45.07 1.20
C MET B 352 21.18 -43.68 1.60
N ILE B 353 22.07 -43.07 0.81
CA ILE B 353 22.66 -41.82 1.24
C ILE B 353 21.68 -40.67 1.09
N GLU B 354 21.32 -40.30 -0.14
CA GLU B 354 20.46 -39.14 -0.29
C GLU B 354 19.34 -39.37 -1.30
N SER B 355 19.17 -40.59 -1.79
CA SER B 355 18.28 -40.84 -2.92
C SER B 355 16.81 -40.75 -2.54
N ASN B 356 16.45 -41.26 -1.35
CA ASN B 356 15.06 -41.36 -0.90
C ASN B 356 14.20 -42.08 -1.94
N PRO B 357 14.36 -43.40 -2.11
CA PRO B 357 13.62 -44.08 -3.17
C PRO B 357 12.27 -44.63 -2.75
N VAL B 358 12.01 -44.72 -1.44
CA VAL B 358 10.68 -45.13 -1.00
C VAL B 358 9.64 -44.14 -1.48
N TYR B 359 10.03 -42.87 -1.63
CA TYR B 359 9.19 -41.88 -2.28
C TYR B 359 9.41 -41.84 -3.78
N ASN B 360 10.67 -41.83 -4.22
CA ASN B 360 11.03 -41.62 -5.62
C ASN B 360 10.90 -42.87 -6.49
N ALA B 361 10.44 -43.99 -5.94
CA ALA B 361 10.31 -45.20 -6.73
C ALA B 361 9.31 -44.98 -7.86
N PRO B 362 9.52 -45.61 -9.01
CA PRO B 362 8.59 -45.47 -10.13
C PRO B 362 7.30 -46.26 -10.00
N ALA B 363 6.99 -46.78 -8.81
CA ALA B 363 5.79 -47.53 -8.46
C ALA B 363 5.74 -48.89 -9.15
N ASP B 364 6.69 -49.22 -10.01
CA ASP B 364 6.87 -50.55 -10.53
C ASP B 364 8.00 -51.26 -9.80
N ILE B 365 9.06 -50.52 -9.48
CA ILE B 365 10.13 -50.97 -8.60
C ILE B 365 9.60 -50.91 -7.17
N PRO B 366 9.30 -52.04 -6.54
CA PRO B 366 8.64 -52.01 -5.22
C PRO B 366 9.64 -51.83 -4.08
N PHE B 367 10.24 -50.64 -4.01
CA PHE B 367 11.26 -50.40 -3.00
C PHE B 367 10.68 -50.27 -1.61
N ALA B 368 9.44 -49.78 -1.48
CA ALA B 368 8.83 -49.62 -0.16
C ALA B 368 8.71 -50.96 0.55
N GLU B 369 8.26 -51.99 -0.16
CA GLU B 369 8.13 -53.32 0.43
C GLU B 369 9.41 -54.13 0.34
N ALA B 370 10.31 -53.83 -0.60
CA ALA B 370 11.60 -54.49 -0.62
C ALA B 370 12.44 -54.06 0.58
N LEU B 371 12.28 -52.81 1.01
CA LEU B 371 12.84 -52.40 2.28
C LEU B 371 12.17 -53.17 3.42
N ALA B 372 12.85 -53.22 4.55
CA ALA B 372 12.52 -54.03 5.74
C ALA B 372 12.68 -55.52 5.48
N LYS B 373 12.99 -55.93 4.26
CA LYS B 373 13.49 -57.28 4.00
C LYS B 373 14.98 -57.38 4.18
N VAL B 374 15.63 -56.31 4.62
CA VAL B 374 17.04 -56.28 4.93
C VAL B 374 17.19 -56.14 6.44
N PRO B 375 18.25 -56.67 7.05
CA PRO B 375 18.39 -56.52 8.51
C PRO B 375 18.82 -55.12 8.94
N LEU B 376 19.69 -54.47 8.18
CA LEU B 376 20.22 -53.16 8.55
C LEU B 376 20.19 -52.25 7.34
N SER B 377 19.38 -51.21 7.39
CA SER B 377 19.26 -50.24 6.30
C SER B 377 19.45 -48.85 6.89
N MET B 378 20.56 -48.21 6.54
CA MET B 378 20.89 -46.89 7.04
C MET B 378 20.28 -45.81 6.13
N HIS B 379 20.50 -44.56 6.52
CA HIS B 379 20.06 -43.40 5.77
C HIS B 379 20.73 -42.17 6.35
N VAL B 380 21.25 -41.29 5.51
CA VAL B 380 21.89 -40.05 5.93
C VAL B 380 21.26 -38.91 5.14
N GLY B 381 20.20 -38.34 5.67
CA GLY B 381 19.48 -37.29 4.99
C GLY B 381 19.07 -36.20 5.95
N LEU B 382 19.07 -34.96 5.46
CA LEU B 382 18.76 -33.83 6.32
C LEU B 382 17.31 -33.81 6.75
N TYR B 383 16.41 -34.44 5.99
CA TYR B 383 15.03 -34.62 6.40
C TYR B 383 14.77 -36.09 6.68
N ARG B 384 13.89 -36.35 7.65
CA ARG B 384 13.44 -37.72 7.91
C ARG B 384 12.41 -38.09 6.84
N ASP B 385 12.94 -38.49 5.69
CA ASP B 385 12.12 -38.75 4.52
C ASP B 385 11.30 -40.02 4.71
N GLU B 386 10.57 -40.40 3.66
CA GLU B 386 9.78 -41.63 3.68
C GLU B 386 10.64 -42.88 3.79
N THR B 387 11.96 -42.76 3.58
CA THR B 387 12.84 -43.89 3.88
C THR B 387 13.14 -43.97 5.37
N ALA B 388 13.35 -42.83 6.01
CA ALA B 388 13.61 -42.82 7.45
C ALA B 388 12.43 -43.36 8.24
N GLN B 389 11.22 -43.24 7.68
CA GLN B 389 10.06 -43.88 8.31
C GLN B 389 10.17 -45.40 8.24
N GLN B 390 10.85 -45.93 7.24
CA GLN B 390 10.92 -47.37 7.01
C GLN B 390 12.31 -47.96 7.22
N SER B 391 13.36 -47.16 7.11
CA SER B 391 14.70 -47.67 7.36
C SER B 391 14.95 -47.81 8.86
N VAL B 392 15.96 -48.62 9.20
CA VAL B 392 16.27 -48.86 10.60
C VAL B 392 16.98 -47.64 11.20
N TRP B 393 18.15 -47.32 10.66
CA TRP B 393 18.91 -46.16 11.10
C TRP B 393 18.63 -44.96 10.21
N HIS B 394 18.89 -43.77 10.75
CA HIS B 394 18.79 -42.55 9.95
C HIS B 394 19.75 -41.52 10.53
N ILE B 395 20.91 -41.40 9.90
CA ILE B 395 21.89 -40.40 10.29
C ILE B 395 21.42 -39.03 9.83
N ASN B 396 21.75 -38.00 10.61
CA ASN B 396 21.46 -36.63 10.21
C ASN B 396 22.19 -36.28 8.91
N GLY B 397 21.71 -35.23 8.26
CA GLY B 397 22.11 -34.97 6.89
C GLY B 397 23.36 -34.16 6.65
N ALA B 398 23.60 -33.15 7.49
CA ALA B 398 24.70 -32.19 7.31
C ALA B 398 24.58 -31.49 5.95
N HIS B 399 23.53 -30.67 5.85
CA HIS B 399 23.29 -29.81 4.70
C HIS B 399 24.56 -29.10 4.27
N PHE B 400 24.69 -28.90 2.95
CA PHE B 400 25.99 -28.58 2.34
C PHE B 400 26.63 -27.31 2.89
N LEU B 401 25.90 -26.46 3.60
CA LEU B 401 26.52 -25.34 4.29
C LEU B 401 27.12 -25.73 5.63
N GLU B 402 27.04 -27.01 6.01
CA GLU B 402 27.60 -27.50 7.26
C GLU B 402 28.57 -28.65 7.08
N ALA B 403 28.87 -29.05 5.85
CA ALA B 403 29.62 -30.26 5.58
C ALA B 403 30.93 -29.94 4.89
N TRP B 404 32.01 -30.58 5.33
CA TRP B 404 33.31 -30.48 4.69
C TRP B 404 33.38 -31.49 3.55
N GLY B 405 32.99 -31.03 2.37
CA GLY B 405 33.01 -31.88 1.19
C GLY B 405 33.52 -31.19 -0.05
N ASP B 406 33.22 -31.76 -1.21
CA ASP B 406 33.46 -31.08 -2.47
C ASP B 406 32.44 -31.55 -3.50
N VAL B 407 32.45 -30.90 -4.65
CA VAL B 407 31.61 -31.24 -5.77
C VAL B 407 32.50 -31.36 -7.00
N ARG B 408 31.87 -31.61 -8.14
CA ARG B 408 32.55 -31.51 -9.43
C ARG B 408 31.49 -31.08 -10.44
N ALA B 409 31.53 -29.81 -10.83
CA ALA B 409 30.53 -29.27 -11.74
C ALA B 409 30.69 -29.90 -13.12
N PHE B 410 29.83 -29.49 -14.04
CA PHE B 410 30.02 -29.87 -15.43
C PHE B 410 31.36 -29.34 -15.91
N ASP B 411 31.92 -30.03 -16.90
CA ASP B 411 33.28 -29.89 -17.43
C ASP B 411 34.36 -30.20 -16.38
N GLY B 412 33.97 -30.71 -15.21
CA GLY B 412 34.91 -31.26 -14.28
C GLY B 412 35.51 -30.30 -13.27
N THR B 413 35.10 -29.04 -13.27
CA THR B 413 35.69 -28.07 -12.36
C THR B 413 35.26 -28.30 -10.92
N THR B 414 36.08 -29.00 -10.15
CA THR B 414 35.73 -29.34 -8.78
C THR B 414 35.72 -28.10 -7.90
N THR B 415 34.79 -28.09 -6.95
CA THR B 415 34.63 -26.97 -6.03
C THR B 415 34.57 -27.53 -4.62
N ILE B 416 35.48 -27.08 -3.76
CA ILE B 416 35.49 -27.55 -2.38
C ILE B 416 34.27 -26.99 -1.67
N VAL B 417 33.33 -27.87 -1.31
CA VAL B 417 32.23 -27.46 -0.46
C VAL B 417 32.79 -27.00 0.88
N GLN B 418 32.44 -25.79 1.28
CA GLN B 418 33.08 -25.13 2.41
C GLN B 418 32.05 -24.87 3.48
N PRO B 419 32.13 -25.52 4.63
CA PRO B 419 31.13 -25.32 5.67
C PRO B 419 31.22 -23.92 6.26
N LEU B 420 30.16 -23.14 6.07
CA LEU B 420 30.12 -21.81 6.65
C LEU B 420 29.94 -21.90 8.16
N ILE B 421 29.01 -22.72 8.60
CA ILE B 421 28.73 -22.91 10.02
C ILE B 421 29.10 -24.34 10.40
N ALA B 422 29.42 -24.52 11.68
CA ALA B 422 29.45 -25.86 12.23
C ALA B 422 28.02 -26.37 12.32
N PRO B 423 27.80 -27.67 12.07
CA PRO B 423 26.42 -28.18 11.92
C PRO B 423 25.51 -27.88 13.10
N LEU B 424 24.35 -27.28 12.82
CA LEU B 424 23.41 -26.90 13.87
C LEU B 424 23.05 -28.10 14.73
N TYR B 425 22.73 -29.21 14.08
CA TYR B 425 22.58 -30.50 14.73
C TYR B 425 23.69 -31.39 14.19
N ASN B 426 24.15 -32.35 15.00
CA ASN B 426 25.34 -33.12 14.66
C ASN B 426 25.19 -33.73 13.28
N GLY B 427 26.00 -33.24 12.34
CA GLY B 427 25.74 -33.44 10.94
C GLY B 427 26.02 -34.83 10.39
N LYS B 428 27.29 -35.22 10.35
CA LYS B 428 27.73 -36.53 9.86
C LYS B 428 27.27 -36.74 8.42
N SER B 429 27.88 -35.97 7.52
CA SER B 429 27.55 -35.97 6.10
C SER B 429 27.95 -37.29 5.45
N ALA B 430 27.74 -37.34 4.12
CA ALA B 430 27.98 -38.56 3.37
C ALA B 430 29.43 -39.02 3.45
N ILE B 431 30.36 -38.08 3.66
CA ILE B 431 31.75 -38.46 3.87
C ILE B 431 31.97 -38.94 5.29
N GLU B 432 31.36 -38.27 6.27
CA GLU B 432 31.46 -38.69 7.66
C GLU B 432 30.65 -39.94 7.96
N VAL B 433 29.86 -40.42 7.00
CA VAL B 433 29.14 -41.67 7.16
C VAL B 433 29.90 -42.85 6.55
N LEU B 434 30.51 -42.65 5.37
CA LEU B 434 31.33 -43.70 4.80
C LEU B 434 32.59 -43.94 5.62
N ASN B 435 33.05 -42.95 6.38
CA ASN B 435 34.13 -43.17 7.30
C ASN B 435 33.77 -44.21 8.35
N VAL B 436 32.49 -44.30 8.71
CA VAL B 436 32.03 -45.35 9.60
C VAL B 436 32.05 -46.70 8.88
N LEU B 437 31.63 -46.72 7.62
CA LEU B 437 31.61 -47.97 6.86
C LEU B 437 33.01 -48.41 6.46
N LEU B 438 33.89 -47.46 6.12
CA LEU B 438 35.26 -47.80 5.77
C LEU B 438 36.03 -48.31 6.98
N GLY B 439 35.68 -47.87 8.16
CA GLY B 439 36.36 -48.24 9.37
C GLY B 439 37.19 -47.16 10.03
N LYS B 440 37.00 -45.89 9.66
CA LYS B 440 37.73 -44.76 10.26
C LYS B 440 36.72 -43.76 10.79
N PRO B 441 36.00 -44.11 11.86
CA PRO B 441 34.87 -43.28 12.29
C PRO B 441 35.28 -41.94 12.88
N GLN B 442 36.30 -41.94 13.73
CA GLN B 442 36.74 -40.74 14.42
C GLN B 442 37.47 -39.76 13.50
N GLU B 443 37.58 -40.05 12.22
CA GLU B 443 38.27 -39.18 11.26
C GLU B 443 37.23 -38.32 10.58
N THR B 444 37.29 -37.01 10.82
CA THR B 444 36.26 -36.08 10.41
C THR B 444 36.24 -35.92 8.89
N GLY B 445 35.29 -35.12 8.41
CA GLY B 445 35.16 -34.93 6.96
C GLY B 445 36.29 -34.11 6.37
N TYR B 446 36.73 -33.09 7.11
CA TYR B 446 37.83 -32.26 6.62
C TYR B 446 39.15 -33.03 6.61
N GLN B 447 39.30 -34.01 7.49
CA GLN B 447 40.52 -34.80 7.52
C GLN B 447 40.66 -35.67 6.27
N THR B 448 39.57 -36.31 5.85
CA THR B 448 39.60 -37.13 4.64
C THR B 448 39.61 -36.27 3.39
N LEU B 449 39.07 -35.06 3.46
CA LEU B 449 39.02 -34.20 2.29
C LEU B 449 40.41 -33.75 1.87
N THR B 450 41.26 -33.40 2.84
CA THR B 450 42.64 -33.06 2.54
C THR B 450 43.51 -34.29 2.37
N ALA B 451 43.15 -35.40 3.01
CA ALA B 451 43.87 -36.65 2.80
C ALA B 451 43.65 -37.20 1.39
N TYR B 452 42.66 -36.70 0.66
CA TYR B 452 42.49 -37.00 -0.75
C TYR B 452 43.08 -35.94 -1.66
N TRP B 453 42.98 -34.66 -1.28
CA TRP B 453 43.48 -33.60 -2.14
C TRP B 453 44.98 -33.39 -2.00
N GLN B 454 45.60 -33.89 -0.94
CA GLN B 454 47.05 -33.89 -0.88
C GLN B 454 47.63 -34.89 -1.88
N THR B 455 46.85 -35.91 -2.24
CA THR B 455 47.28 -36.86 -3.26
C THR B 455 47.03 -36.30 -4.67
N GLN B 456 45.93 -35.57 -4.84
CA GLN B 456 45.56 -35.05 -6.15
C GLN B 456 46.25 -33.72 -6.48
N ASP B 457 47.02 -33.17 -5.54
CA ASP B 457 47.79 -31.95 -5.77
C ASP B 457 49.27 -32.34 -5.85
N ALA B 458 49.80 -32.38 -7.06
CA ALA B 458 51.22 -32.65 -7.26
C ALA B 458 52.02 -31.41 -7.59
N SER B 459 51.36 -30.28 -7.85
CA SER B 459 52.04 -29.05 -8.24
C SER B 459 52.20 -28.14 -7.03
N GLY B 460 53.46 -27.90 -6.66
CA GLY B 460 53.76 -26.93 -5.62
C GLY B 460 53.30 -27.35 -4.24
N ASN B 461 53.17 -26.35 -3.37
CA ASN B 461 52.77 -26.56 -2.00
C ASN B 461 51.26 -26.84 -1.91
N PHE B 462 50.80 -27.06 -0.68
CA PHE B 462 49.39 -27.38 -0.44
C PHE B 462 48.61 -26.20 0.12
N ARG B 463 49.13 -25.54 1.16
CA ARG B 463 48.40 -24.41 1.73
C ARG B 463 48.31 -23.24 0.76
N VAL B 464 49.21 -23.17 -0.23
CA VAL B 464 49.07 -22.17 -1.28
C VAL B 464 48.05 -22.62 -2.32
N PHE B 465 47.72 -23.90 -2.36
CA PHE B 465 46.70 -24.43 -3.25
C PHE B 465 45.37 -24.63 -2.54
N TRP B 466 45.39 -25.25 -1.35
CA TRP B 466 44.16 -25.56 -0.64
C TRP B 466 43.40 -24.29 -0.29
N ASN B 467 44.10 -23.27 0.20
CA ASN B 467 43.43 -22.02 0.52
C ASN B 467 43.05 -21.24 -0.73
N THR B 468 43.83 -21.36 -1.80
CA THR B 468 43.40 -20.80 -3.08
C THR B 468 42.24 -21.60 -3.66
N ALA B 469 42.19 -22.91 -3.37
CA ALA B 469 41.02 -23.70 -3.75
C ALA B 469 39.81 -23.34 -2.91
N LEU B 470 40.02 -22.95 -1.66
CA LEU B 470 38.91 -22.54 -0.80
C LEU B 470 38.47 -21.11 -1.06
N HIS B 471 39.41 -20.25 -1.45
CA HIS B 471 39.08 -18.84 -1.67
C HIS B 471 38.21 -18.67 -2.92
N ASP B 472 38.72 -19.10 -4.07
CA ASP B 472 37.93 -19.03 -5.29
C ASP B 472 36.84 -20.08 -5.32
N GLY B 473 36.96 -21.15 -4.54
CA GLY B 473 36.05 -22.27 -4.65
C GLY B 473 36.41 -23.13 -5.85
N VAL B 474 36.36 -22.51 -7.03
CA VAL B 474 36.74 -23.16 -8.27
C VAL B 474 38.19 -23.62 -8.19
N ILE B 475 38.41 -24.92 -8.31
CA ILE B 475 39.78 -25.42 -8.38
C ILE B 475 40.31 -25.35 -9.81
N THR B 476 39.44 -25.58 -10.79
CA THR B 476 39.68 -25.56 -12.24
C THR B 476 41.00 -26.21 -12.65
N ALA B 477 41.43 -27.20 -11.88
CA ALA B 477 42.59 -28.01 -12.22
C ALA B 477 42.21 -29.44 -12.61
N THR B 478 40.95 -29.82 -12.39
CA THR B 478 40.44 -31.12 -12.80
C THR B 478 39.43 -30.98 -13.93
N GLN B 479 39.63 -29.98 -14.79
CA GLN B 479 38.78 -29.78 -15.97
C GLN B 479 38.71 -31.05 -16.79
N ALA B 480 37.49 -31.55 -17.00
CA ALA B 480 37.28 -32.79 -17.74
C ALA B 480 37.80 -32.63 -19.16
N ARG B 481 38.88 -33.35 -19.48
CA ARG B 481 39.52 -33.19 -20.79
C ARG B 481 38.65 -33.77 -21.89
N SER B 482 38.85 -33.27 -23.11
CA SER B 482 38.08 -33.72 -24.25
C SER B 482 38.38 -35.18 -24.57
N ARG B 483 37.55 -35.75 -25.44
CA ARG B 483 37.70 -37.14 -25.82
C ARG B 483 37.24 -37.30 -27.27
N GLN B 484 38.09 -37.91 -28.10
CA GLN B 484 37.72 -38.19 -29.47
C GLN B 484 36.62 -39.24 -29.49
N VAL B 485 35.59 -39.00 -30.31
CA VAL B 485 34.45 -39.89 -30.41
C VAL B 485 34.39 -40.46 -31.82
N THR B 486 33.49 -41.41 -32.02
CA THR B 486 33.35 -42.07 -33.31
C THR B 486 31.96 -42.00 -33.91
N LEU B 487 30.91 -41.91 -33.09
CA LEU B 487 29.53 -41.89 -33.55
C LEU B 487 29.23 -43.09 -34.45
N GLN B 488 29.29 -44.27 -33.85
CA GLN B 488 28.97 -45.49 -34.59
C GLN B 488 27.51 -45.49 -35.02
N GLN B 489 27.29 -45.58 -36.33
CA GLN B 489 25.95 -45.45 -36.89
C GLN B 489 25.18 -46.76 -36.77
N GLY B 490 23.91 -46.72 -37.15
CA GLY B 490 23.05 -47.88 -37.11
C GLY B 490 22.21 -47.99 -35.85
N PHE B 491 22.35 -47.06 -34.91
CA PHE B 491 21.58 -47.14 -33.67
C PHE B 491 20.10 -46.86 -33.91
N ALA B 492 19.77 -46.14 -34.98
CA ALA B 492 18.39 -45.83 -35.31
C ALA B 492 17.83 -46.77 -36.38
N ASP B 493 18.55 -47.86 -36.69
CA ASP B 493 18.07 -48.81 -37.69
C ASP B 493 16.77 -49.48 -37.26
N ALA B 494 16.55 -49.60 -35.95
CA ALA B 494 15.30 -50.17 -35.46
C ALA B 494 14.14 -49.25 -35.81
N ALA B 495 13.14 -49.80 -36.48
CA ALA B 495 12.01 -49.01 -36.92
C ALA B 495 11.21 -48.51 -35.71
N PRO B 496 10.65 -47.31 -35.80
CA PRO B 496 9.80 -46.82 -34.72
C PRO B 496 8.49 -47.60 -34.68
N PRO B 497 7.92 -47.81 -33.49
CA PRO B 497 6.73 -48.65 -33.40
C PRO B 497 5.48 -47.97 -33.94
N ALA B 498 4.36 -48.68 -33.91
CA ALA B 498 3.10 -48.09 -34.35
C ALA B 498 2.69 -46.98 -33.38
N PRO B 499 2.29 -45.81 -33.88
CA PRO B 499 1.88 -44.73 -32.98
C PRO B 499 0.62 -45.09 -32.21
N THR B 500 0.73 -45.06 -30.88
CA THR B 500 -0.38 -45.39 -30.01
C THR B 500 -1.27 -44.16 -29.81
N GLN B 501 -2.58 -44.38 -29.88
CA GLN B 501 -3.55 -43.31 -29.71
C GLN B 501 -4.12 -43.33 -28.30
N GLY B 502 -4.33 -42.16 -27.74
CA GLY B 502 -4.80 -42.00 -26.38
C GLY B 502 -4.09 -40.85 -25.70
N LEU B 503 -4.68 -40.36 -24.62
CA LEU B 503 -4.08 -39.27 -23.87
C LEU B 503 -2.80 -39.72 -23.20
N GLU B 504 -1.80 -38.85 -23.20
CA GLU B 504 -0.45 -39.19 -22.77
C GLU B 504 -0.07 -38.40 -21.53
N ILE B 505 0.34 -39.11 -20.49
CA ILE B 505 0.87 -38.47 -19.29
C ILE B 505 2.37 -38.35 -19.44
N VAL B 506 2.84 -37.10 -19.51
CA VAL B 506 4.31 -36.85 -19.68
C VAL B 506 4.85 -36.49 -18.29
N PHE B 507 5.81 -37.26 -17.79
CA PHE B 507 6.31 -37.03 -16.41
C PHE B 507 7.37 -35.94 -16.43
N ARG B 508 7.17 -34.87 -15.65
CA ARG B 508 8.12 -33.72 -15.67
C ARG B 508 8.52 -33.36 -14.24
N PRO B 509 9.79 -32.98 -13.97
CA PRO B 509 10.19 -32.53 -12.64
C PRO B 509 9.55 -31.16 -12.39
N ASP B 510 9.28 -30.79 -11.14
CA ASP B 510 8.57 -29.50 -10.93
C ASP B 510 9.60 -28.35 -10.97
N PRO B 511 9.38 -27.22 -11.69
CA PRO B 511 10.44 -26.22 -11.82
C PRO B 511 10.99 -25.85 -10.46
N SER B 512 10.12 -25.52 -9.54
CA SER B 512 10.35 -25.09 -8.18
C SER B 512 10.82 -26.25 -7.29
N LEU B 513 10.02 -27.31 -7.21
CA LEU B 513 10.37 -28.51 -6.46
C LEU B 513 10.86 -29.55 -7.47
N TRP B 514 12.18 -29.75 -7.51
CA TRP B 514 12.75 -30.57 -8.57
C TRP B 514 12.29 -32.02 -8.50
N ASP B 515 12.65 -32.74 -7.44
CA ASP B 515 12.30 -34.15 -7.34
C ASP B 515 11.76 -34.48 -5.96
N GLY B 516 11.20 -33.49 -5.26
CA GLY B 516 10.67 -33.69 -3.94
C GLY B 516 11.69 -33.68 -2.82
N ALA B 517 12.98 -33.60 -3.14
CA ALA B 517 13.99 -33.47 -2.09
C ALA B 517 13.92 -32.11 -1.40
N PHE B 518 13.22 -31.15 -2.00
CA PHE B 518 13.08 -29.81 -1.44
C PHE B 518 11.60 -29.48 -1.19
N ALA B 519 10.79 -30.49 -0.86
CA ALA B 519 9.37 -30.23 -0.69
C ALA B 519 9.07 -29.52 0.61
N ASN B 520 9.92 -29.69 1.63
CA ASN B 520 9.72 -28.96 2.87
C ASN B 520 10.26 -27.54 2.81
N ASN B 521 10.91 -27.16 1.70
CA ASN B 521 11.38 -25.80 1.53
C ASN B 521 10.19 -24.90 1.24
N ALA B 522 9.83 -24.06 2.20
CA ALA B 522 8.65 -23.20 2.04
C ALA B 522 8.88 -22.07 1.05
N TRP B 523 10.13 -21.74 0.74
CA TRP B 523 10.40 -20.62 -0.16
C TRP B 523 10.19 -21.02 -1.61
N LEU B 524 10.79 -22.13 -2.04
CA LEU B 524 10.58 -22.59 -3.39
C LEU B 524 9.29 -23.38 -3.55
N GLN B 525 8.41 -23.37 -2.55
CA GLN B 525 7.06 -23.87 -2.72
C GLN B 525 6.05 -22.74 -2.85
N GLU B 526 6.13 -21.73 -1.98
CA GLU B 526 5.31 -20.54 -2.13
C GLU B 526 5.61 -19.84 -3.45
N THR B 527 6.82 -19.98 -3.97
CA THR B 527 7.19 -19.40 -5.25
C THR B 527 6.28 -19.96 -6.34
N PRO B 528 5.64 -19.09 -7.14
CA PRO B 528 4.67 -19.59 -8.13
C PRO B 528 5.37 -20.35 -9.25
N LYS B 529 4.79 -21.47 -9.64
CA LYS B 529 5.32 -22.22 -10.77
C LYS B 529 5.27 -21.35 -12.02
N PRO B 530 6.22 -21.50 -12.94
CA PRO B 530 6.44 -20.50 -13.98
C PRO B 530 5.25 -20.19 -14.88
N TYR B 531 4.70 -21.16 -15.59
CA TYR B 531 3.61 -20.83 -16.54
C TYR B 531 2.27 -20.79 -15.80
N THR B 532 2.00 -21.76 -14.93
CA THR B 532 0.79 -21.77 -14.12
C THR B 532 1.18 -21.31 -12.73
N LYS B 533 0.65 -20.18 -12.31
CA LYS B 533 1.17 -19.49 -11.13
C LYS B 533 0.79 -20.17 -9.83
N LEU B 534 0.33 -21.42 -9.87
CA LEU B 534 0.05 -22.20 -8.68
C LEU B 534 1.25 -22.20 -7.75
N THR B 535 0.98 -22.32 -6.45
CA THR B 535 2.05 -22.29 -5.46
C THR B 535 2.19 -23.62 -4.72
N TRP B 536 1.15 -24.08 -4.04
CA TRP B 536 1.26 -25.22 -3.15
C TRP B 536 0.54 -26.44 -3.70
N ASP B 537 0.57 -26.63 -5.02
CA ASP B 537 -0.26 -27.67 -5.61
C ASP B 537 0.41 -28.27 -6.83
N ASN B 538 0.35 -29.59 -6.91
CA ASN B 538 0.72 -30.35 -8.10
C ASN B 538 -0.55 -30.61 -8.89
N VAL B 539 -0.50 -30.37 -10.20
CA VAL B 539 -1.70 -30.41 -11.03
C VAL B 539 -1.43 -31.25 -12.27
N ALA B 540 -2.49 -31.56 -12.98
CA ALA B 540 -2.43 -32.26 -14.27
C ALA B 540 -2.74 -31.22 -15.34
N LEU B 541 -1.69 -30.63 -15.91
CA LEU B 541 -1.87 -29.58 -16.90
C LEU B 541 -2.35 -30.18 -18.22
N MET B 542 -3.39 -29.57 -18.79
CA MET B 542 -3.91 -29.99 -20.08
C MET B 542 -4.04 -28.77 -20.97
N SER B 543 -3.90 -28.99 -22.27
CA SER B 543 -4.19 -27.91 -23.20
C SER B 543 -5.69 -27.62 -23.21
N VAL B 544 -6.04 -26.44 -23.72
CA VAL B 544 -7.45 -26.06 -23.75
C VAL B 544 -8.23 -26.97 -24.69
N ARG B 545 -7.57 -27.51 -25.71
CA ARG B 545 -8.26 -28.42 -26.63
C ARG B 545 -8.51 -29.77 -25.98
N THR B 546 -7.52 -30.33 -25.30
CA THR B 546 -7.65 -31.65 -24.68
C THR B 546 -8.28 -31.61 -23.30
N ALA B 547 -8.96 -30.52 -22.95
CA ALA B 547 -9.77 -30.47 -21.75
C ALA B 547 -11.22 -30.13 -22.06
N ASN B 548 -11.45 -29.33 -23.11
CA ASN B 548 -12.80 -29.19 -23.63
C ASN B 548 -13.29 -30.48 -24.26
N ALA B 549 -12.39 -31.39 -24.63
CA ALA B 549 -12.79 -32.71 -25.06
C ALA B 549 -13.29 -33.54 -23.88
N LEU B 550 -12.63 -33.44 -22.73
CA LEU B 550 -13.04 -34.15 -21.53
C LEU B 550 -14.01 -33.35 -20.67
N GLY B 551 -14.30 -32.11 -21.05
CA GLY B 551 -15.18 -31.26 -20.26
C GLY B 551 -14.60 -30.94 -18.91
N LEU B 552 -13.40 -30.36 -18.90
CA LEU B 552 -12.68 -30.10 -17.67
C LEU B 552 -12.43 -28.61 -17.49
N LYS B 553 -12.30 -28.19 -16.24
CA LYS B 553 -12.12 -26.80 -15.86
C LYS B 553 -10.77 -26.64 -15.17
N ASN B 554 -10.55 -25.45 -14.62
CA ASN B 554 -9.32 -25.15 -13.90
C ASN B 554 -9.35 -25.61 -12.45
N GLY B 555 -10.41 -26.28 -12.00
CA GLY B 555 -10.50 -26.61 -10.59
C GLY B 555 -10.90 -28.04 -10.30
N ASP B 556 -11.26 -28.80 -11.31
CA ASP B 556 -11.71 -30.17 -11.11
C ASP B 556 -10.58 -31.03 -10.58
N VAL B 557 -10.92 -32.23 -10.12
CA VAL B 557 -9.96 -33.14 -9.51
C VAL B 557 -10.12 -34.48 -10.24
N VAL B 558 -9.28 -34.70 -11.25
CA VAL B 558 -9.36 -35.89 -12.09
C VAL B 558 -8.70 -37.06 -11.39
N ARG B 559 -8.88 -38.27 -11.93
CA ARG B 559 -8.24 -39.47 -11.41
C ARG B 559 -7.40 -40.07 -12.54
N LEU B 560 -6.16 -39.60 -12.65
CA LEU B 560 -5.26 -40.09 -13.69
C LEU B 560 -4.91 -41.55 -13.41
N THR B 561 -5.46 -42.46 -14.22
CA THR B 561 -5.20 -43.89 -14.10
C THR B 561 -4.29 -44.30 -15.25
N TYR B 562 -3.01 -44.49 -14.94
CA TYR B 562 -2.02 -44.86 -15.94
C TYR B 562 -1.46 -46.23 -15.59
N GLN B 563 -1.83 -47.24 -16.38
CA GLN B 563 -1.34 -48.61 -16.23
C GLN B 563 -1.69 -49.19 -14.86
N GLY B 564 -2.93 -49.00 -14.43
CA GLY B 564 -3.46 -49.62 -13.24
C GLY B 564 -3.41 -48.76 -11.99
N ARG B 565 -2.54 -47.76 -11.96
CA ARG B 565 -2.35 -46.95 -10.76
C ARG B 565 -3.04 -45.60 -10.93
N SER B 566 -3.91 -45.27 -9.97
CA SER B 566 -4.66 -44.03 -9.97
C SER B 566 -4.06 -43.06 -8.97
N VAL B 567 -4.21 -41.77 -9.24
CA VAL B 567 -3.52 -40.75 -8.44
C VAL B 567 -4.44 -39.67 -7.89
N ASP B 568 -5.62 -39.44 -8.47
CA ASP B 568 -6.61 -38.50 -7.95
C ASP B 568 -6.04 -37.08 -7.83
N ALA B 569 -5.71 -36.51 -9.00
CA ALA B 569 -5.01 -35.25 -9.17
C ALA B 569 -5.95 -34.11 -9.54
N PRO B 570 -5.62 -32.87 -9.21
CA PRO B 570 -6.37 -31.73 -9.74
C PRO B 570 -6.10 -31.53 -11.23
N VAL B 571 -6.71 -30.52 -11.83
CA VAL B 571 -6.49 -30.22 -13.24
C VAL B 571 -6.40 -28.71 -13.40
N TRP B 572 -5.50 -28.28 -14.30
CA TRP B 572 -5.31 -26.86 -14.57
C TRP B 572 -5.05 -26.73 -16.07
N VAL B 573 -5.99 -26.12 -16.79
CA VAL B 573 -5.84 -25.99 -18.24
C VAL B 573 -4.71 -25.03 -18.55
N GLN B 574 -3.75 -25.49 -19.33
CA GLN B 574 -2.61 -24.66 -19.71
C GLN B 574 -2.63 -24.41 -21.20
N PRO B 575 -2.81 -23.17 -21.65
CA PRO B 575 -2.98 -22.91 -23.08
C PRO B 575 -1.81 -23.36 -23.94
N GLY B 576 -0.59 -23.12 -23.53
CA GLY B 576 0.48 -23.50 -24.46
C GLY B 576 0.67 -24.98 -24.60
N HIS B 577 0.09 -25.80 -23.73
CA HIS B 577 0.35 -27.23 -23.72
C HIS B 577 -0.02 -27.85 -25.06
N ALA B 578 0.28 -29.12 -25.21
CA ALA B 578 0.03 -29.87 -26.44
C ALA B 578 -1.27 -30.64 -26.35
N ASP B 579 -1.78 -31.02 -27.53
CA ASP B 579 -3.03 -31.75 -27.60
C ASP B 579 -2.89 -33.14 -26.98
N ASP B 580 -4.06 -33.70 -26.61
CA ASP B 580 -4.29 -35.04 -26.07
C ASP B 580 -3.13 -35.56 -25.21
N SER B 581 -2.69 -34.73 -24.26
CA SER B 581 -1.58 -35.08 -23.38
C SER B 581 -1.66 -34.22 -22.13
N VAL B 582 -1.33 -34.82 -20.99
CA VAL B 582 -1.26 -34.09 -19.73
C VAL B 582 0.16 -34.20 -19.20
N THR B 583 0.54 -33.25 -18.33
CA THR B 583 1.86 -33.37 -17.66
C THR B 583 1.65 -33.64 -16.16
N VAL B 584 2.73 -33.86 -15.42
CA VAL B 584 2.65 -34.04 -13.95
C VAL B 584 3.89 -33.37 -13.35
N HIS B 585 3.88 -33.06 -12.06
CA HIS B 585 5.08 -32.47 -11.41
C HIS B 585 5.69 -33.49 -10.45
N PHE B 586 7.02 -33.66 -10.49
CA PHE B 586 7.68 -34.71 -9.67
C PHE B 586 7.94 -34.22 -8.24
N GLY B 587 7.43 -34.93 -7.22
CA GLY B 587 7.84 -34.50 -5.91
C GLY B 587 6.90 -33.58 -5.15
N PHE B 588 5.64 -33.97 -4.99
CA PHE B 588 4.75 -33.18 -4.16
C PHE B 588 4.14 -33.95 -3.00
N GLY B 589 3.56 -35.12 -3.24
CA GLY B 589 2.84 -35.75 -2.16
C GLY B 589 3.74 -36.58 -1.28
N ARG B 590 4.23 -35.97 -0.20
CA ARG B 590 5.22 -36.59 0.67
C ARG B 590 4.61 -36.76 2.05
N THR B 591 4.46 -38.01 2.47
CA THR B 591 3.83 -38.29 3.76
C THR B 591 4.69 -37.80 4.93
N ALA B 592 6.01 -37.71 4.75
CA ALA B 592 6.89 -37.34 5.85
C ALA B 592 7.96 -36.35 5.41
N ALA B 593 7.56 -35.33 4.66
CA ALA B 593 8.51 -34.29 4.30
C ALA B 593 8.84 -33.41 5.49
N GLY B 594 7.83 -33.09 6.31
CA GLY B 594 8.02 -32.24 7.46
C GLY B 594 6.70 -31.60 7.88
N ARG B 595 6.72 -30.27 8.02
CA ARG B 595 5.50 -29.52 8.30
C ARG B 595 5.06 -28.64 7.15
N VAL B 596 5.84 -28.59 6.07
CA VAL B 596 5.55 -27.70 4.95
C VAL B 596 5.00 -28.50 3.79
N GLY B 597 5.79 -29.43 3.27
CA GLY B 597 5.35 -30.26 2.17
C GLY B 597 4.80 -31.59 2.65
N ASN B 598 4.07 -31.57 3.77
CA ASN B 598 3.61 -32.81 4.38
C ASN B 598 2.36 -33.36 3.72
N ASN B 599 1.52 -32.50 3.14
CA ASN B 599 0.31 -33.01 2.51
C ASN B 599 -0.03 -32.27 1.21
N VAL B 600 0.92 -31.58 0.60
CA VAL B 600 0.68 -30.99 -0.71
C VAL B 600 0.49 -32.13 -1.71
N GLY B 601 -0.74 -32.32 -2.16
CA GLY B 601 -1.17 -33.57 -2.72
C GLY B 601 -0.56 -33.90 -4.07
N PHE B 602 -1.10 -34.97 -4.66
CA PHE B 602 -0.74 -35.44 -5.99
C PHE B 602 0.74 -35.82 -6.07
N ASN B 603 1.08 -36.88 -5.35
CA ASN B 603 2.37 -37.55 -5.53
C ASN B 603 2.38 -38.19 -6.91
N ALA B 604 3.13 -37.59 -7.83
CA ALA B 604 3.17 -38.08 -9.20
C ALA B 604 4.16 -39.22 -9.41
N TYR B 605 4.91 -39.59 -8.38
CA TYR B 605 5.86 -40.69 -8.51
C TYR B 605 5.19 -42.05 -8.53
N ARG B 606 3.95 -42.14 -8.03
CA ARG B 606 3.24 -43.41 -8.00
C ARG B 606 2.50 -43.69 -9.29
N LEU B 607 2.87 -43.03 -10.40
CA LEU B 607 2.30 -43.30 -11.69
C LEU B 607 3.32 -43.76 -12.73
N ARG B 608 4.62 -43.71 -12.43
CA ARG B 608 5.63 -44.08 -13.40
C ARG B 608 5.61 -45.59 -13.64
N THR B 609 6.54 -46.06 -14.47
CA THR B 609 6.55 -47.47 -14.84
C THR B 609 7.94 -48.08 -14.83
N SER B 610 9.00 -47.27 -14.82
CA SER B 610 10.41 -47.64 -14.96
C SER B 610 10.73 -48.16 -16.37
N ALA B 611 9.73 -48.31 -17.23
CA ALA B 611 9.92 -48.51 -18.66
C ALA B 611 9.43 -47.33 -19.47
N THR B 612 8.40 -46.63 -18.98
CA THR B 612 7.97 -45.34 -19.49
C THR B 612 8.05 -44.34 -18.33
N PRO B 613 9.26 -43.98 -17.91
CA PRO B 613 9.41 -43.17 -16.70
C PRO B 613 9.23 -41.68 -16.90
N TRP B 614 9.09 -41.25 -18.17
CA TRP B 614 9.03 -39.78 -18.46
C TRP B 614 7.80 -39.41 -19.29
N PHE B 615 7.20 -40.37 -20.00
CA PHE B 615 5.99 -40.15 -20.76
C PHE B 615 5.41 -41.49 -21.18
N GLY B 616 4.08 -41.59 -21.13
CA GLY B 616 3.39 -42.80 -21.54
C GLY B 616 2.01 -42.49 -22.06
N VAL B 617 1.54 -43.35 -22.96
CA VAL B 617 0.33 -43.08 -23.73
C VAL B 617 -0.81 -43.99 -23.32
N GLY B 618 -0.84 -44.41 -22.05
CA GLY B 618 -1.91 -45.29 -21.59
C GLY B 618 -2.76 -44.68 -20.49
N LEU B 619 -3.07 -43.39 -20.61
CA LEU B 619 -3.74 -42.67 -19.53
C LEU B 619 -5.24 -42.63 -19.74
N GLU B 620 -5.98 -42.75 -18.63
CA GLU B 620 -7.43 -42.55 -18.60
C GLU B 620 -7.73 -41.51 -17.54
N VAL B 621 -8.36 -40.41 -17.94
CA VAL B 621 -8.45 -39.24 -17.05
C VAL B 621 -9.64 -39.37 -16.11
N ALA B 622 -10.85 -39.37 -16.65
CA ALA B 622 -12.06 -39.76 -15.92
C ALA B 622 -12.24 -38.95 -14.62
N LYS B 623 -12.52 -37.66 -14.80
CA LYS B 623 -12.69 -36.73 -13.68
C LYS B 623 -13.59 -37.28 -12.58
N VAL B 624 -13.13 -37.17 -11.34
CA VAL B 624 -13.87 -37.64 -10.17
C VAL B 624 -13.96 -36.55 -9.12
N GLY B 625 -13.65 -35.31 -9.50
CA GLY B 625 -13.68 -34.20 -8.57
C GLY B 625 -14.45 -33.03 -9.14
N GLU B 626 -14.87 -32.14 -8.24
CA GLU B 626 -15.69 -31.00 -8.61
C GLU B 626 -14.99 -29.67 -8.42
N ASN B 627 -14.39 -29.44 -7.25
CA ASN B 627 -13.82 -28.13 -6.97
C ASN B 627 -12.57 -28.30 -6.12
N TYR B 628 -11.57 -27.48 -6.40
CA TYR B 628 -10.32 -27.47 -5.65
C TYR B 628 -9.85 -26.03 -5.51
N LYS B 629 -8.94 -25.81 -4.56
CA LYS B 629 -8.49 -24.46 -4.28
C LYS B 629 -7.58 -23.93 -5.39
N LEU B 630 -6.44 -24.60 -5.58
CA LEU B 630 -5.47 -24.25 -6.62
C LEU B 630 -5.05 -22.78 -6.54
N ALA B 631 -4.37 -22.47 -5.43
CA ALA B 631 -3.91 -21.12 -5.15
C ALA B 631 -2.87 -20.70 -6.17
N SER B 632 -3.26 -19.84 -7.10
CA SER B 632 -2.35 -19.23 -8.05
C SER B 632 -2.29 -17.73 -7.80
N THR B 633 -1.12 -17.14 -8.01
CA THR B 633 -0.90 -15.75 -7.63
C THR B 633 -1.35 -14.75 -8.68
N GLN B 634 -1.33 -15.11 -9.97
CA GLN B 634 -1.50 -14.11 -11.00
C GLN B 634 -2.94 -13.64 -11.10
N GLY B 635 -3.86 -14.54 -11.42
CA GLY B 635 -5.21 -14.11 -11.70
C GLY B 635 -5.51 -14.18 -13.17
N HIS B 636 -5.50 -13.04 -13.86
CA HIS B 636 -5.73 -13.03 -15.30
C HIS B 636 -4.44 -13.28 -16.05
N PHE B 637 -4.45 -14.29 -16.92
CA PHE B 637 -3.29 -14.67 -17.69
C PHE B 637 -3.33 -14.12 -19.10
N LEU B 638 -4.03 -13.02 -19.32
CA LEU B 638 -4.22 -12.45 -20.66
C LEU B 638 -3.86 -10.98 -20.66
N MET B 639 -3.15 -10.57 -21.70
CA MET B 639 -2.85 -9.15 -21.94
C MET B 639 -4.12 -8.53 -22.49
N GLU B 640 -4.95 -7.96 -21.61
CA GLU B 640 -6.27 -7.48 -21.99
C GLU B 640 -6.18 -6.19 -22.79
N GLY B 641 -5.60 -6.27 -24.00
CA GLY B 641 -5.35 -5.09 -24.79
C GLY B 641 -4.37 -4.11 -24.20
N ARG B 642 -3.83 -4.39 -23.02
CA ARG B 642 -2.98 -3.47 -22.29
C ARG B 642 -1.51 -3.63 -22.63
N LYS B 643 -1.21 -4.13 -23.83
CA LYS B 643 0.10 -3.93 -24.41
C LYS B 643 0.41 -2.43 -24.44
N LYS B 644 1.70 -2.11 -24.50
CA LYS B 644 2.33 -0.81 -24.28
C LYS B 644 2.39 -0.45 -22.80
N ASP B 645 1.78 -1.23 -21.91
CA ASP B 645 1.87 -0.99 -20.47
C ASP B 645 2.35 -2.26 -19.80
N LEU B 646 2.00 -3.39 -20.39
CA LEU B 646 2.55 -4.69 -20.01
C LEU B 646 3.76 -4.96 -20.88
N VAL B 647 4.21 -6.22 -20.92
CA VAL B 647 5.37 -6.57 -21.73
C VAL B 647 5.06 -6.31 -23.20
N ARG B 648 5.81 -5.39 -23.80
CA ARG B 648 5.71 -5.11 -25.22
C ARG B 648 6.52 -6.15 -26.00
N TYR B 649 5.93 -6.70 -27.04
CA TYR B 649 6.61 -7.70 -27.85
C TYR B 649 6.81 -7.18 -29.27
N GLY B 650 7.63 -7.89 -30.01
CA GLY B 650 7.89 -7.56 -31.39
C GLY B 650 8.55 -8.74 -32.07
N THR B 651 9.34 -8.44 -33.10
CA THR B 651 10.13 -9.46 -33.76
C THR B 651 11.30 -8.78 -34.45
N LEU B 652 12.40 -9.52 -34.62
CA LEU B 652 13.56 -8.94 -35.27
C LEU B 652 13.33 -8.66 -36.75
N ALA B 653 12.26 -9.21 -37.32
CA ALA B 653 11.89 -8.86 -38.69
C ALA B 653 11.49 -7.40 -38.80
N GLU B 654 10.94 -6.83 -37.74
CA GLU B 654 10.53 -5.44 -37.73
C GLU B 654 11.30 -4.59 -36.74
N TYR B 655 12.39 -5.12 -36.18
CA TYR B 655 13.28 -4.32 -35.35
C TYR B 655 14.49 -3.80 -36.11
N VAL B 656 15.00 -4.55 -37.08
CA VAL B 656 16.10 -4.06 -37.90
C VAL B 656 15.64 -2.94 -38.81
N GLU B 657 14.37 -2.96 -39.23
CA GLU B 657 13.85 -1.93 -40.12
C GLU B 657 13.42 -0.66 -39.39
N ASP B 658 13.12 -0.76 -38.10
CA ASP B 658 12.75 0.42 -37.30
C ASP B 658 13.06 0.08 -35.84
N GLU B 659 14.11 0.68 -35.29
CA GLU B 659 14.51 0.37 -33.93
C GLU B 659 13.46 0.82 -32.93
N LYS B 660 12.94 2.03 -33.10
CA LYS B 660 11.91 2.56 -32.20
C LYS B 660 10.50 2.25 -32.72
N PHE B 661 10.23 0.98 -33.00
CA PHE B 661 8.97 0.60 -33.60
C PHE B 661 7.87 0.34 -32.58
N LEU B 662 8.20 0.21 -31.30
CA LEU B 662 7.20 0.10 -30.26
C LEU B 662 7.29 1.18 -29.20
N GLN B 663 8.36 1.97 -29.19
CA GLN B 663 8.42 3.17 -28.37
C GLN B 663 7.41 4.18 -28.92
N VAL B 664 6.32 4.39 -28.21
CA VAL B 664 5.31 5.36 -28.64
C VAL B 664 5.87 6.77 -28.47
N GLU B 665 5.71 7.59 -29.49
CA GLU B 665 6.15 8.98 -29.44
C GLU B 665 5.06 9.80 -28.76
N LYS B 666 5.31 10.16 -27.51
CA LYS B 666 4.37 10.94 -26.71
C LYS B 666 5.06 12.22 -26.24
N GLU B 667 4.29 13.30 -26.17
CA GLU B 667 4.83 14.56 -25.69
C GLU B 667 5.07 14.51 -24.19
N GLU B 668 5.82 15.48 -23.70
CA GLU B 668 6.09 15.62 -22.27
C GLU B 668 4.78 15.78 -21.52
N PRO B 669 4.42 14.82 -20.67
CA PRO B 669 3.13 14.89 -19.98
C PRO B 669 3.13 15.99 -18.93
N ILE B 670 2.04 16.75 -18.88
CA ILE B 670 1.91 17.83 -17.91
C ILE B 670 1.75 17.23 -16.53
N SER B 671 2.44 17.81 -15.55
CA SER B 671 2.40 17.34 -14.17
C SER B 671 2.30 18.54 -13.25
N LEU B 672 1.14 18.69 -12.59
CA LEU B 672 0.96 19.80 -11.66
C LEU B 672 1.80 19.64 -10.41
N ILE B 673 2.22 18.42 -10.09
CA ILE B 673 2.80 18.12 -8.77
C ILE B 673 4.30 18.32 -8.89
N GLY B 674 4.71 19.58 -8.86
CA GLY B 674 6.11 19.98 -8.76
C GLY B 674 7.09 19.23 -9.62
N GLU B 675 8.35 19.20 -9.17
CA GLU B 675 9.39 18.32 -9.69
C GLU B 675 10.59 18.38 -8.77
N TYR B 676 11.10 17.24 -8.33
CA TYR B 676 12.24 17.19 -7.45
C TYR B 676 13.47 16.73 -8.21
N GLU B 677 14.63 17.19 -7.76
CA GLU B 677 15.90 16.85 -8.37
C GLU B 677 16.62 15.84 -7.48
N TYR B 678 17.16 14.80 -8.10
CA TYR B 678 17.95 13.79 -7.41
C TYR B 678 19.37 13.88 -7.95
N ASN B 679 20.17 14.75 -7.34
CA ASN B 679 21.57 14.88 -7.69
C ASN B 679 22.44 13.82 -7.03
N GLY B 680 21.85 12.93 -6.24
CA GLY B 680 22.62 11.87 -5.64
C GLY B 680 22.13 10.48 -6.01
N TYR B 681 22.93 9.81 -6.84
CA TYR B 681 22.91 8.38 -7.10
C TYR B 681 21.72 7.87 -7.91
N LYS B 682 20.62 8.64 -8.00
CA LYS B 682 19.47 8.39 -8.88
C LYS B 682 19.21 6.91 -9.11
N TRP B 683 18.96 6.15 -8.04
CA TRP B 683 19.00 4.69 -8.16
C TRP B 683 17.92 4.17 -9.10
N GLY B 684 18.35 3.59 -10.21
CA GLY B 684 17.42 3.11 -11.21
C GLY B 684 17.75 1.70 -11.65
N MET B 685 16.76 1.05 -12.25
CA MET B 685 16.85 -0.34 -12.66
C MET B 685 16.36 -0.47 -14.09
N SER B 686 16.98 -1.38 -14.85
CA SER B 686 16.63 -1.58 -16.26
C SER B 686 16.49 -3.07 -16.52
N ILE B 687 15.25 -3.54 -16.55
CA ILE B 687 14.98 -4.96 -16.76
C ILE B 687 14.89 -5.24 -18.25
N ASP B 688 15.46 -6.36 -18.67
CA ASP B 688 15.44 -6.79 -20.07
C ASP B 688 14.50 -7.97 -20.16
N LEU B 689 13.22 -7.70 -20.47
CA LEU B 689 12.22 -8.75 -20.56
C LEU B 689 12.46 -9.69 -21.72
N ASN B 690 13.39 -9.37 -22.63
CA ASN B 690 13.70 -10.28 -23.72
C ASN B 690 14.32 -11.57 -23.21
N VAL B 691 14.95 -11.53 -22.03
CA VAL B 691 15.68 -12.67 -21.51
C VAL B 691 15.15 -13.14 -20.16
N CYS B 692 13.96 -12.69 -19.76
CA CYS B 692 13.37 -13.17 -18.51
C CYS B 692 12.61 -14.45 -18.77
N ASN B 693 13.26 -15.59 -18.55
CA ASN B 693 12.69 -16.90 -18.82
C ASN B 693 11.86 -17.43 -17.67
N SER B 694 11.44 -16.57 -16.74
CA SER B 694 10.61 -16.94 -15.60
C SER B 694 11.26 -18.06 -14.77
N CYS B 695 12.56 -17.94 -14.52
CA CYS B 695 13.24 -18.92 -13.70
C CYS B 695 12.79 -18.86 -12.26
N ASN B 696 12.13 -17.76 -11.87
CA ASN B 696 11.66 -17.47 -10.52
C ASN B 696 12.80 -17.45 -9.52
N ALA B 697 14.04 -17.32 -9.95
CA ALA B 697 15.15 -17.21 -9.02
C ALA B 697 15.19 -15.83 -8.40
N CYS B 698 14.67 -14.83 -9.10
CA CYS B 698 14.58 -13.49 -8.52
C CYS B 698 13.47 -13.40 -7.49
N VAL B 699 12.49 -14.29 -7.57
CA VAL B 699 11.41 -14.29 -6.59
C VAL B 699 11.92 -14.81 -5.24
N VAL B 700 12.76 -15.83 -5.26
CA VAL B 700 13.34 -16.35 -4.02
C VAL B 700 14.50 -15.47 -3.56
N ALA B 701 15.26 -14.90 -4.48
CA ALA B 701 16.35 -14.00 -4.10
C ALA B 701 15.84 -12.80 -3.34
N CYS B 702 14.65 -12.31 -3.66
CA CYS B 702 14.04 -11.28 -2.85
C CYS B 702 13.49 -11.82 -1.54
N GLN B 703 13.25 -13.13 -1.45
CA GLN B 703 12.80 -13.71 -0.20
C GLN B 703 13.98 -14.01 0.72
N SER B 704 15.07 -14.55 0.17
CA SER B 704 16.23 -14.83 0.99
C SER B 704 16.86 -13.55 1.53
N GLU B 705 16.77 -12.46 0.78
CA GLU B 705 17.43 -11.22 1.13
C GLU B 705 16.56 -10.33 2.01
N ASN B 706 15.26 -10.24 1.73
CA ASN B 706 14.40 -9.25 2.37
C ASN B 706 13.52 -9.83 3.46
N ASN B 707 13.84 -11.03 3.95
CA ASN B 707 13.08 -11.68 5.02
C ASN B 707 11.59 -11.77 4.70
N ILE B 708 11.28 -11.94 3.43
CA ILE B 708 9.86 -12.00 3.01
C ILE B 708 9.23 -13.26 3.57
N PRO B 709 8.06 -13.17 4.20
CA PRO B 709 7.48 -14.36 4.84
C PRO B 709 6.71 -15.24 3.87
N VAL B 710 6.83 -16.55 4.09
CA VAL B 710 6.00 -17.50 3.38
C VAL B 710 4.56 -17.32 3.83
N VAL B 711 3.62 -17.60 2.94
CA VAL B 711 2.20 -17.56 3.25
C VAL B 711 1.63 -18.94 2.96
N GLY B 712 0.64 -19.35 3.74
CA GLY B 712 -0.01 -20.61 3.48
C GLY B 712 -0.79 -20.60 2.19
N LYS B 713 -1.08 -21.81 1.70
CA LYS B 713 -1.90 -21.92 0.49
C LYS B 713 -3.30 -21.37 0.72
N ASP B 714 -3.81 -21.48 1.96
CA ASP B 714 -5.14 -20.98 2.26
C ASP B 714 -5.21 -19.47 2.12
N GLU B 715 -4.08 -18.78 2.30
CA GLU B 715 -4.03 -17.33 2.21
C GLU B 715 -3.38 -16.84 0.93
N VAL B 716 -2.83 -17.73 0.11
CA VAL B 716 -2.39 -17.33 -1.23
C VAL B 716 -3.57 -17.36 -2.20
N TRP B 717 -4.46 -18.33 -2.01
CA TRP B 717 -5.70 -18.36 -2.80
C TRP B 717 -6.54 -17.11 -2.54
N LEU B 718 -6.40 -16.50 -1.37
CA LEU B 718 -6.98 -15.19 -1.09
C LEU B 718 -6.18 -14.05 -1.67
N GLY B 719 -5.16 -14.33 -2.48
CA GLY B 719 -4.37 -13.26 -3.06
C GLY B 719 -3.54 -12.48 -2.06
N ARG B 720 -3.01 -13.14 -1.05
CA ARG B 720 -2.16 -12.50 -0.06
C ARG B 720 -0.78 -13.13 -0.04
N GLU B 721 -0.19 -13.31 -1.21
CA GLU B 721 1.19 -13.79 -1.28
C GLU B 721 2.13 -12.62 -1.05
N MET B 722 3.15 -12.83 -0.23
CA MET B 722 4.20 -11.84 -0.02
C MET B 722 5.28 -12.12 -1.05
N HIS B 723 5.29 -11.33 -2.12
CA HIS B 723 6.29 -11.47 -3.17
C HIS B 723 6.51 -10.08 -3.74
N TRP B 724 7.61 -9.45 -3.33
CA TRP B 724 7.88 -8.09 -3.77
C TRP B 724 8.15 -8.03 -5.26
N ILE B 725 8.60 -9.12 -5.85
CA ILE B 725 8.90 -9.22 -7.28
C ILE B 725 8.15 -10.41 -7.84
N ARG B 726 7.42 -10.20 -8.93
CA ARG B 726 6.63 -11.25 -9.54
C ARG B 726 6.81 -11.19 -11.04
N ILE B 727 6.79 -12.36 -11.67
CA ILE B 727 6.90 -12.50 -13.11
C ILE B 727 5.51 -12.81 -13.66
N ASP B 728 5.15 -12.20 -14.78
CA ASP B 728 3.78 -12.24 -15.28
C ASP B 728 3.75 -12.85 -16.67
N GLN B 729 3.22 -14.07 -16.77
CA GLN B 729 2.90 -14.66 -18.06
C GLN B 729 1.61 -14.05 -18.60
N TYR B 730 1.51 -13.92 -19.92
CA TYR B 730 0.41 -13.17 -20.49
C TYR B 730 -0.29 -13.78 -21.70
N TYR B 731 0.28 -14.78 -22.38
CA TYR B 731 -0.47 -15.68 -23.26
C TYR B 731 -1.24 -14.92 -24.35
N VAL B 732 -0.51 -14.27 -25.25
CA VAL B 732 -1.17 -13.45 -26.27
C VAL B 732 -1.69 -14.34 -27.40
N GLY B 733 -3.01 -14.36 -27.57
CA GLY B 733 -3.66 -14.89 -28.76
C GLY B 733 -3.59 -16.39 -28.95
N ASP B 734 -4.59 -16.96 -29.63
CA ASP B 734 -4.57 -18.34 -30.11
C ASP B 734 -4.33 -19.32 -28.94
N GLU B 735 -5.35 -19.41 -28.07
CA GLU B 735 -5.22 -20.12 -26.81
C GLU B 735 -4.81 -21.58 -26.96
N HIS B 736 -4.77 -22.11 -28.19
CA HIS B 736 -4.24 -23.45 -28.40
C HIS B 736 -2.71 -23.43 -28.46
N THR B 737 -2.14 -22.45 -29.15
CA THR B 737 -0.69 -22.29 -29.28
C THR B 737 -0.31 -20.83 -29.05
N PRO B 738 -0.37 -20.36 -27.81
CA PRO B 738 -0.10 -18.95 -27.56
C PRO B 738 1.36 -18.65 -27.28
N ASN B 739 1.84 -17.55 -27.85
CA ASN B 739 3.10 -16.99 -27.42
C ASN B 739 2.97 -16.45 -26.01
N VAL B 740 4.01 -16.62 -25.22
CA VAL B 740 3.98 -16.29 -23.80
C VAL B 740 5.12 -15.33 -23.50
N TYR B 741 4.78 -14.23 -22.82
CA TYR B 741 5.74 -13.18 -22.53
C TYR B 741 5.74 -12.87 -21.04
N ASN B 742 6.90 -12.52 -20.52
CA ASN B 742 7.08 -12.20 -19.11
C ASN B 742 7.33 -10.72 -18.93
N MET B 743 6.63 -10.11 -17.98
CA MET B 743 6.97 -8.80 -17.47
C MET B 743 7.17 -8.96 -15.97
N VAL B 744 8.42 -9.14 -15.56
CA VAL B 744 8.73 -9.27 -14.15
C VAL B 744 8.41 -7.97 -13.43
N MET B 745 7.42 -8.01 -12.55
CA MET B 745 6.84 -6.81 -11.97
C MET B 745 7.32 -6.66 -10.53
N LEU B 746 7.97 -5.54 -10.26
CA LEU B 746 8.41 -5.16 -8.93
C LEU B 746 8.04 -3.71 -8.70
N CYS B 747 8.40 -3.17 -7.55
CA CYS B 747 8.07 -1.78 -7.27
C CYS B 747 8.89 -0.86 -8.14
N GLN B 748 8.21 -0.16 -9.05
CA GLN B 748 8.88 0.69 -10.03
C GLN B 748 9.61 1.87 -9.40
N GLN B 749 9.50 2.07 -8.09
CA GLN B 749 10.10 3.19 -7.38
C GLN B 749 9.79 4.51 -8.08
N CYS B 750 8.49 4.73 -8.27
CA CYS B 750 8.00 5.84 -9.07
C CYS B 750 8.45 7.16 -8.48
N GLU B 751 8.92 8.07 -9.35
CA GLU B 751 9.29 9.40 -8.88
C GLU B 751 8.07 10.19 -8.43
N HIS B 752 7.01 10.14 -9.23
CA HIS B 752 5.71 10.67 -8.81
C HIS B 752 4.86 9.52 -8.25
N ALA B 753 5.34 8.96 -7.15
CA ALA B 753 4.76 7.76 -6.58
C ALA B 753 3.35 8.03 -6.09
N PRO B 754 2.33 7.42 -6.69
CA PRO B 754 0.97 7.64 -6.20
C PRO B 754 0.69 6.95 -4.88
N CYS B 755 1.49 5.95 -4.54
CA CYS B 755 1.33 5.20 -3.30
C CYS B 755 1.90 5.93 -2.10
N GLU B 756 2.51 7.10 -2.30
CA GLU B 756 3.07 7.88 -1.22
C GLU B 756 2.16 9.01 -0.75
N ILE B 757 1.46 9.64 -1.68
CA ILE B 757 0.57 10.76 -1.38
C ILE B 757 -0.65 10.25 -0.64
N VAL B 758 -0.73 8.92 -0.50
CA VAL B 758 -1.97 8.30 0.04
C VAL B 758 -1.71 7.61 1.38
N CYS B 759 -0.53 7.77 1.96
CA CYS B 759 -0.30 7.19 3.31
C CYS B 759 -0.65 8.25 4.36
N PRO B 760 -1.68 8.04 5.21
CA PRO B 760 -2.11 9.08 6.16
C PRO B 760 -1.01 9.45 7.16
N VAL B 761 -0.26 8.48 7.64
CA VAL B 761 0.77 8.76 8.68
C VAL B 761 2.12 9.03 8.00
N ALA B 762 2.15 8.99 6.65
CA ALA B 762 3.37 9.35 5.93
C ALA B 762 4.47 8.32 6.12
N ALA B 763 4.07 7.04 6.08
CA ALA B 763 5.05 5.94 6.22
C ALA B 763 5.86 5.86 4.94
N THR B 764 5.18 5.56 3.82
CA THR B 764 5.92 5.36 2.56
C THR B 764 6.20 6.73 1.92
N VAL B 765 7.47 7.17 1.98
CA VAL B 765 7.86 8.45 1.39
C VAL B 765 8.96 8.16 0.38
N HIS B 766 9.28 9.17 -0.42
CA HIS B 766 10.32 9.02 -1.42
C HIS B 766 11.68 9.33 -0.80
N ASP B 767 12.73 9.19 -1.60
CA ASP B 767 14.09 9.33 -1.14
C ASP B 767 14.79 10.44 -1.89
N ALA B 768 15.86 10.98 -1.29
CA ALA B 768 16.72 11.88 -2.03
C ALA B 768 17.58 11.14 -3.04
N GLU B 769 17.74 9.82 -2.84
CA GLU B 769 18.40 9.00 -3.83
C GLU B 769 17.45 8.59 -4.96
N GLY B 770 16.15 8.68 -4.75
CA GLY B 770 15.19 8.50 -5.80
C GLY B 770 14.41 7.20 -5.81
N LEU B 771 14.20 6.56 -4.66
CA LEU B 771 13.44 5.33 -4.60
C LEU B 771 12.46 5.38 -3.44
N ASN B 772 11.23 4.96 -3.71
CA ASN B 772 10.16 4.93 -2.70
C ASN B 772 10.62 4.16 -1.47
N ASN B 773 10.66 4.85 -0.34
CA ASN B 773 11.03 4.23 0.92
C ASN B 773 9.79 3.75 1.64
N MET B 774 9.63 2.44 1.73
CA MET B 774 8.61 1.84 2.60
C MET B 774 9.25 1.78 3.98
N VAL B 775 8.58 2.38 4.97
CA VAL B 775 9.02 2.34 6.35
C VAL B 775 8.06 1.43 7.09
N TYR B 776 8.54 0.25 7.47
CA TYR B 776 7.64 -0.77 7.99
C TYR B 776 7.14 -0.43 9.38
N ASN B 777 7.77 0.50 10.08
CA ASN B 777 7.40 0.78 11.45
C ASN B 777 6.37 1.88 11.58
N ARG B 778 6.39 2.84 10.64
CA ARG B 778 5.41 3.95 10.66
C ARG B 778 4.14 3.48 9.95
N CYS B 779 4.12 2.23 9.51
CA CYS B 779 2.94 1.76 8.73
C CYS B 779 1.88 1.29 9.71
N VAL B 780 0.71 1.96 9.72
CA VAL B 780 -0.36 1.61 10.69
C VAL B 780 -1.28 0.58 10.02
N GLY B 781 -0.93 0.16 8.80
CA GLY B 781 -1.73 -0.87 8.13
C GLY B 781 -2.99 -0.35 7.49
N THR B 782 -3.03 0.95 7.15
CA THR B 782 -4.21 1.49 6.44
C THR B 782 -4.38 0.68 5.15
N LYS B 783 -3.28 0.35 4.47
CA LYS B 783 -3.32 -0.53 3.26
C LYS B 783 -3.92 0.22 2.06
N TYR B 784 -4.14 1.52 2.22
CA TYR B 784 -4.63 2.34 1.08
C TYR B 784 -3.55 2.39 0.00
N CYS B 785 -2.27 2.47 0.40
CA CYS B 785 -1.21 2.64 -0.62
C CYS B 785 -1.34 1.61 -1.73
N SER B 786 -1.69 0.34 -1.42
CA SER B 786 -1.80 -0.57 -2.56
C SER B 786 -2.90 -0.14 -3.51
N ASN B 787 -4.01 0.38 -2.98
CA ASN B 787 -5.12 0.76 -3.84
C ASN B 787 -4.76 1.91 -4.76
N ASN B 788 -3.85 2.77 -4.34
CA ASN B 788 -3.36 3.82 -5.23
C ASN B 788 -2.21 3.35 -6.10
N CYS B 789 -1.49 2.31 -5.69
CA CYS B 789 -0.43 1.75 -6.51
C CYS B 789 -1.01 1.22 -7.82
N PRO B 790 -0.57 1.73 -8.97
CA PRO B 790 -1.18 1.28 -10.22
C PRO B 790 -0.82 -0.15 -10.57
N TYR B 791 0.32 -0.62 -10.08
CA TYR B 791 0.85 -1.93 -10.42
C TYR B 791 0.50 -3.00 -9.40
N LYS B 792 -0.02 -2.60 -8.23
CA LYS B 792 -0.35 -3.51 -7.15
C LYS B 792 0.86 -4.36 -6.76
N VAL B 793 2.00 -3.71 -6.59
CA VAL B 793 3.20 -4.38 -6.14
C VAL B 793 3.23 -4.49 -4.62
N ARG B 794 2.72 -3.48 -3.91
CA ARG B 794 2.79 -3.46 -2.45
C ARG B 794 2.01 -4.63 -1.88
N ARG B 795 2.68 -5.45 -1.08
CA ARG B 795 2.07 -6.58 -0.39
C ARG B 795 1.93 -6.24 1.08
N PHE B 796 0.86 -6.73 1.69
CA PHE B 796 0.48 -6.35 3.04
C PHE B 796 0.56 -7.56 3.96
N ASN B 797 1.23 -7.39 5.10
CA ASN B 797 1.24 -8.43 6.14
C ASN B 797 -0.11 -8.42 6.82
N PHE B 798 -1.07 -9.12 6.19
CA PHE B 798 -2.45 -9.11 6.69
C PHE B 798 -2.54 -9.74 8.07
N LEU B 799 -2.13 -11.00 8.18
CA LEU B 799 -2.00 -11.65 9.47
C LEU B 799 -0.53 -11.64 9.84
N GLN B 800 -0.19 -12.29 10.95
CA GLN B 800 1.21 -12.41 11.34
C GLN B 800 1.86 -13.45 10.42
N TYR B 801 2.22 -13.00 9.23
CA TYR B 801 2.95 -13.84 8.29
C TYR B 801 4.37 -13.97 8.78
N GLN B 802 4.65 -15.07 9.47
CA GLN B 802 5.98 -15.39 9.96
C GLN B 802 6.00 -16.85 10.40
N ASP B 803 6.92 -17.64 9.83
CA ASP B 803 6.99 -19.08 10.07
C ASP B 803 5.68 -19.77 9.70
N VAL B 804 5.02 -19.28 8.65
CA VAL B 804 3.61 -19.64 8.40
C VAL B 804 3.42 -21.13 8.12
N PRO B 805 4.23 -21.80 7.31
CA PRO B 805 4.06 -23.25 7.18
C PRO B 805 4.32 -24.00 8.48
N TYR B 806 5.02 -23.38 9.43
CA TYR B 806 5.27 -23.98 10.74
C TYR B 806 4.31 -23.47 11.81
N ARG B 807 3.56 -22.42 11.53
CA ARG B 807 2.47 -21.99 12.42
C ARG B 807 1.41 -21.31 11.56
N SER B 808 0.23 -21.90 11.51
CA SER B 808 -0.85 -21.36 10.68
C SER B 808 -1.13 -19.92 11.08
N PRO B 809 -1.18 -18.99 10.13
CA PRO B 809 -1.20 -17.56 10.50
C PRO B 809 -2.51 -17.12 11.12
N ILE B 810 -3.56 -17.95 11.05
CA ILE B 810 -4.88 -17.58 11.54
C ILE B 810 -4.97 -17.79 13.04
N ASP B 811 -3.86 -18.08 13.68
CA ASP B 811 -3.80 -18.14 15.13
C ASP B 811 -3.06 -16.92 15.68
N ALA B 812 -3.18 -16.74 16.99
CA ALA B 812 -2.47 -15.64 17.64
C ALA B 812 -1.86 -16.02 18.97
N SER B 813 -1.94 -17.28 19.38
CA SER B 813 -1.32 -17.69 20.62
C SER B 813 0.19 -17.75 20.52
N THR B 814 0.72 -17.92 19.30
CA THR B 814 2.16 -18.03 19.08
C THR B 814 2.67 -17.00 18.09
N GLU B 815 1.88 -15.99 17.74
CA GLU B 815 2.30 -15.04 16.72
C GLU B 815 3.43 -14.13 17.17
N ASN B 816 3.71 -14.08 18.47
CA ASN B 816 4.89 -13.39 18.98
C ASN B 816 6.04 -14.34 19.28
N ASP B 817 5.79 -15.64 19.30
CA ASP B 817 6.83 -16.65 19.48
C ASP B 817 7.41 -16.99 18.12
N SER B 818 8.72 -16.85 17.99
CA SER B 818 9.42 -17.11 16.74
C SER B 818 10.20 -18.41 16.84
N ILE B 819 10.28 -19.14 15.72
CA ILE B 819 11.09 -20.35 15.65
C ILE B 819 12.54 -19.94 15.79
N PRO B 820 13.28 -20.46 16.77
CA PRO B 820 14.68 -20.04 16.94
C PRO B 820 15.59 -20.48 15.82
N VAL B 821 15.27 -21.58 15.13
CA VAL B 821 16.12 -22.02 14.04
C VAL B 821 15.94 -21.13 12.83
N LEU B 822 14.72 -20.60 12.62
CA LEU B 822 14.45 -19.75 11.47
C LEU B 822 15.01 -18.35 11.63
N LYS B 823 15.29 -17.91 12.86
CA LYS B 823 15.78 -16.55 13.07
C LYS B 823 17.17 -16.31 12.49
N MET B 824 17.85 -17.36 12.02
CA MET B 824 19.20 -17.20 11.50
C MET B 824 19.23 -16.98 10.00
N MET B 825 18.28 -17.57 9.27
CA MET B 825 18.19 -17.33 7.83
C MET B 825 17.77 -15.92 7.49
N ARG B 826 17.21 -15.19 8.45
CA ARG B 826 16.76 -13.82 8.21
C ARG B 826 17.95 -12.90 8.05
N ASN B 827 17.79 -11.92 7.18
CA ASN B 827 18.86 -10.96 6.93
C ASN B 827 18.98 -10.01 8.11
N PRO B 828 20.15 -9.83 8.69
CA PRO B 828 20.27 -8.95 9.86
C PRO B 828 20.21 -7.47 9.55
N ASP B 829 19.85 -7.09 8.32
CA ASP B 829 19.68 -5.68 8.00
C ASP B 829 18.42 -5.43 7.18
N VAL B 830 17.41 -6.28 7.32
CA VAL B 830 16.09 -6.05 6.76
C VAL B 830 15.07 -6.31 7.85
N THR B 831 14.11 -5.40 7.99
CA THR B 831 13.12 -5.52 9.06
C THR B 831 12.24 -6.74 8.84
N VAL B 832 12.08 -7.54 9.89
CA VAL B 832 11.18 -8.68 9.88
C VAL B 832 9.80 -8.13 10.24
N ARG B 833 8.96 -7.94 9.23
CA ARG B 833 7.72 -7.20 9.41
C ARG B 833 6.77 -7.93 10.36
N ALA B 834 6.09 -7.16 11.19
CA ALA B 834 5.00 -7.67 12.01
C ALA B 834 3.74 -7.72 11.15
N ARG B 835 2.58 -7.94 11.78
CA ARG B 835 1.35 -7.95 11.01
C ARG B 835 0.81 -6.53 10.90
N GLY B 836 0.07 -6.29 9.82
CA GLY B 836 -0.48 -4.98 9.58
C GLY B 836 0.52 -3.98 9.05
N VAL B 837 1.46 -4.42 8.22
CA VAL B 837 2.53 -3.57 7.72
C VAL B 837 2.75 -3.91 6.25
N MET B 838 2.55 -2.91 5.39
CA MET B 838 2.71 -3.13 3.93
C MET B 838 4.20 -3.17 3.58
N GLU B 839 4.55 -3.87 2.50
CA GLU B 839 5.92 -3.97 2.04
C GLU B 839 5.95 -3.94 0.53
N LYS B 840 7.14 -3.73 -0.03
CA LYS B 840 7.31 -3.58 -1.47
C LYS B 840 8.78 -3.71 -1.80
N CYS B 841 9.08 -3.92 -3.08
CA CYS B 841 10.46 -4.06 -3.53
C CYS B 841 11.22 -2.76 -3.37
N THR B 842 12.08 -2.71 -2.36
CA THR B 842 12.74 -1.47 -1.95
C THR B 842 14.06 -1.22 -2.64
N PHE B 843 14.28 -1.78 -3.83
CA PHE B 843 15.58 -1.79 -4.51
C PHE B 843 16.69 -2.31 -3.60
N CYS B 844 16.35 -3.15 -2.62
CA CYS B 844 17.31 -3.69 -1.67
C CYS B 844 18.10 -2.56 -1.01
N VAL B 845 17.40 -1.74 -0.24
CA VAL B 845 18.08 -0.68 0.52
C VAL B 845 19.08 -1.27 1.49
N GLN B 846 18.88 -2.51 1.92
CA GLN B 846 19.86 -3.18 2.76
C GLN B 846 21.20 -3.34 2.06
N ARG B 847 21.22 -3.27 0.73
CA ARG B 847 22.45 -3.31 -0.04
C ARG B 847 22.90 -1.94 -0.51
N ILE B 848 21.96 -1.00 -0.69
CA ILE B 848 22.32 0.35 -1.05
C ILE B 848 22.90 1.09 0.14
N ASN B 849 22.28 0.94 1.31
CA ASN B 849 22.75 1.65 2.49
C ASN B 849 24.10 1.12 2.96
N GLU B 850 24.24 -0.20 3.05
CA GLU B 850 25.50 -0.76 3.53
C GLU B 850 26.66 -0.47 2.57
N ALA B 851 26.37 -0.14 1.32
CA ALA B 851 27.42 0.18 0.36
C ALA B 851 27.66 1.68 0.25
N ARG B 852 26.60 2.48 0.29
CA ARG B 852 26.79 3.93 0.34
C ARG B 852 27.51 4.34 1.62
N ILE B 853 27.14 3.75 2.75
CA ILE B 853 27.78 4.07 4.02
C ILE B 853 29.24 3.63 4.01
N GLN B 854 29.52 2.50 3.36
CA GLN B 854 30.91 2.11 3.19
C GLN B 854 31.63 3.04 2.23
N ALA B 855 30.90 3.68 1.32
CA ALA B 855 31.53 4.62 0.39
C ALA B 855 31.76 5.98 1.05
N ARG B 856 30.80 6.45 1.84
CA ARG B 856 30.98 7.71 2.54
C ARG B 856 32.02 7.59 3.64
N THR B 857 32.16 6.40 4.25
CA THR B 857 33.22 6.18 5.22
C THR B 857 34.59 6.27 4.58
N GLU B 858 34.73 5.75 3.36
CA GLU B 858 35.99 5.76 2.64
C GLU B 858 36.16 7.01 1.77
N ASN B 859 35.24 7.97 1.87
CA ASN B 859 35.32 9.25 1.18
C ASN B 859 35.40 9.09 -0.34
N ARG B 860 34.69 8.11 -0.89
CA ARG B 860 34.68 7.85 -2.32
C ARG B 860 33.24 7.72 -2.80
N ARG B 861 33.07 7.46 -4.09
CA ARG B 861 31.76 7.29 -4.68
C ARG B 861 31.49 5.82 -4.98
N ILE B 862 30.21 5.53 -5.25
CA ILE B 862 29.78 4.16 -5.47
C ILE B 862 30.16 3.74 -6.89
N ALA B 863 30.89 2.63 -7.00
CA ALA B 863 31.22 2.08 -8.30
C ALA B 863 29.97 1.52 -8.96
N ASP B 864 30.05 1.36 -10.28
CA ASP B 864 28.87 0.96 -11.05
C ASP B 864 28.41 -0.44 -10.69
N GLY B 865 29.36 -1.34 -10.43
CA GLY B 865 28.99 -2.71 -10.13
C GLY B 865 29.06 -3.05 -8.65
N GLU B 866 29.08 -2.03 -7.80
CA GLU B 866 29.23 -2.25 -6.37
C GLU B 866 27.92 -2.55 -5.66
N ILE B 867 26.81 -2.00 -6.14
CA ILE B 867 25.51 -2.21 -5.51
C ILE B 867 24.69 -3.05 -6.46
N MET B 868 24.67 -4.36 -6.24
CA MET B 868 23.84 -5.29 -7.00
C MET B 868 22.67 -5.70 -6.12
N THR B 869 21.46 -5.44 -6.59
CA THR B 869 20.29 -5.87 -5.84
C THR B 869 20.22 -7.39 -5.80
N ALA B 870 19.39 -7.91 -4.90
CA ALA B 870 19.32 -9.34 -4.69
C ALA B 870 18.79 -10.06 -5.92
N CYS B 871 17.84 -9.43 -6.62
CA CYS B 871 17.26 -10.05 -7.81
C CYS B 871 18.13 -9.82 -9.05
N GLN B 872 19.13 -8.94 -8.96
CA GLN B 872 19.97 -8.67 -10.12
C GLN B 872 21.08 -9.70 -10.25
N GLN B 873 21.75 -10.03 -9.15
CA GLN B 873 22.86 -10.97 -9.17
C GLN B 873 22.42 -12.40 -8.91
N VAL B 874 21.15 -12.72 -9.15
CA VAL B 874 20.66 -14.09 -9.00
C VAL B 874 20.01 -14.51 -10.31
N CYS B 875 19.54 -13.55 -11.09
CA CYS B 875 18.99 -13.83 -12.40
C CYS B 875 20.08 -14.45 -13.28
N PRO B 876 19.93 -15.71 -13.70
CA PRO B 876 20.97 -16.31 -14.55
C PRO B 876 21.13 -15.60 -15.88
N THR B 877 20.02 -15.20 -16.49
CA THR B 877 20.05 -14.52 -17.78
C THR B 877 20.55 -13.09 -17.68
N GLN B 878 20.68 -12.56 -16.47
CA GLN B 878 21.04 -11.17 -16.23
C GLN B 878 20.06 -10.23 -16.93
N ALA B 879 18.77 -10.46 -16.70
CA ALA B 879 17.76 -9.56 -17.21
C ALA B 879 17.75 -8.25 -16.42
N ILE B 880 17.73 -8.35 -15.10
CA ILE B 880 17.67 -7.19 -14.23
C ILE B 880 19.05 -6.55 -14.17
N VAL B 881 19.12 -5.25 -14.38
CA VAL B 881 20.35 -4.48 -14.24
C VAL B 881 20.03 -3.25 -13.40
N PHE B 882 20.63 -3.16 -12.22
CA PHE B 882 20.41 -2.06 -11.30
C PHE B 882 21.69 -1.25 -11.16
N GLY B 883 21.55 0.07 -11.09
CA GLY B 883 22.73 0.89 -10.95
C GLY B 883 22.37 2.36 -10.92
N ASP B 884 23.38 3.16 -10.61
CA ASP B 884 23.26 4.61 -10.65
C ASP B 884 22.84 5.09 -12.02
N LEU B 885 21.89 6.01 -12.06
CA LEU B 885 21.51 6.67 -13.30
C LEU B 885 22.25 7.97 -13.53
N ASN B 886 22.80 8.57 -12.46
CA ASN B 886 23.56 9.81 -12.62
C ASN B 886 24.99 9.54 -13.04
N ASP B 887 25.53 8.38 -12.71
CA ASP B 887 26.83 7.96 -13.21
C ASP B 887 26.73 7.71 -14.71
N PRO B 888 27.32 8.55 -15.55
CA PRO B 888 27.08 8.41 -17.00
C PRO B 888 27.66 7.14 -17.59
N GLN B 889 28.74 6.62 -17.02
CA GLN B 889 29.32 5.36 -17.49
C GLN B 889 28.82 4.16 -16.66
N ALA B 890 27.50 4.02 -16.58
CA ALA B 890 26.87 2.93 -15.85
C ALA B 890 26.15 2.01 -16.81
N ARG B 891 25.98 0.75 -16.40
CA ARG B 891 25.30 -0.23 -17.25
C ARG B 891 23.79 -0.08 -17.24
N VAL B 892 23.24 0.97 -16.65
CA VAL B 892 21.82 1.24 -16.67
C VAL B 892 21.49 2.48 -17.48
N VAL B 893 22.23 3.57 -17.26
CA VAL B 893 22.00 4.77 -18.04
C VAL B 893 22.48 4.57 -19.47
N ASP B 894 23.33 3.58 -19.71
CA ASP B 894 23.63 3.11 -21.05
C ASP B 894 22.71 1.98 -21.48
N LEU B 895 21.72 1.64 -20.66
CA LEU B 895 20.74 0.61 -20.96
C LEU B 895 19.32 1.14 -21.00
N LYS B 896 19.08 2.34 -20.49
CA LYS B 896 17.80 3.01 -20.61
C LYS B 896 17.71 3.87 -21.86
N GLU B 897 18.75 3.87 -22.70
CA GLU B 897 18.74 4.57 -23.96
C GLU B 897 18.45 3.65 -25.14
N GLN B 898 18.21 2.36 -24.88
CA GLN B 898 17.93 1.43 -25.96
C GLN B 898 16.60 1.76 -26.61
N PRO B 899 16.43 1.44 -27.90
CA PRO B 899 15.15 1.72 -28.56
C PRO B 899 14.00 0.88 -28.03
N LEU B 900 14.27 -0.18 -27.29
CA LEU B 900 13.22 -0.99 -26.68
C LEU B 900 12.78 -0.49 -25.32
N LYS B 901 13.48 0.50 -24.76
CA LYS B 901 13.21 0.92 -23.40
C LYS B 901 11.82 1.53 -23.29
N TYR B 902 11.06 1.08 -22.30
CA TYR B 902 9.76 1.63 -22.01
C TYR B 902 9.47 1.39 -20.53
N THR B 903 8.55 2.17 -19.99
CA THR B 903 8.12 2.03 -18.61
C THR B 903 6.68 1.58 -18.58
N SER B 904 6.34 0.80 -17.56
CA SER B 904 4.99 0.28 -17.43
C SER B 904 4.04 1.38 -16.97
N LEU B 905 2.92 1.51 -17.66
CA LEU B 905 1.88 2.50 -17.36
C LEU B 905 2.46 3.91 -17.38
N ASP B 906 2.94 4.31 -18.55
CA ASP B 906 3.37 5.69 -18.76
C ASP B 906 2.23 6.61 -19.15
N LYS B 907 1.03 6.06 -19.36
CA LYS B 907 -0.14 6.90 -19.58
C LYS B 907 -0.55 7.62 -18.31
N LEU B 908 -0.12 7.14 -17.16
CA LEU B 908 -0.25 7.85 -15.89
C LEU B 908 1.16 8.13 -15.38
N ASN B 909 1.50 9.42 -15.28
CA ASN B 909 2.89 9.84 -15.13
C ASN B 909 3.35 9.54 -13.70
N THR B 910 3.77 8.30 -13.49
CA THR B 910 4.43 7.94 -12.24
C THR B 910 5.93 8.09 -12.32
N LYS B 911 6.48 8.31 -13.52
CA LYS B 911 7.91 8.29 -13.80
C LYS B 911 8.54 7.04 -13.17
N PRO B 912 8.20 5.85 -13.64
CA PRO B 912 8.73 4.64 -13.03
C PRO B 912 10.24 4.59 -13.16
N ARG B 913 10.90 4.17 -12.09
CA ARG B 913 12.35 4.13 -12.08
C ARG B 913 12.90 2.84 -12.67
N VAL B 914 12.10 1.80 -12.81
CA VAL B 914 12.49 0.63 -13.58
C VAL B 914 11.93 0.80 -14.97
N SER B 915 12.71 0.38 -15.97
CA SER B 915 12.37 0.59 -17.37
C SER B 915 12.62 -0.72 -18.11
N TYR B 916 11.55 -1.44 -18.41
CA TYR B 916 11.67 -2.73 -19.06
C TYR B 916 12.14 -2.56 -20.50
N LEU B 917 12.79 -3.59 -21.01
CA LEU B 917 13.13 -3.69 -22.42
C LEU B 917 12.17 -4.67 -23.08
N ALA B 918 11.78 -4.38 -24.33
CA ALA B 918 10.78 -5.18 -24.99
C ALA B 918 11.32 -6.56 -25.33
N LYS B 919 10.42 -7.43 -25.77
CA LYS B 919 10.73 -8.82 -26.08
C LYS B 919 10.79 -8.96 -27.61
N ILE B 920 11.99 -8.87 -28.16
CA ILE B 920 12.22 -9.13 -29.58
C ILE B 920 12.56 -10.59 -29.73
N LYS B 921 11.80 -11.32 -30.55
CA LYS B 921 11.86 -12.78 -30.52
C LYS B 921 12.08 -13.39 -31.89
N ASN B 922 12.85 -12.73 -32.74
CA ASN B 922 13.61 -13.35 -33.85
C ASN B 922 12.84 -14.46 -34.57
N LEU B 923 11.73 -14.09 -35.17
CA LEU B 923 10.97 -15.08 -35.92
C LEU B 923 11.64 -15.41 -37.25
N ASN B 924 11.50 -16.66 -37.68
CA ASN B 924 11.99 -17.17 -38.95
C ASN B 924 11.10 -16.66 -40.09
N PRO B 925 11.68 -16.34 -41.24
CA PRO B 925 10.83 -15.91 -42.38
C PRO B 925 9.91 -17.01 -42.88
N ASP B 926 10.44 -18.22 -43.09
CA ASP B 926 9.69 -19.31 -43.69
C ASP B 926 9.05 -20.25 -42.67
N LEU B 927 8.77 -19.76 -41.47
CA LEU B 927 8.12 -20.60 -40.46
C LEU B 927 6.95 -19.87 -39.81
N ALA B 928 6.99 -18.54 -39.81
CA ALA B 928 5.95 -17.77 -39.14
C ALA B 928 4.59 -18.02 -39.77
N GLU B 929 4.42 -17.64 -41.04
CA GLU B 929 3.18 -17.92 -41.76
C GLU B 929 3.48 -18.34 -43.19
N SER C 9 -55.24 30.09 4.91
CA SER C 9 -54.30 30.70 4.00
C SER C 9 -53.41 29.64 3.35
N ALA C 10 -52.64 30.06 2.34
CA ALA C 10 -51.75 29.15 1.65
C ALA C 10 -50.56 28.76 2.52
N TYR C 11 -50.22 29.56 3.53
CA TYR C 11 -49.14 29.21 4.43
C TYR C 11 -49.64 28.31 5.56
N GLY C 12 -50.90 28.48 5.95
CA GLY C 12 -51.46 27.62 6.97
C GLY C 12 -51.76 26.23 6.47
N LYS C 13 -52.02 26.09 5.17
CA LYS C 13 -52.35 24.79 4.61
C LYS C 13 -51.15 23.87 4.52
N MET C 14 -49.93 24.39 4.67
CA MET C 14 -48.74 23.55 4.72
C MET C 14 -48.24 23.36 6.15
N LEU C 15 -48.63 24.23 7.07
CA LEU C 15 -48.32 24.01 8.49
C LEU C 15 -49.26 22.98 9.09
N GLU C 16 -50.54 23.04 8.74
CA GLU C 16 -51.52 22.12 9.30
C GLU C 16 -51.36 20.70 8.77
N GLU C 17 -50.59 20.50 7.71
CA GLU C 17 -50.33 19.16 7.19
C GLU C 17 -49.19 18.46 7.92
N LEU C 18 -48.47 19.18 8.79
CA LEU C 18 -47.36 18.61 9.53
C LEU C 18 -47.73 18.24 10.97
N LEU C 19 -48.83 18.77 11.49
CA LEU C 19 -49.29 18.48 12.83
C LEU C 19 -50.65 17.80 12.79
N GLY C 20 -51.05 17.24 13.94
CA GLY C 20 -52.30 16.54 14.05
C GLY C 20 -53.49 17.46 14.04
N PRO C 21 -54.63 16.97 14.54
CA PRO C 21 -55.86 17.78 14.51
C PRO C 21 -55.80 19.00 15.42
N LYS C 22 -55.42 18.80 16.67
CA LYS C 22 -55.32 19.90 17.62
C LYS C 22 -54.24 19.59 18.65
N GLN C 23 -53.30 20.51 18.80
CA GLN C 23 -52.17 20.33 19.69
C GLN C 23 -51.91 21.62 20.46
N THR C 24 -51.61 21.49 21.74
CA THR C 24 -51.15 22.59 22.57
C THR C 24 -49.73 22.31 23.04
N TYR C 25 -49.17 23.25 23.81
CA TYR C 25 -47.79 23.08 24.26
C TYR C 25 -47.66 21.93 25.24
N GLU C 26 -48.66 21.73 26.11
CA GLU C 26 -48.61 20.62 27.04
C GLU C 26 -49.00 19.29 26.41
N SER C 27 -49.55 19.32 25.19
CA SER C 27 -49.89 18.08 24.49
C SER C 27 -48.69 17.55 23.70
N VAL C 28 -47.97 18.44 23.02
CA VAL C 28 -46.76 18.00 22.32
C VAL C 28 -45.68 17.63 23.32
N THR C 29 -45.72 18.19 24.52
CA THR C 29 -44.77 17.78 25.54
C THR C 29 -45.16 16.45 26.17
N ARG C 30 -46.45 16.25 26.43
CA ARG C 30 -46.89 14.99 27.04
C ARG C 30 -46.74 13.82 26.09
N THR C 31 -46.93 14.05 24.79
CA THR C 31 -46.75 12.98 23.81
C THR C 31 -45.29 12.53 23.77
N ILE C 32 -44.35 13.46 23.92
CA ILE C 32 -42.94 13.09 23.97
C ILE C 32 -42.47 12.88 25.41
N GLY C 33 -43.14 13.47 26.38
CA GLY C 33 -42.83 13.20 27.77
C GLY C 33 -43.50 11.96 28.34
N ASP C 34 -44.06 11.11 27.47
CA ASP C 34 -44.54 9.79 27.87
C ASP C 34 -43.76 8.67 27.23
N ILE C 35 -43.20 8.88 26.04
CA ILE C 35 -42.25 7.92 25.49
C ILE C 35 -40.96 7.94 26.29
N VAL C 36 -40.67 9.06 26.95
CA VAL C 36 -39.67 9.15 27.98
C VAL C 36 -40.44 9.42 29.28
N LEU C 37 -39.77 9.25 30.42
CA LEU C 37 -40.31 9.45 31.76
C LEU C 37 -41.40 8.44 32.12
N THR C 38 -41.77 7.55 31.22
CA THR C 38 -42.51 6.38 31.63
C THR C 38 -41.58 5.50 32.48
N PRO C 39 -42.09 4.88 33.54
CA PRO C 39 -41.20 4.15 34.45
C PRO C 39 -40.59 2.94 33.79
N ILE C 40 -39.39 2.57 34.26
CA ILE C 40 -38.83 1.28 33.89
C ILE C 40 -39.75 0.19 34.43
N ARG C 41 -39.86 -0.90 33.66
CA ARG C 41 -40.82 -2.01 33.74
C ARG C 41 -42.24 -1.56 33.44
N LYS C 42 -42.47 -0.26 33.20
CA LYS C 42 -43.64 0.23 32.50
C LYS C 42 -43.27 0.62 31.07
N THR C 43 -41.98 0.57 30.74
CA THR C 43 -41.54 0.85 29.37
C THR C 43 -42.21 -0.12 28.40
N PRO C 44 -42.56 0.33 27.19
CA PRO C 44 -43.30 -0.53 26.27
C PRO C 44 -42.48 -1.73 25.86
N TRP C 45 -43.16 -2.87 25.70
CA TRP C 45 -42.53 -4.05 25.14
C TRP C 45 -42.09 -3.75 23.71
N GLY C 46 -41.17 -4.56 23.21
CA GLY C 46 -40.62 -4.30 21.90
C GLY C 46 -39.37 -3.47 22.00
N TRP C 47 -39.31 -2.62 23.02
CA TRP C 47 -38.06 -1.93 23.34
C TRP C 47 -37.09 -2.92 24.01
N PRO C 48 -37.44 -3.57 25.13
CA PRO C 48 -36.45 -4.48 25.74
C PRO C 48 -36.15 -5.69 24.90
N VAL C 49 -37.14 -6.22 24.17
CA VAL C 49 -36.92 -7.35 23.29
C VAL C 49 -36.51 -6.84 21.92
N GLY C 50 -36.23 -5.54 21.84
CA GLY C 50 -35.57 -4.95 20.70
C GLY C 50 -34.19 -4.46 21.10
N PHE C 51 -34.06 -4.06 22.36
CA PHE C 51 -32.77 -3.68 22.92
C PHE C 51 -31.90 -4.89 23.23
N VAL C 52 -32.50 -6.05 23.48
CA VAL C 52 -31.71 -7.28 23.64
C VAL C 52 -31.20 -7.77 22.30
N ILE C 53 -32.05 -7.77 21.27
CA ILE C 53 -31.59 -8.10 19.93
C ILE C 53 -30.54 -7.11 19.46
N ALA C 54 -30.62 -5.86 19.95
CA ALA C 54 -29.59 -4.88 19.64
C ALA C 54 -28.34 -5.09 20.49
N ALA C 55 -28.50 -5.59 21.72
CA ALA C 55 -27.34 -5.84 22.57
C ALA C 55 -26.63 -7.12 22.15
N LEU C 56 -27.38 -8.14 21.73
CA LEU C 56 -26.74 -9.34 21.19
C LEU C 56 -26.04 -9.05 19.88
N GLY C 57 -26.53 -8.07 19.13
CA GLY C 57 -25.79 -7.59 17.97
C GLY C 57 -24.54 -6.83 18.34
N LEU C 58 -24.51 -6.22 19.53
CA LEU C 58 -23.30 -5.56 20.01
C LEU C 58 -22.27 -6.57 20.51
N LEU C 59 -22.72 -7.69 21.09
CA LEU C 59 -21.78 -8.73 21.47
C LEU C 59 -21.14 -9.37 20.25
N MET C 60 -21.84 -9.35 19.11
CA MET C 60 -21.21 -9.76 17.87
C MET C 60 -20.25 -8.70 17.35
N TYR C 61 -20.50 -7.44 17.70
CA TYR C 61 -19.61 -6.35 17.31
C TYR C 61 -18.30 -6.42 18.08
N LEU C 62 -18.39 -6.49 19.41
CA LEU C 62 -17.19 -6.51 20.25
C LEU C 62 -16.47 -7.85 20.20
N PHE C 63 -17.07 -8.88 19.63
CA PHE C 63 -16.36 -10.15 19.43
C PHE C 63 -15.73 -10.24 18.06
N SER C 64 -16.34 -9.65 17.04
CA SER C 64 -15.67 -9.55 15.74
C SER C 64 -14.55 -8.53 15.76
N LEU C 65 -14.53 -7.63 16.75
CA LEU C 65 -13.41 -6.75 16.97
C LEU C 65 -12.32 -7.41 17.80
N ALA C 66 -12.69 -8.16 18.83
CA ALA C 66 -11.70 -8.88 19.63
C ALA C 66 -11.03 -9.97 18.82
N VAL C 67 -11.74 -10.55 17.85
CA VAL C 67 -11.11 -11.51 16.95
C VAL C 67 -10.23 -10.79 15.94
N LEU C 68 -10.62 -9.58 15.54
CA LEU C 68 -9.83 -8.83 14.57
C LEU C 68 -8.55 -8.29 15.18
N PHE C 69 -8.63 -7.72 16.37
CA PHE C 69 -7.43 -7.20 17.03
C PHE C 69 -6.46 -8.32 17.35
N THR C 70 -6.97 -9.49 17.74
CA THR C 70 -6.10 -10.56 18.19
C THR C 70 -5.49 -11.32 17.02
N VAL C 71 -6.33 -11.81 16.11
CA VAL C 71 -5.83 -12.64 15.02
C VAL C 71 -5.19 -11.79 13.93
N GLY C 72 -5.84 -10.68 13.56
CA GLY C 72 -5.29 -9.81 12.55
C GLY C 72 -6.36 -9.17 11.69
N VAL C 73 -5.95 -8.28 10.79
CA VAL C 73 -6.90 -7.59 9.91
C VAL C 73 -7.19 -8.50 8.72
N GLY C 74 -6.46 -9.61 8.64
CA GLY C 74 -6.60 -10.50 7.51
C GLY C 74 -7.57 -11.63 7.71
N VAL C 75 -8.51 -11.48 8.64
CA VAL C 75 -9.59 -12.45 8.79
C VAL C 75 -10.78 -11.94 8.00
N TRP C 76 -10.54 -10.95 7.14
CA TRP C 76 -11.59 -10.27 6.42
C TRP C 76 -11.72 -10.70 4.97
N GLY C 77 -10.82 -11.55 4.48
CA GLY C 77 -10.91 -11.91 3.08
C GLY C 77 -10.47 -10.83 2.12
N ILE C 78 -9.88 -9.74 2.62
CA ILE C 78 -9.34 -8.71 1.75
C ILE C 78 -8.08 -9.23 1.07
N ASN C 79 -8.03 -9.12 -0.26
CA ASN C 79 -6.90 -9.58 -1.02
C ASN C 79 -5.87 -8.46 -1.13
N ILE C 80 -4.81 -8.67 -1.90
CA ILE C 80 -3.86 -7.59 -2.19
C ILE C 80 -4.33 -6.66 -3.31
N PRO C 81 -5.03 -7.11 -4.41
CA PRO C 81 -5.57 -6.10 -5.33
C PRO C 81 -6.61 -5.25 -4.63
N VAL C 82 -7.62 -5.93 -4.11
CA VAL C 82 -8.69 -5.29 -3.34
C VAL C 82 -8.34 -5.46 -1.86
N ALA C 83 -7.59 -4.50 -1.34
CA ALA C 83 -7.30 -4.45 0.09
C ALA C 83 -8.39 -3.73 0.86
N TRP C 84 -9.33 -3.10 0.17
CA TRP C 84 -10.40 -2.34 0.81
C TRP C 84 -11.71 -3.04 0.49
N GLY C 85 -12.26 -3.75 1.47
CA GLY C 85 -13.47 -4.50 1.23
C GLY C 85 -14.64 -4.00 2.04
N PHE C 86 -15.28 -4.89 2.81
CA PHE C 86 -16.42 -4.50 3.62
C PHE C 86 -16.04 -3.41 4.63
N ASP C 87 -14.80 -3.41 5.08
CA ASP C 87 -14.35 -2.43 6.08
C ASP C 87 -14.49 -1.00 5.59
N ILE C 88 -14.42 -0.78 4.28
CA ILE C 88 -14.58 0.56 3.72
C ILE C 88 -15.90 0.71 3.00
N ILE C 89 -16.47 -0.36 2.43
CA ILE C 89 -17.82 -0.27 1.90
C ILE C 89 -18.80 0.07 3.00
N ASN C 90 -18.63 -0.50 4.19
CA ASN C 90 -19.49 -0.20 5.31
C ASN C 90 -19.10 1.09 6.02
N PHE C 91 -17.86 1.54 5.90
CA PHE C 91 -17.49 2.84 6.46
C PHE C 91 -18.14 3.96 5.66
N VAL C 92 -18.02 3.92 4.34
CA VAL C 92 -18.65 4.93 3.50
C VAL C 92 -20.16 4.81 3.55
N TRP C 93 -20.68 3.59 3.75
CA TRP C 93 -22.12 3.42 3.87
C TRP C 93 -22.63 3.98 5.18
N TRP C 94 -22.01 3.58 6.30
CA TRP C 94 -22.49 4.02 7.61
C TRP C 94 -22.33 5.53 7.78
N ILE C 95 -21.24 6.09 7.27
CA ILE C 95 -21.10 7.55 7.31
C ILE C 95 -22.01 8.20 6.29
N GLY C 96 -22.36 7.48 5.22
CA GLY C 96 -23.31 8.03 4.27
C GLY C 96 -24.70 8.12 4.85
N ILE C 97 -25.08 7.16 5.69
CA ILE C 97 -26.35 7.24 6.39
C ILE C 97 -26.43 8.49 7.26
N GLY C 98 -25.35 8.79 7.98
CA GLY C 98 -25.38 9.90 8.90
C GLY C 98 -25.47 11.27 8.26
N HIS C 99 -25.36 11.35 6.94
CA HIS C 99 -25.32 12.67 6.30
C HIS C 99 -26.71 13.23 6.07
N ALA C 100 -27.70 12.39 5.85
CA ALA C 100 -29.07 12.88 5.72
C ALA C 100 -29.78 12.97 7.05
N GLY C 101 -29.09 12.71 8.16
CA GLY C 101 -29.63 13.05 9.45
C GLY C 101 -29.32 14.48 9.84
N THR C 102 -28.25 15.04 9.28
CA THR C 102 -27.94 16.44 9.45
C THR C 102 -28.51 17.31 8.35
N LEU C 103 -28.81 16.74 7.17
CA LEU C 103 -29.53 17.52 6.18
C LEU C 103 -30.93 17.84 6.68
N ILE C 104 -31.49 16.97 7.51
CA ILE C 104 -32.75 17.27 8.18
C ILE C 104 -32.51 18.26 9.32
N SER C 105 -31.48 18.02 10.13
CA SER C 105 -31.32 18.79 11.36
C SER C 105 -30.65 20.14 11.12
N ALA C 106 -29.75 20.23 10.15
CA ALA C 106 -28.96 21.43 9.93
C ALA C 106 -29.24 22.10 8.60
N ILE C 107 -29.26 21.34 7.50
CA ILE C 107 -29.39 21.95 6.19
C ILE C 107 -30.81 22.48 6.00
N LEU C 108 -31.80 21.81 6.58
CA LEU C 108 -33.17 22.32 6.52
C LEU C 108 -33.38 23.50 7.46
N LEU C 109 -32.53 23.66 8.47
CA LEU C 109 -32.64 24.85 9.32
C LEU C 109 -32.23 26.10 8.57
N LEU C 110 -31.35 25.96 7.57
CA LEU C 110 -31.04 27.08 6.69
C LEU C 110 -32.28 27.52 5.92
N PHE C 111 -32.98 26.57 5.33
CA PHE C 111 -34.20 26.83 4.58
C PHE C 111 -35.39 27.12 5.47
N ARG C 112 -35.16 27.25 6.79
CA ARG C 112 -36.17 27.59 7.79
C ARG C 112 -37.43 26.73 7.66
N GLN C 113 -37.31 25.56 7.07
CA GLN C 113 -38.47 24.72 6.81
C GLN C 113 -38.94 24.05 8.10
N ASP C 114 -40.23 23.72 8.14
CA ASP C 114 -40.86 23.18 9.33
C ASP C 114 -41.23 21.71 9.21
N TRP C 115 -40.96 21.07 8.09
CA TRP C 115 -41.15 19.63 8.12
C TRP C 115 -39.97 18.92 8.67
N ARG C 116 -39.00 19.69 9.18
CA ARG C 116 -37.82 19.14 9.83
C ARG C 116 -37.96 19.04 11.34
N THR C 117 -38.96 19.70 11.93
CA THR C 117 -39.01 19.81 13.39
C THR C 117 -39.35 18.47 14.03
N SER C 118 -40.32 17.75 13.48
CA SER C 118 -40.68 16.46 14.04
C SER C 118 -39.60 15.42 13.78
N ILE C 119 -38.98 15.46 12.60
CA ILE C 119 -37.96 14.50 12.22
C ILE C 119 -36.57 14.98 12.59
N ASN C 120 -36.47 16.05 13.39
CA ASN C 120 -35.19 16.64 13.77
C ASN C 120 -34.32 15.68 14.56
N ARG C 121 -34.76 15.32 15.76
CA ARG C 121 -33.91 14.53 16.64
C ARG C 121 -33.86 13.07 16.24
N ALA C 122 -34.93 12.54 15.65
CA ALA C 122 -34.91 11.17 15.16
C ALA C 122 -33.99 11.00 13.96
N ALA C 123 -33.47 12.09 13.40
CA ALA C 123 -32.45 12.07 12.37
C ALA C 123 -31.11 12.60 12.85
N GLU C 124 -31.12 13.62 13.71
CA GLU C 124 -29.86 14.15 14.24
C GLU C 124 -29.20 13.14 15.18
N ALA C 125 -29.99 12.48 16.04
CA ALA C 125 -29.46 11.38 16.81
C ALA C 125 -29.21 10.15 15.97
N MET C 126 -29.85 10.05 14.80
CA MET C 126 -29.54 8.99 13.85
C MET C 126 -28.19 9.18 13.19
N THR C 127 -27.77 10.44 13.00
CA THR C 127 -26.43 10.71 12.50
C THR C 127 -25.36 10.17 13.44
N ILE C 128 -25.44 10.56 14.72
CA ILE C 128 -24.37 10.27 15.67
C ILE C 128 -24.14 8.77 15.79
N PHE C 129 -25.23 8.01 15.87
CA PHE C 129 -25.08 6.58 16.01
C PHE C 129 -24.72 5.92 14.69
N ALA C 130 -24.92 6.61 13.57
CA ALA C 130 -24.38 6.16 12.29
C ALA C 130 -22.98 6.69 12.05
N VAL C 131 -22.48 7.57 12.92
CA VAL C 131 -21.05 7.88 12.96
C VAL C 131 -20.32 7.03 13.99
N ALA C 132 -20.97 6.70 15.11
CA ALA C 132 -20.35 5.80 16.08
C ALA C 132 -20.13 4.40 15.53
N CYS C 133 -20.85 4.02 14.47
CA CYS C 133 -20.56 2.80 13.73
C CYS C 133 -19.76 3.06 12.46
N ALA C 134 -19.63 4.31 12.04
CA ALA C 134 -18.77 4.64 10.91
C ALA C 134 -17.42 5.19 11.34
N GLY C 135 -17.31 5.73 12.54
CA GLY C 135 -16.03 6.20 13.03
C GLY C 135 -15.13 5.11 13.56
N ILE C 136 -15.59 3.87 13.53
CA ILE C 136 -14.81 2.74 14.02
C ILE C 136 -14.03 2.07 12.90
N TYR C 137 -14.61 2.01 11.69
CA TYR C 137 -13.94 1.34 10.59
C TYR C 137 -12.61 2.00 10.18
N PRO C 138 -12.49 3.34 10.09
CA PRO C 138 -11.16 3.90 9.87
C PRO C 138 -10.24 3.75 11.06
N LEU C 139 -10.77 3.44 12.24
CA LEU C 139 -9.96 3.13 13.40
C LEU C 139 -9.69 1.64 13.54
N VAL C 140 -10.33 0.79 12.72
CA VAL C 140 -10.16 -0.65 12.87
C VAL C 140 -9.77 -1.33 11.56
N HIS C 141 -9.98 -0.72 10.40
CA HIS C 141 -9.52 -1.33 9.17
C HIS C 141 -8.02 -1.23 9.00
N THR C 142 -7.36 -0.35 9.76
CA THR C 142 -5.92 -0.31 9.76
C THR C 142 -5.37 -1.61 10.31
N GLY C 143 -4.27 -2.08 9.72
CA GLY C 143 -3.70 -3.36 10.14
C GLY C 143 -3.17 -3.31 11.56
N ARG C 144 -2.68 -2.15 11.99
CA ARG C 144 -2.23 -1.91 13.35
C ARG C 144 -3.12 -0.84 13.96
N PRO C 145 -4.27 -1.21 14.53
CA PRO C 145 -5.18 -0.19 15.07
C PRO C 145 -4.63 0.56 16.26
N TRP C 146 -3.69 -0.02 17.02
CA TRP C 146 -3.20 0.66 18.21
C TRP C 146 -2.43 1.92 17.86
N LEU C 147 -1.81 1.97 16.69
CA LEU C 147 -1.15 3.18 16.23
C LEU C 147 -2.06 4.01 15.34
N ASP C 148 -3.27 4.29 15.80
CA ASP C 148 -4.15 5.18 15.05
C ASP C 148 -4.05 6.62 15.52
N TYR C 149 -3.35 6.86 16.62
CA TYR C 149 -3.04 8.22 17.04
C TYR C 149 -1.99 8.88 16.17
N TRP C 150 -1.30 8.11 15.31
CA TRP C 150 -0.32 8.68 14.40
C TRP C 150 -0.96 9.51 13.31
N MET C 151 -2.26 9.32 13.05
CA MET C 151 -3.00 10.13 12.11
C MET C 151 -3.46 11.46 12.72
N LEU C 152 -3.02 11.79 13.92
CA LEU C 152 -3.33 13.07 14.54
C LEU C 152 -2.06 13.90 14.68
N PRO C 153 -2.16 15.22 14.55
CA PRO C 153 -0.95 16.06 14.72
C PRO C 153 -0.68 16.29 16.20
N TYR C 154 0.51 15.90 16.65
CA TYR C 154 0.88 16.10 18.04
C TYR C 154 2.40 16.10 18.13
N PRO C 155 3.00 16.95 18.96
CA PRO C 155 4.45 16.87 19.14
C PRO C 155 4.83 15.62 19.91
N GLY C 156 5.38 14.64 19.20
CA GLY C 156 5.47 13.30 19.75
C GLY C 156 6.84 12.68 19.81
N THR C 157 7.85 13.46 20.22
CA THR C 157 9.22 13.05 20.55
C THR C 157 9.91 12.32 19.41
N LEU C 158 9.26 12.28 18.25
CA LEU C 158 9.87 11.85 17.01
C LEU C 158 9.22 12.68 15.91
N GLY C 159 10.05 13.30 15.09
CA GLY C 159 9.62 14.41 14.26
C GLY C 159 8.55 14.12 13.23
N MET C 160 7.99 12.92 13.24
CA MET C 160 6.95 12.57 12.29
C MET C 160 5.62 13.20 12.65
N TRP C 161 4.95 13.71 11.64
CA TRP C 161 3.59 14.25 11.69
C TRP C 161 2.77 13.50 10.65
N PRO C 162 1.45 13.53 10.75
CA PRO C 162 0.62 12.98 9.68
C PRO C 162 0.86 13.72 8.38
N GLN C 163 0.40 13.12 7.29
CA GLN C 163 0.86 13.55 5.97
C GLN C 163 0.19 14.85 5.54
N PHE C 164 -1.14 14.89 5.59
CA PHE C 164 -1.95 16.00 5.07
C PHE C 164 -1.81 16.13 3.55
N ARG C 165 -1.75 14.99 2.87
CA ARG C 165 -1.95 14.92 1.43
C ARG C 165 -2.86 13.76 1.04
N SER C 166 -3.19 12.88 1.97
CA SER C 166 -4.00 11.71 1.73
C SER C 166 -5.36 11.89 2.40
N ALA C 167 -6.40 11.40 1.75
CA ALA C 167 -7.73 11.62 2.28
C ALA C 167 -8.06 10.74 3.47
N LEU C 168 -7.24 9.73 3.78
CA LEU C 168 -7.35 9.07 5.07
C LEU C 168 -6.86 9.95 6.20
N GLU C 169 -6.11 11.01 5.89
CA GLU C 169 -5.73 11.99 6.87
C GLU C 169 -6.72 13.14 6.93
N TRP C 170 -7.51 13.32 5.89
CA TRP C 170 -8.63 14.24 5.94
C TRP C 170 -9.85 13.57 6.56
N ASP C 171 -9.94 12.24 6.45
CA ASP C 171 -11.02 11.50 7.07
C ASP C 171 -10.98 11.64 8.59
N VAL C 172 -9.81 11.40 9.19
CA VAL C 172 -9.67 11.56 10.62
C VAL C 172 -9.85 13.01 11.06
N PHE C 173 -9.88 13.94 10.10
CA PHE C 173 -10.25 15.31 10.37
C PHE C 173 -11.69 15.62 9.97
N ALA C 174 -12.26 14.82 9.08
CA ALA C 174 -13.68 14.97 8.76
C ALA C 174 -14.53 14.16 9.73
N ILE C 175 -14.16 12.89 9.97
CA ILE C 175 -14.93 12.05 10.89
C ILE C 175 -14.88 12.60 12.30
N SER C 176 -13.71 13.06 12.74
CA SER C 176 -13.60 13.58 14.10
C SER C 176 -14.30 14.91 14.25
N THR C 177 -14.32 15.73 13.20
CA THR C 177 -15.11 16.96 13.24
C THR C 177 -16.60 16.65 13.13
N TYR C 178 -16.97 15.79 12.17
CA TYR C 178 -18.37 15.39 12.02
C TYR C 178 -18.92 14.78 13.30
N ALA C 179 -18.09 13.99 14.01
CA ALA C 179 -18.53 13.46 15.30
C ALA C 179 -18.77 14.58 16.30
N THR C 180 -17.72 15.34 16.63
CA THR C 180 -17.80 16.33 17.69
C THR C 180 -18.43 17.65 17.25
N VAL C 181 -19.11 17.69 16.11
CA VAL C 181 -19.96 18.81 15.75
C VAL C 181 -21.42 18.39 15.65
N SER C 182 -21.68 17.24 15.03
CA SER C 182 -23.02 16.69 15.06
C SER C 182 -23.40 16.16 16.44
N ILE C 183 -22.43 16.01 17.34
CA ILE C 183 -22.76 15.72 18.74
C ILE C 183 -23.13 17.00 19.47
N LEU C 184 -22.34 18.06 19.28
CA LEU C 184 -22.62 19.32 19.95
C LEU C 184 -23.87 19.99 19.41
N PHE C 185 -24.08 19.97 18.10
CA PHE C 185 -25.33 20.48 17.54
C PHE C 185 -26.52 19.64 17.95
N TRP C 186 -26.30 18.36 18.25
CA TRP C 186 -27.37 17.53 18.79
C TRP C 186 -27.57 17.79 20.27
N TYR C 187 -26.48 17.95 21.02
CA TYR C 187 -26.61 18.30 22.42
C TYR C 187 -27.11 19.72 22.59
N LEU C 188 -26.87 20.59 21.61
CA LEU C 188 -27.46 21.93 21.67
C LEU C 188 -28.97 21.84 21.52
N GLY C 189 -29.44 21.05 20.56
CA GLY C 189 -30.87 20.86 20.36
C GLY C 189 -31.58 20.12 21.47
N LEU C 190 -30.88 19.72 22.52
CA LEU C 190 -31.45 18.96 23.61
C LEU C 190 -31.59 19.74 24.90
N ILE C 191 -30.74 20.74 25.14
CA ILE C 191 -30.81 21.49 26.39
C ILE C 191 -32.19 22.11 26.63
N PRO C 192 -32.87 22.66 25.63
CA PRO C 192 -34.28 23.05 25.89
C PRO C 192 -35.20 21.87 26.16
N ASP C 193 -35.03 20.77 25.43
CA ASP C 193 -35.89 19.60 25.66
C ASP C 193 -35.56 18.93 26.99
N LEU C 194 -34.27 18.77 27.29
CA LEU C 194 -33.89 18.21 28.58
C LEU C 194 -34.27 19.13 29.73
N ALA C 195 -34.60 20.38 29.45
CA ALA C 195 -35.23 21.23 30.47
C ALA C 195 -36.72 20.94 30.57
N SER C 196 -37.35 20.53 29.48
CA SER C 196 -38.75 20.10 29.53
C SER C 196 -38.89 18.76 30.22
N LEU C 197 -37.93 17.86 29.99
CA LEU C 197 -37.95 16.56 30.67
C LEU C 197 -37.63 16.72 32.16
N ARG C 198 -36.81 17.71 32.51
CA ARG C 198 -36.47 17.91 33.92
C ARG C 198 -37.66 18.49 34.69
N ASP C 199 -38.32 19.49 34.11
CA ASP C 199 -39.43 20.13 34.80
C ASP C 199 -40.67 19.25 34.88
N ARG C 200 -40.75 18.23 34.04
CA ARG C 200 -41.91 17.34 33.99
C ARG C 200 -41.60 15.95 34.52
N ALA C 201 -40.46 15.76 35.18
CA ALA C 201 -40.05 14.43 35.59
C ALA C 201 -40.83 13.95 36.81
N THR C 202 -40.94 14.80 37.83
CA THR C 202 -41.57 14.44 39.11
C THR C 202 -40.96 13.18 39.71
N ASN C 203 -39.63 13.08 39.62
CA ASN C 203 -38.92 11.93 40.17
C ASN C 203 -37.48 12.38 40.45
N ILE C 204 -37.13 12.52 41.73
CA ILE C 204 -35.77 12.85 42.10
C ILE C 204 -34.83 11.75 41.61
N TRP C 205 -33.65 12.17 41.14
CA TRP C 205 -32.60 11.40 40.47
C TRP C 205 -33.00 11.06 39.03
N VAL C 206 -34.23 11.35 38.61
CA VAL C 206 -34.55 11.50 37.20
C VAL C 206 -34.64 12.96 36.80
N LYS C 207 -35.27 13.81 37.61
CA LYS C 207 -35.20 15.24 37.41
C LYS C 207 -33.77 15.76 37.55
N ARG C 208 -32.96 15.14 38.40
CA ARG C 208 -31.56 15.55 38.53
C ARG C 208 -30.74 15.13 37.32
N PHE C 209 -31.06 13.99 36.71
CA PHE C 209 -30.33 13.54 35.52
C PHE C 209 -30.52 14.52 34.37
N TYR C 210 -31.78 14.80 34.01
CA TYR C 210 -32.04 15.77 32.97
C TYR C 210 -31.70 17.18 33.42
N GLY C 211 -31.82 17.46 34.72
CA GLY C 211 -31.41 18.75 35.23
C GLY C 211 -29.91 18.97 35.17
N PHE C 212 -29.13 17.90 35.12
CA PHE C 212 -27.69 18.02 34.94
C PHE C 212 -27.31 18.10 33.48
N LEU C 213 -28.02 17.37 32.62
CA LEU C 213 -27.78 17.46 31.18
C LEU C 213 -28.22 18.82 30.64
N ALA C 214 -29.47 19.20 30.87
CA ALA C 214 -29.88 20.57 30.62
C ALA C 214 -29.27 21.44 31.70
N LEU C 215 -28.11 22.01 31.41
CA LEU C 215 -27.20 22.58 32.40
C LEU C 215 -27.89 23.52 33.37
N GLY C 216 -28.41 24.63 32.86
CA GLY C 216 -29.18 25.54 33.68
C GLY C 216 -30.28 26.19 32.88
N TRP C 217 -30.78 25.49 31.85
CA TRP C 217 -31.36 26.11 30.66
C TRP C 217 -32.23 27.33 30.91
N ARG C 218 -33.17 27.21 31.85
CA ARG C 218 -33.93 28.33 32.41
C ARG C 218 -34.95 28.93 31.46
N GLY C 219 -34.96 28.53 30.19
CA GLY C 219 -35.77 29.26 29.23
C GLY C 219 -35.06 30.53 28.82
N GLY C 220 -35.55 31.67 29.30
CA GLY C 220 -34.81 32.91 29.15
C GLY C 220 -35.10 33.65 27.87
N ALA C 221 -35.31 34.97 27.98
CA ALA C 221 -35.50 35.78 26.77
C ALA C 221 -34.21 35.91 25.99
N ARG C 222 -33.10 36.19 26.69
CA ARG C 222 -31.82 36.35 26.02
C ARG C 222 -31.15 35.00 25.78
N ASP C 223 -31.39 34.02 26.66
CA ASP C 223 -30.86 32.68 26.44
C ASP C 223 -31.46 32.03 25.20
N TRP C 224 -32.61 32.49 24.74
CA TRP C 224 -33.22 31.96 23.52
C TRP C 224 -32.69 32.66 22.28
N ASN C 225 -32.29 33.92 22.40
CA ASN C 225 -31.66 34.60 21.26
C ASN C 225 -30.27 34.06 21.02
N ARG C 226 -29.50 33.83 22.10
CA ARG C 226 -28.19 33.22 21.95
C ARG C 226 -28.31 31.79 21.40
N TYR C 227 -29.43 31.12 21.69
CA TYR C 227 -29.64 29.79 21.13
C TYR C 227 -29.98 29.87 19.65
N GLU C 228 -30.80 30.85 19.25
CA GLU C 228 -31.23 30.92 17.87
C GLU C 228 -30.09 31.29 16.93
N VAL C 229 -29.07 31.98 17.44
CA VAL C 229 -27.89 32.28 16.63
C VAL C 229 -26.87 31.15 16.70
N ALA C 230 -26.75 30.48 17.86
CA ALA C 230 -25.88 29.32 17.94
C ALA C 230 -26.43 28.17 17.11
N SER C 231 -27.75 28.01 17.04
CA SER C 231 -28.33 26.93 16.26
C SER C 231 -28.33 27.25 14.78
N LEU C 232 -28.43 28.53 14.40
CA LEU C 232 -28.40 28.89 12.99
C LEU C 232 -26.99 28.76 12.43
N ILE C 233 -25.99 29.23 13.18
CA ILE C 233 -24.61 29.17 12.71
C ILE C 233 -24.12 27.74 12.67
N LEU C 234 -24.47 26.94 13.69
CA LEU C 234 -24.13 25.53 13.67
C LEU C 234 -24.81 24.81 12.52
N ALA C 235 -26.06 25.17 12.23
CA ALA C 235 -26.70 24.66 11.02
C ALA C 235 -26.01 25.19 9.78
N GLY C 236 -25.53 26.43 9.83
CA GLY C 236 -24.75 26.97 8.73
C GLY C 236 -23.33 26.49 8.67
N LEU C 237 -22.88 25.77 9.69
CA LEU C 237 -21.57 25.13 9.68
C LEU C 237 -21.65 23.64 9.41
N SER C 238 -22.75 22.99 9.80
CA SER C 238 -22.97 21.59 9.48
C SER C 238 -23.55 21.40 8.08
N THR C 239 -23.83 22.48 7.36
CA THR C 239 -24.18 22.38 5.95
C THR C 239 -22.93 22.21 5.08
N PRO C 240 -21.87 23.01 5.24
CA PRO C 240 -20.63 22.70 4.51
C PRO C 240 -19.83 21.58 5.14
N LEU C 241 -20.13 21.21 6.39
CA LEU C 241 -19.42 20.10 7.01
C LEU C 241 -19.79 18.78 6.35
N VAL C 242 -21.09 18.47 6.31
CA VAL C 242 -21.54 17.22 5.71
C VAL C 242 -21.48 17.28 4.20
N LEU C 243 -21.44 18.48 3.62
CA LEU C 243 -21.10 18.60 2.22
C LEU C 243 -19.64 18.31 1.96
N SER C 244 -18.81 18.35 3.01
CA SER C 244 -17.40 18.05 2.90
C SER C 244 -17.00 16.74 3.53
N VAL C 245 -17.74 16.26 4.54
CA VAL C 245 -17.36 15.01 5.20
C VAL C 245 -17.51 13.84 4.24
N HIS C 246 -18.63 13.74 3.55
CA HIS C 246 -18.76 12.73 2.51
C HIS C 246 -18.21 13.19 1.18
N SER C 247 -17.65 14.39 1.13
CA SER C 247 -16.81 14.77 0.00
C SER C 247 -15.34 14.44 0.27
N ILE C 248 -14.92 14.53 1.54
CA ILE C 248 -13.59 14.07 1.90
C ILE C 248 -13.51 12.56 1.86
N ILE C 249 -14.55 11.89 2.36
CA ILE C 249 -14.67 10.44 2.20
C ILE C 249 -14.79 10.09 0.72
N SER C 250 -15.37 10.98 -0.06
CA SER C 250 -15.36 10.82 -1.52
C SER C 250 -13.96 10.93 -2.09
N LEU C 251 -13.06 11.67 -1.45
CA LEU C 251 -11.73 11.90 -1.98
C LEU C 251 -10.73 10.83 -1.58
N ASP C 252 -11.09 9.88 -0.71
CA ASP C 252 -10.21 8.74 -0.54
C ASP C 252 -10.41 7.70 -1.63
N PHE C 253 -11.19 8.05 -2.65
CA PHE C 253 -11.25 7.31 -3.90
C PHE C 253 -10.81 8.16 -5.08
N ALA C 254 -11.12 9.45 -5.07
CA ALA C 254 -10.89 10.27 -6.24
C ALA C 254 -9.48 10.84 -6.33
N ILE C 255 -8.67 10.73 -5.27
CA ILE C 255 -7.26 11.12 -5.37
C ILE C 255 -6.38 9.97 -5.81
N SER C 256 -6.94 8.80 -6.03
CA SER C 256 -6.22 7.64 -6.52
C SER C 256 -6.34 7.58 -8.02
N GLN C 257 -5.29 7.09 -8.68
CA GLN C 257 -5.27 7.04 -10.14
C GLN C 257 -6.04 5.86 -10.71
N LEU C 258 -6.84 5.16 -9.90
CA LEU C 258 -7.58 4.00 -10.38
C LEU C 258 -8.63 4.44 -11.38
N PRO C 259 -9.00 3.56 -12.32
CA PRO C 259 -9.96 3.95 -13.36
C PRO C 259 -11.35 4.23 -12.83
N GLY C 260 -11.89 3.33 -12.02
CA GLY C 260 -13.20 3.54 -11.45
C GLY C 260 -13.23 4.45 -10.25
N TRP C 261 -12.07 4.92 -9.80
CA TRP C 261 -11.97 5.72 -8.60
C TRP C 261 -11.67 7.19 -8.88
N HIS C 262 -10.94 7.48 -9.95
CA HIS C 262 -10.53 8.85 -10.22
C HIS C 262 -11.61 9.66 -10.93
N VAL C 263 -12.86 9.19 -10.86
CA VAL C 263 -13.97 9.95 -11.41
C VAL C 263 -14.08 11.26 -10.64
N THR C 264 -14.01 12.37 -11.36
CA THR C 264 -13.91 13.68 -10.72
C THR C 264 -15.22 14.10 -10.06
N VAL C 265 -16.35 13.54 -10.49
CA VAL C 265 -17.65 14.00 -10.01
C VAL C 265 -18.04 13.23 -8.75
N PHE C 266 -17.09 12.54 -8.13
CA PHE C 266 -17.39 11.88 -6.87
C PHE C 266 -17.82 12.81 -5.73
N PRO C 267 -17.24 14.00 -5.52
CA PRO C 267 -17.69 14.85 -4.41
C PRO C 267 -19.17 15.21 -4.49
N PRO C 268 -19.69 15.77 -5.58
CA PRO C 268 -21.12 16.07 -5.61
C PRO C 268 -22.00 14.89 -5.97
N TYR C 269 -21.46 13.68 -5.94
CA TYR C 269 -22.21 12.45 -6.14
C TYR C 269 -22.10 11.50 -4.95
N PHE C 270 -21.01 11.56 -4.19
CA PHE C 270 -20.99 10.87 -2.91
C PHE C 270 -21.86 11.60 -1.89
N VAL C 271 -21.80 12.93 -1.86
CA VAL C 271 -22.71 13.70 -1.02
C VAL C 271 -24.15 13.43 -1.43
N ALA C 272 -24.41 13.40 -2.73
CA ALA C 272 -25.75 13.07 -3.20
C ALA C 272 -26.11 11.63 -2.90
N GLY C 273 -25.11 10.74 -2.82
CA GLY C 273 -25.38 9.38 -2.41
C GLY C 273 -25.57 9.23 -0.92
N ALA C 274 -24.88 10.04 -0.13
CA ALA C 274 -25.05 9.98 1.32
C ALA C 274 -26.42 10.51 1.73
N VAL C 275 -26.87 11.60 1.09
CA VAL C 275 -28.22 12.09 1.35
C VAL C 275 -29.25 11.10 0.81
N TYR C 276 -28.89 10.33 -0.21
CA TYR C 276 -29.80 9.34 -0.77
C TYR C 276 -29.97 8.15 0.15
N CYS C 277 -28.87 7.54 0.58
CA CYS C 277 -28.96 6.40 1.47
C CYS C 277 -29.39 6.84 2.87
N GLY C 278 -29.13 8.08 3.23
CA GLY C 278 -29.46 8.53 4.58
C GLY C 278 -30.96 8.66 4.81
N PHE C 279 -31.65 9.33 3.89
CA PHE C 279 -33.10 9.44 4.01
C PHE C 279 -33.79 8.09 3.95
N ALA C 280 -33.18 7.12 3.26
CA ALA C 280 -33.72 5.77 3.32
C ALA C 280 -33.66 5.22 4.74
N MET C 281 -32.56 5.49 5.45
CA MET C 281 -32.47 5.03 6.83
C MET C 281 -33.35 5.86 7.75
N VAL C 282 -33.58 7.14 7.42
CA VAL C 282 -34.48 7.95 8.24
C VAL C 282 -35.91 7.43 8.12
N ILE C 283 -36.32 7.08 6.90
CA ILE C 283 -37.65 6.51 6.70
C ILE C 283 -37.73 5.13 7.33
N LEU C 284 -36.68 4.32 7.19
CA LEU C 284 -36.69 2.99 7.78
C LEU C 284 -36.78 3.03 9.31
N LEU C 285 -36.37 4.15 9.92
CA LEU C 285 -36.41 4.25 11.37
C LEU C 285 -37.56 5.10 11.88
N LEU C 286 -38.33 5.73 11.00
CA LEU C 286 -39.43 6.57 11.44
C LEU C 286 -40.80 5.94 11.19
N VAL C 287 -40.96 5.13 10.15
CA VAL C 287 -42.17 4.32 10.01
C VAL C 287 -42.38 3.43 11.23
N PRO C 288 -41.37 2.80 11.82
CA PRO C 288 -41.62 2.12 13.10
C PRO C 288 -41.82 3.07 14.27
N LEU C 289 -41.07 4.18 14.33
CA LEU C 289 -41.27 5.13 15.41
C LEU C 289 -42.59 5.86 15.30
N ARG C 290 -43.14 6.00 14.10
CA ARG C 290 -44.46 6.60 13.97
C ARG C 290 -45.56 5.60 14.29
N ARG C 291 -45.34 4.32 13.96
CA ARG C 291 -46.38 3.32 14.17
C ARG C 291 -46.37 2.78 15.60
N TRP C 292 -45.22 2.26 16.04
CA TRP C 292 -45.15 1.63 17.35
C TRP C 292 -45.27 2.66 18.46
N TYR C 293 -44.36 3.63 18.50
CA TYR C 293 -44.55 4.79 19.35
C TYR C 293 -45.65 5.66 18.77
N LYS C 294 -46.64 6.00 19.59
CA LYS C 294 -47.81 6.70 19.09
C LYS C 294 -47.51 8.16 18.78
N LEU C 295 -46.77 8.41 17.70
CA LEU C 295 -46.42 9.76 17.27
C LEU C 295 -47.09 10.13 15.96
N HIS C 296 -48.30 9.62 15.72
CA HIS C 296 -49.03 9.95 14.50
C HIS C 296 -49.41 11.43 14.45
N ASP C 297 -49.55 12.08 15.60
CA ASP C 297 -49.93 13.48 15.65
C ASP C 297 -48.76 14.43 15.42
N LEU C 298 -47.53 13.92 15.41
CA LEU C 298 -46.34 14.75 15.23
C LEU C 298 -45.61 14.45 13.93
N ILE C 299 -45.23 13.19 13.70
CA ILE C 299 -44.60 12.81 12.43
C ILE C 299 -45.73 12.41 11.50
N THR C 300 -46.33 13.41 10.86
CA THR C 300 -47.44 13.20 9.96
C THR C 300 -46.95 12.64 8.63
N ILE C 301 -47.89 12.19 7.80
CA ILE C 301 -47.55 11.58 6.53
C ILE C 301 -46.98 12.61 5.56
N LYS C 302 -47.14 13.90 5.84
CA LYS C 302 -46.53 14.91 4.98
C LYS C 302 -45.02 14.97 5.18
N HIS C 303 -44.53 14.51 6.34
CA HIS C 303 -43.09 14.42 6.53
C HIS C 303 -42.49 13.36 5.63
N PHE C 304 -43.18 12.22 5.48
CA PHE C 304 -42.70 11.17 4.59
C PHE C 304 -42.91 11.51 3.13
N ASP C 305 -43.95 12.29 2.81
CA ASP C 305 -44.14 12.76 1.45
C ASP C 305 -43.00 13.67 1.01
N LEU C 306 -42.47 14.47 1.92
CA LEU C 306 -41.38 15.39 1.62
C LEU C 306 -40.02 14.73 1.74
N MET C 307 -39.86 13.80 2.69
CA MET C 307 -38.63 13.02 2.75
C MET C 307 -38.49 12.15 1.51
N GLY C 308 -39.59 11.61 1.01
CA GLY C 308 -39.56 10.85 -0.23
C GLY C 308 -39.21 11.70 -1.45
N LYS C 309 -39.45 13.01 -1.38
CA LYS C 309 -39.06 13.90 -2.46
C LYS C 309 -37.60 14.32 -2.36
N VAL C 310 -37.12 14.58 -1.15
CA VAL C 310 -35.70 14.91 -0.99
C VAL C 310 -34.85 13.66 -1.20
N MET C 311 -35.36 12.49 -0.82
CA MET C 311 -34.72 11.24 -1.21
C MET C 311 -34.78 11.00 -2.70
N LEU C 312 -35.71 11.64 -3.41
CA LEU C 312 -35.76 11.57 -4.86
C LEU C 312 -34.90 12.63 -5.52
N ALA C 313 -34.87 13.84 -4.97
CA ALA C 313 -34.01 14.88 -5.53
C ALA C 313 -32.54 14.52 -5.37
N SER C 314 -32.21 13.70 -4.38
CA SER C 314 -30.86 13.19 -4.24
C SER C 314 -30.63 11.93 -5.05
N GLY C 315 -31.64 11.06 -5.15
CA GLY C 315 -31.50 9.83 -5.90
C GLY C 315 -31.35 10.04 -7.38
N LEU C 316 -31.75 11.20 -7.89
CA LEU C 316 -31.54 11.52 -9.29
C LEU C 316 -30.16 12.11 -9.56
N VAL C 317 -29.52 12.68 -8.54
CA VAL C 317 -28.13 13.06 -8.67
C VAL C 317 -27.23 11.85 -8.53
N VAL C 318 -27.69 10.80 -7.87
CA VAL C 318 -26.99 9.53 -7.87
C VAL C 318 -27.21 8.80 -9.18
N ALA C 319 -28.47 8.70 -9.63
CA ALA C 319 -28.77 8.14 -10.93
C ALA C 319 -28.18 8.95 -12.07
N TYR C 320 -27.79 10.19 -11.82
CA TYR C 320 -26.96 10.94 -12.76
C TYR C 320 -25.50 10.59 -12.58
N GLY C 321 -25.06 10.36 -11.35
CA GLY C 321 -23.69 9.94 -11.10
C GLY C 321 -23.38 8.60 -11.73
N TYR C 322 -24.38 7.72 -11.85
CA TYR C 322 -24.17 6.47 -12.57
C TYR C 322 -24.04 6.69 -14.07
N PHE C 323 -24.51 7.83 -14.58
CA PHE C 323 -24.32 8.16 -15.99
C PHE C 323 -23.11 9.04 -16.22
N ALA C 324 -22.82 9.97 -15.32
CA ALA C 324 -21.58 10.73 -15.41
C ALA C 324 -20.37 9.89 -15.04
N GLU C 325 -20.56 8.63 -14.65
CA GLU C 325 -19.46 7.70 -14.47
C GLU C 325 -19.39 6.66 -15.58
N ILE C 326 -20.49 6.41 -16.29
CA ILE C 326 -20.46 5.56 -17.46
C ILE C 326 -20.07 6.34 -18.71
N PHE C 327 -20.66 7.52 -18.89
CA PHE C 327 -20.38 8.31 -20.08
C PHE C 327 -18.92 8.77 -20.10
N TYR C 328 -18.47 9.42 -19.04
CA TYR C 328 -17.09 9.90 -19.00
C TYR C 328 -16.08 8.78 -18.79
N ALA C 329 -16.52 7.56 -18.52
CA ALA C 329 -15.63 6.42 -18.69
C ALA C 329 -15.46 6.11 -20.17
N TRP C 330 -16.57 6.11 -20.92
CA TRP C 330 -16.46 5.96 -22.36
C TRP C 330 -15.86 7.20 -23.00
N TYR C 331 -16.25 8.39 -22.56
CA TYR C 331 -15.72 9.62 -23.15
C TYR C 331 -14.22 9.73 -22.95
N SER C 332 -13.70 9.10 -21.91
CA SER C 332 -12.26 8.94 -21.77
C SER C 332 -11.81 7.80 -22.67
N ALA C 333 -10.95 8.11 -23.64
CA ALA C 333 -10.48 7.09 -24.56
C ALA C 333 -9.35 6.27 -23.96
N ASN C 334 -9.55 5.75 -22.76
CA ASN C 334 -8.59 4.89 -22.08
C ASN C 334 -8.97 3.44 -22.29
N ILE C 335 -7.97 2.57 -22.38
CA ILE C 335 -8.21 1.14 -22.35
C ILE C 335 -8.72 0.72 -20.98
N TYR C 336 -8.35 1.47 -19.94
CA TYR C 336 -8.61 1.06 -18.56
C TYR C 336 -9.93 1.59 -18.02
N GLU C 337 -10.50 2.62 -18.63
CA GLU C 337 -11.85 3.03 -18.28
C GLU C 337 -12.88 2.57 -19.29
N TYR C 338 -12.46 2.23 -20.51
CA TYR C 338 -13.32 1.41 -21.37
C TYR C 338 -13.58 0.07 -20.71
N PHE C 339 -12.55 -0.53 -20.12
CA PHE C 339 -12.73 -1.80 -19.42
C PHE C 339 -13.60 -1.64 -18.19
N LEU C 340 -13.59 -0.46 -17.58
CA LEU C 340 -14.42 -0.22 -16.41
C LEU C 340 -15.90 -0.43 -16.72
N ILE C 341 -16.34 0.00 -17.91
CA ILE C 341 -17.72 -0.23 -18.30
C ILE C 341 -17.95 -1.71 -18.59
N THR C 342 -16.99 -2.37 -19.26
CA THR C 342 -17.13 -3.78 -19.58
C THR C 342 -16.67 -4.68 -18.43
N ASN C 343 -16.47 -4.13 -17.24
CA ASN C 343 -16.25 -4.91 -16.03
C ASN C 343 -17.38 -4.77 -15.03
N ARG C 344 -18.17 -3.71 -15.12
CA ARG C 344 -19.35 -3.55 -14.27
C ARG C 344 -20.59 -4.12 -14.94
N THR C 345 -20.79 -3.83 -16.22
CA THR C 345 -21.95 -4.37 -16.94
C THR C 345 -21.78 -5.86 -17.21
N MET C 346 -20.62 -6.24 -17.75
CA MET C 346 -20.23 -7.63 -17.86
C MET C 346 -19.31 -7.97 -16.69
N GLY C 347 -18.66 -9.13 -16.75
CA GLY C 347 -17.65 -9.46 -15.77
C GLY C 347 -18.16 -10.28 -14.61
N PRO C 348 -17.27 -10.62 -13.68
CA PRO C 348 -17.67 -11.50 -12.58
C PRO C 348 -18.63 -10.86 -11.59
N TYR C 349 -18.46 -9.57 -11.32
CA TYR C 349 -19.38 -8.83 -10.46
C TYR C 349 -20.35 -7.98 -11.27
N ALA C 350 -20.78 -8.50 -12.42
CA ALA C 350 -21.78 -7.82 -13.22
C ALA C 350 -23.07 -7.61 -12.43
N TRP C 351 -23.45 -8.61 -11.64
CA TRP C 351 -24.69 -8.52 -10.88
C TRP C 351 -24.66 -7.41 -9.84
N SER C 352 -23.47 -6.97 -9.42
CA SER C 352 -23.39 -5.87 -8.48
C SER C 352 -23.83 -4.57 -9.13
N TYR C 353 -23.41 -4.33 -10.37
CA TYR C 353 -23.85 -3.14 -11.09
C TYR C 353 -25.27 -3.26 -11.62
N TRP C 354 -25.87 -4.45 -11.57
CA TRP C 354 -27.25 -4.62 -11.99
C TRP C 354 -28.20 -4.81 -10.82
N ALA C 355 -27.71 -5.23 -9.66
CA ALA C 355 -28.44 -5.06 -8.42
C ALA C 355 -28.23 -3.69 -7.82
N LEU C 356 -27.71 -2.76 -8.63
CA LEU C 356 -27.51 -1.36 -8.26
C LEU C 356 -28.39 -0.44 -9.10
N ILE C 357 -28.36 -0.61 -10.43
CA ILE C 357 -29.25 0.15 -11.30
C ILE C 357 -30.70 -0.22 -11.02
N VAL C 358 -30.95 -1.49 -10.69
CA VAL C 358 -32.32 -1.90 -10.34
C VAL C 358 -32.73 -1.29 -9.01
N LEU C 359 -31.81 -1.18 -8.06
CA LEU C 359 -32.12 -0.75 -6.70
C LEU C 359 -31.88 0.74 -6.46
N ASN C 360 -31.44 1.49 -7.47
CA ASN C 360 -31.27 2.93 -7.29
C ASN C 360 -31.84 3.72 -8.45
N VAL C 361 -31.90 3.11 -9.63
CA VAL C 361 -32.35 3.80 -10.84
C VAL C 361 -33.64 3.22 -11.39
N ALA C 362 -34.05 2.03 -10.96
CA ALA C 362 -35.28 1.42 -11.47
C ALA C 362 -36.37 1.33 -10.42
N ILE C 363 -36.09 0.72 -9.27
CA ILE C 363 -37.10 0.55 -8.23
C ILE C 363 -37.40 1.88 -7.53
N PRO C 364 -36.43 2.68 -7.09
CA PRO C 364 -36.77 3.92 -6.39
C PRO C 364 -37.16 5.08 -7.29
N GLN C 365 -37.45 4.85 -8.57
CA GLN C 365 -38.11 5.88 -9.37
C GLN C 365 -39.60 5.97 -9.06
N LEU C 366 -40.11 5.07 -8.23
CA LEU C 366 -41.50 5.15 -7.81
C LEU C 366 -41.75 6.32 -6.87
N LEU C 367 -40.69 6.92 -6.32
CA LEU C 367 -40.83 8.11 -5.50
C LEU C 367 -41.34 9.31 -6.29
N TRP C 368 -41.35 9.22 -7.61
CA TRP C 368 -41.95 10.29 -8.42
C TRP C 368 -43.43 10.42 -8.14
N PHE C 369 -44.11 9.30 -7.96
CA PHE C 369 -45.57 9.27 -7.84
C PHE C 369 -45.95 9.33 -6.36
N LYS C 370 -46.87 10.26 -6.04
CA LYS C 370 -47.36 10.37 -4.68
C LYS C 370 -48.06 9.10 -4.22
N ARG C 371 -48.55 8.28 -5.15
CA ARG C 371 -49.13 6.99 -4.81
C ARG C 371 -48.12 6.08 -4.10
N PHE C 372 -46.85 6.18 -4.47
CA PHE C 372 -45.79 5.35 -3.89
C PHE C 372 -44.95 6.09 -2.86
N ARG C 373 -45.38 7.28 -2.44
CA ARG C 373 -44.69 8.04 -1.40
C ARG C 373 -45.53 8.19 -0.14
N VAL C 374 -46.79 8.60 -0.27
CA VAL C 374 -47.68 8.66 0.88
C VAL C 374 -47.93 7.27 1.45
N SER C 375 -48.03 6.28 0.57
CA SER C 375 -48.22 4.89 1.00
C SER C 375 -46.93 4.42 1.66
N LEU C 376 -46.95 4.34 2.99
CA LEU C 376 -45.75 3.97 3.73
C LEU C 376 -45.21 2.57 3.42
N PRO C 377 -46.02 1.54 3.15
CA PRO C 377 -45.43 0.25 2.77
C PRO C 377 -44.56 0.32 1.53
N TRP C 378 -44.84 1.24 0.61
CA TRP C 378 -43.96 1.41 -0.55
C TRP C 378 -42.75 2.25 -0.19
N LEU C 379 -42.94 3.31 0.60
CA LEU C 379 -41.81 4.11 1.03
C LEU C 379 -40.87 3.32 1.93
N PHE C 380 -41.38 2.33 2.66
CA PHE C 380 -40.53 1.46 3.45
C PHE C 380 -39.87 0.39 2.59
N PHE C 381 -40.50 0.00 1.49
CA PHE C 381 -39.88 -0.95 0.58
C PHE C 381 -38.86 -0.28 -0.32
N ILE C 382 -39.10 0.96 -0.72
CA ILE C 382 -38.13 1.69 -1.52
C ILE C 382 -36.92 2.06 -0.68
N SER C 383 -37.12 2.33 0.61
CA SER C 383 -35.99 2.65 1.49
C SER C 383 -35.14 1.43 1.76
N ILE C 384 -35.76 0.25 1.88
CA ILE C 384 -35.00 -1.00 1.93
C ILE C 384 -34.22 -1.19 0.64
N CYS C 385 -34.85 -0.87 -0.50
CA CYS C 385 -34.20 -1.05 -1.79
C CYS C 385 -33.10 -0.02 -2.02
N ILE C 386 -33.07 1.07 -1.28
CA ILE C 386 -32.02 2.07 -1.43
C ILE C 386 -30.84 1.77 -0.50
N ASN C 387 -31.14 1.42 0.76
CA ASN C 387 -30.07 1.06 1.70
C ASN C 387 -29.27 -0.13 1.20
N ILE C 388 -29.95 -1.11 0.62
CA ILE C 388 -29.23 -2.22 -0.02
C ILE C 388 -28.61 -1.75 -1.32
N GLY C 389 -29.33 -0.92 -2.08
CA GLY C 389 -28.81 -0.44 -3.35
C GLY C 389 -27.62 0.49 -3.19
N MET C 390 -27.68 1.37 -2.20
CA MET C 390 -26.55 2.27 -1.94
C MET C 390 -25.43 1.59 -1.18
N TRP C 391 -25.62 0.36 -0.71
CA TRP C 391 -24.48 -0.43 -0.28
C TRP C 391 -23.77 -1.03 -1.49
N PHE C 392 -24.54 -1.45 -2.49
CA PHE C 392 -23.94 -1.98 -3.70
C PHE C 392 -23.24 -0.91 -4.52
N GLU C 393 -23.65 0.36 -4.38
CA GLU C 393 -22.88 1.43 -5.01
C GLU C 393 -21.51 1.55 -4.37
N ARG C 394 -21.44 1.40 -3.05
CA ARG C 394 -20.15 1.45 -2.38
C ARG C 394 -19.35 0.18 -2.60
N TRP C 395 -20.00 -0.89 -3.05
CA TRP C 395 -19.29 -2.08 -3.47
C TRP C 395 -18.82 -1.97 -4.91
N VAL C 396 -19.61 -1.36 -5.78
CA VAL C 396 -19.18 -1.14 -7.16
C VAL C 396 -18.02 -0.16 -7.21
N ILE C 397 -18.06 0.89 -6.40
CA ILE C 397 -17.00 1.89 -6.44
C ILE C 397 -15.70 1.33 -5.90
N ILE C 398 -15.77 0.54 -4.82
CA ILE C 398 -14.55 0.11 -4.15
C ILE C 398 -14.05 -1.21 -4.71
N VAL C 399 -14.84 -2.28 -4.58
CA VAL C 399 -14.31 -3.60 -4.89
C VAL C 399 -14.38 -3.88 -6.38
N LEU C 400 -15.49 -3.54 -7.03
CA LEU C 400 -15.63 -3.80 -8.46
C LEU C 400 -14.63 -2.98 -9.29
N SER C 401 -14.06 -1.92 -8.73
CA SER C 401 -13.05 -1.14 -9.41
C SER C 401 -11.63 -1.49 -8.97
N LEU C 402 -11.47 -2.18 -7.84
CA LEU C 402 -10.15 -2.60 -7.39
C LEU C 402 -9.78 -3.98 -7.93
N HIS C 403 -10.72 -4.91 -7.96
CA HIS C 403 -10.36 -6.29 -8.25
C HIS C 403 -9.99 -6.49 -9.71
N ARG C 404 -10.25 -5.51 -10.58
CA ARG C 404 -9.85 -5.59 -11.99
C ARG C 404 -9.45 -4.19 -12.41
N ASP C 405 -8.14 -3.94 -12.48
CA ASP C 405 -7.59 -2.62 -12.71
C ASP C 405 -6.41 -2.81 -13.66
N PHE C 406 -5.49 -1.83 -13.68
CA PHE C 406 -4.24 -1.95 -14.42
C PHE C 406 -3.54 -3.25 -14.07
N LEU C 407 -2.64 -3.71 -14.95
CA LEU C 407 -1.81 -4.88 -14.67
C LEU C 407 -2.67 -6.12 -14.42
N PRO C 408 -3.24 -6.73 -15.48
CA PRO C 408 -4.09 -7.91 -15.31
C PRO C 408 -3.54 -9.03 -14.44
N SER C 409 -2.25 -9.04 -14.19
CA SER C 409 -1.66 -10.01 -13.29
C SER C 409 -1.92 -9.70 -11.82
N SER C 410 -2.79 -8.74 -11.53
CA SER C 410 -3.12 -8.33 -10.17
C SER C 410 -4.62 -8.19 -10.02
N TRP C 411 -5.36 -9.22 -10.44
CA TRP C 411 -6.81 -9.20 -10.44
C TRP C 411 -7.33 -10.18 -9.38
N GLY C 412 -7.94 -9.64 -8.33
CA GLY C 412 -8.45 -10.44 -7.24
C GLY C 412 -9.97 -10.57 -7.30
N TYR C 413 -10.53 -11.09 -6.21
CA TYR C 413 -11.98 -11.24 -6.25
C TYR C 413 -12.71 -10.73 -5.01
N TYR C 414 -12.15 -10.91 -3.81
CA TYR C 414 -12.77 -10.47 -2.56
C TYR C 414 -14.15 -11.11 -2.34
N THR C 415 -14.12 -12.40 -2.07
CA THR C 415 -15.24 -13.02 -1.40
C THR C 415 -15.15 -12.68 0.09
N PRO C 416 -16.11 -11.94 0.65
CA PRO C 416 -15.95 -11.46 2.03
C PRO C 416 -16.09 -12.61 3.03
N SER C 417 -15.21 -12.60 4.02
CA SER C 417 -15.19 -13.69 4.99
C SER C 417 -16.34 -13.53 5.98
N VAL C 418 -16.42 -14.46 6.93
CA VAL C 418 -17.47 -14.41 7.94
C VAL C 418 -17.24 -13.23 8.88
N TRP C 419 -16.00 -12.80 9.05
CA TRP C 419 -15.72 -11.69 9.96
C TRP C 419 -15.98 -10.33 9.35
N ASP C 420 -16.24 -10.24 8.04
CA ASP C 420 -16.85 -9.03 7.49
C ASP C 420 -18.34 -8.99 7.73
N ILE C 421 -19.01 -10.14 7.67
CA ILE C 421 -20.45 -10.19 7.90
C ILE C 421 -20.75 -10.06 9.39
N SER C 422 -20.00 -10.77 10.23
CA SER C 422 -20.18 -10.71 11.66
C SER C 422 -19.70 -9.40 12.27
N LEU C 423 -19.14 -8.50 11.48
CA LEU C 423 -18.81 -7.15 11.91
C LEU C 423 -19.76 -6.10 11.38
N TYR C 424 -20.24 -6.28 10.15
CA TYR C 424 -21.21 -5.35 9.58
C TYR C 424 -22.60 -5.59 10.14
N ALA C 425 -23.05 -6.85 10.15
CA ALA C 425 -24.32 -7.18 10.76
C ALA C 425 -24.29 -6.99 12.28
N GLY C 426 -23.11 -6.98 12.88
CA GLY C 426 -22.96 -6.58 14.26
C GLY C 426 -22.82 -5.10 14.47
N SER C 427 -22.53 -4.35 13.41
CA SER C 427 -22.50 -2.90 13.50
C SER C 427 -23.90 -2.33 13.68
N PHE C 428 -24.92 -2.99 13.11
CA PHE C 428 -26.29 -2.61 13.39
C PHE C 428 -26.66 -2.84 14.85
N GLY C 429 -25.93 -3.71 15.54
CA GLY C 429 -26.12 -3.81 16.98
C GLY C 429 -25.68 -2.55 17.70
N TRP C 430 -24.48 -2.07 17.38
CA TRP C 430 -23.98 -0.83 17.98
C TRP C 430 -24.79 0.38 17.54
N PHE C 431 -25.49 0.28 16.41
CA PHE C 431 -26.37 1.36 16.00
C PHE C 431 -27.68 1.34 16.80
N PHE C 432 -28.28 0.17 16.93
CA PHE C 432 -29.55 0.05 17.63
C PHE C 432 -29.40 -0.06 19.14
N PHE C 433 -28.21 -0.43 19.63
CA PHE C 433 -27.96 -0.33 21.07
C PHE C 433 -27.99 1.12 21.51
N LEU C 434 -27.48 2.03 20.68
CA LEU C 434 -27.51 3.45 21.01
C LEU C 434 -28.83 4.09 20.61
N PHE C 435 -29.43 3.62 19.51
CA PHE C 435 -30.69 4.21 19.06
C PHE C 435 -31.86 3.80 19.94
N PHE C 436 -31.81 2.63 20.58
CA PHE C 436 -32.84 2.28 21.54
C PHE C 436 -32.58 2.92 22.89
N LEU C 437 -31.32 3.21 23.21
CA LEU C 437 -31.01 3.95 24.41
C LEU C 437 -31.45 5.40 24.27
N PHE C 438 -31.30 5.98 23.07
CA PHE C 438 -31.68 7.35 22.84
C PHE C 438 -33.19 7.53 22.93
N ILE C 439 -33.95 6.58 22.39
CA ILE C 439 -35.41 6.65 22.45
C ILE C 439 -35.89 6.64 23.90
N ARG C 440 -35.33 5.74 24.71
CA ARG C 440 -35.81 5.58 26.07
C ARG C 440 -35.31 6.68 26.99
N LEU C 441 -34.06 7.10 26.84
CA LEU C 441 -33.49 8.08 27.77
C LEU C 441 -33.81 9.51 27.36
N LEU C 442 -33.76 9.82 26.07
CA LEU C 442 -33.92 11.17 25.58
C LEU C 442 -35.18 11.27 24.72
N PRO C 443 -35.75 12.46 24.58
CA PRO C 443 -36.93 12.62 23.72
C PRO C 443 -36.62 12.27 22.27
N ALA C 444 -37.30 11.26 21.74
CA ALA C 444 -37.06 10.78 20.39
C ALA C 444 -37.54 11.74 19.32
N ILE C 445 -38.02 12.91 19.70
CA ILE C 445 -38.51 13.92 18.76
C ILE C 445 -38.49 15.25 19.50
N SER C 446 -38.03 16.30 18.81
CA SER C 446 -37.81 17.59 19.44
C SER C 446 -39.10 18.10 20.07
N ILE C 447 -38.97 18.77 21.21
CA ILE C 447 -40.13 19.25 21.96
C ILE C 447 -40.36 20.73 21.72
N PHE C 448 -39.34 21.57 21.92
CA PHE C 448 -39.52 23.00 21.70
C PHE C 448 -39.66 23.32 20.21
N GLU C 449 -39.00 22.53 19.34
CA GLU C 449 -39.19 22.70 17.91
C GLU C 449 -40.57 22.24 17.47
N VAL C 450 -41.23 21.40 18.25
CA VAL C 450 -42.61 21.04 18.00
C VAL C 450 -43.57 21.89 18.84
N ARG C 451 -43.06 22.56 19.87
CA ARG C 451 -43.82 23.65 20.48
C ARG C 451 -43.97 24.80 19.50
N ASP C 452 -42.88 25.21 18.85
CA ASP C 452 -42.99 25.93 17.60
C ASP C 452 -43.58 25.01 16.54
N LEU C 453 -44.16 25.62 15.50
CA LEU C 453 -44.97 24.96 14.47
C LEU C 453 -46.31 24.55 15.06
N VAL C 454 -46.46 24.68 16.38
CA VAL C 454 -47.75 24.75 17.02
C VAL C 454 -48.09 26.18 17.40
N HIS C 455 -47.12 26.92 17.93
CA HIS C 455 -47.26 28.36 18.04
C HIS C 455 -47.28 29.03 16.68
N LYS C 456 -46.66 28.41 15.66
CA LYS C 456 -46.71 28.97 14.31
C LYS C 456 -48.02 28.64 13.60
N THR C 457 -48.64 27.52 13.95
CA THR C 457 -49.93 27.19 13.34
C THR C 457 -51.05 28.03 13.91
N GLU C 458 -51.00 28.32 15.22
CA GLU C 458 -51.98 29.21 15.81
C GLU C 458 -51.77 30.66 15.40
N THR C 459 -50.52 31.05 15.14
CA THR C 459 -50.27 32.40 14.68
C THR C 459 -50.81 32.60 13.26
N GLU C 460 -50.81 31.55 12.45
CA GLU C 460 -51.37 31.66 11.10
C GLU C 460 -52.89 31.51 11.12
N LYS C 461 -53.42 30.69 12.04
CA LYS C 461 -54.86 30.59 12.21
C LYS C 461 -55.46 31.85 12.80
N ALA C 462 -54.64 32.70 13.43
CA ALA C 462 -55.16 33.91 14.05
C ALA C 462 -55.65 34.91 13.01
N LEU C 463 -54.90 35.05 11.92
CA LEU C 463 -55.30 35.99 10.87
C LEU C 463 -56.54 35.49 10.13
N ALA C 464 -56.63 34.19 9.88
CA ALA C 464 -57.77 33.60 9.20
C ALA C 464 -58.83 33.17 10.21
N THR D 19 -33.68 36.21 50.94
CA THR D 19 -33.32 37.42 50.21
C THR D 19 -34.20 37.52 48.97
N LEU D 20 -34.35 38.74 48.46
CA LEU D 20 -35.25 39.00 47.35
C LEU D 20 -34.49 38.96 46.03
N TYR D 21 -35.04 38.22 45.07
CA TYR D 21 -34.53 38.21 43.71
C TYR D 21 -35.40 39.03 42.77
N GLY D 22 -36.71 38.97 42.94
CA GLY D 22 -37.62 39.76 42.12
C GLY D 22 -38.97 39.10 42.04
N LEU D 23 -39.84 39.73 41.26
CA LEU D 23 -41.18 39.21 41.00
C LEU D 23 -41.31 38.80 39.54
N MET D 24 -42.13 37.79 39.28
CA MET D 24 -42.37 37.31 37.93
C MET D 24 -43.86 37.10 37.72
N ALA D 25 -44.30 37.27 36.48
CA ALA D 25 -45.70 37.16 36.12
C ALA D 25 -45.88 36.00 35.14
N GLU D 26 -46.78 35.09 35.47
CA GLU D 26 -47.06 33.94 34.62
C GLU D 26 -48.09 34.31 33.57
N PHE D 27 -47.85 33.88 32.34
CA PHE D 27 -48.74 34.14 31.22
C PHE D 27 -49.18 32.81 30.61
N ASP D 28 -50.46 32.73 30.24
CA ASP D 28 -50.98 31.48 29.69
C ASP D 28 -50.73 31.33 28.20
N ASP D 29 -50.55 32.42 27.47
CA ASP D 29 -50.30 32.38 26.04
C ASP D 29 -49.02 33.14 25.73
N ALA D 30 -48.58 33.05 24.48
CA ALA D 30 -47.32 33.65 24.06
C ALA D 30 -47.49 35.09 23.59
N GLU D 31 -48.60 35.42 22.92
CA GLU D 31 -48.76 36.75 22.38
C GLU D 31 -49.03 37.78 23.47
N ALA D 32 -49.58 37.35 24.61
CA ALA D 32 -49.81 38.28 25.71
C ALA D 32 -48.54 38.58 26.49
N LEU D 33 -47.53 37.74 26.37
CA LEU D 33 -46.25 38.02 27.01
C LEU D 33 -45.39 38.94 26.15
N LEU D 34 -45.35 38.69 24.84
CA LEU D 34 -44.59 39.55 23.94
C LEU D 34 -45.09 40.97 23.97
N ALA D 35 -46.42 41.15 24.05
CA ALA D 35 -46.97 42.49 24.23
C ALA D 35 -46.66 43.02 25.62
N ALA D 36 -46.46 42.12 26.60
CA ALA D 36 -46.07 42.55 27.94
C ALA D 36 -44.56 42.75 28.05
N ALA D 37 -43.78 41.93 27.35
CA ALA D 37 -42.35 42.21 27.24
C ALA D 37 -42.07 43.42 26.37
N GLU D 38 -43.04 43.82 25.53
CA GLU D 38 -42.95 45.12 24.87
C GLU D 38 -43.07 46.25 25.89
N LYS D 39 -43.95 46.08 26.87
CA LYS D 39 -43.87 46.90 28.08
C LYS D 39 -42.66 46.48 28.91
N THR D 40 -42.45 47.19 30.02
CA THR D 40 -41.33 46.96 30.94
C THR D 40 -40.00 47.34 30.28
N ARG D 41 -40.04 47.70 29.00
CA ARG D 41 -38.91 48.32 28.32
C ARG D 41 -39.19 49.79 28.02
N ASP D 42 -40.38 50.08 27.51
CA ASP D 42 -40.85 51.47 27.46
C ASP D 42 -41.33 51.97 28.80
N ALA D 43 -41.31 51.13 29.83
CA ALA D 43 -41.60 51.56 31.19
C ALA D 43 -40.34 51.97 31.95
N GLY D 44 -39.16 51.57 31.47
CA GLY D 44 -37.91 52.02 32.04
C GLY D 44 -37.10 50.95 32.76
N TYR D 45 -37.45 49.68 32.63
CA TYR D 45 -36.72 48.62 33.32
C TYR D 45 -35.65 48.05 32.41
N LYS D 46 -34.56 47.59 33.02
CA LYS D 46 -33.46 46.99 32.28
C LYS D 46 -33.01 45.64 32.81
N GLN D 47 -33.25 45.33 34.08
CA GLN D 47 -32.87 44.04 34.66
C GLN D 47 -34.12 43.16 34.72
N PHE D 48 -34.44 42.56 33.58
CA PHE D 48 -35.60 41.68 33.50
C PHE D 48 -35.44 40.74 32.31
N GLU D 49 -36.16 39.62 32.35
CA GLU D 49 -36.14 38.64 31.28
C GLU D 49 -37.52 38.02 31.17
N ALA D 50 -37.74 37.28 30.10
CA ALA D 50 -39.01 36.61 29.84
C ALA D 50 -38.73 35.16 29.50
N TYR D 51 -39.06 34.24 30.40
CA TYR D 51 -38.71 32.84 30.27
C TYR D 51 -39.83 32.08 29.60
N THR D 52 -39.57 31.57 28.40
CA THR D 52 -40.55 30.90 27.56
C THR D 52 -40.13 29.46 27.27
N PRO D 53 -41.08 28.59 26.93
CA PRO D 53 -40.68 27.22 26.54
C PRO D 53 -40.06 27.14 25.16
N MET D 54 -40.45 28.02 24.24
CA MET D 54 -39.96 28.03 22.88
C MET D 54 -39.48 29.44 22.54
N PRO D 55 -38.62 29.58 21.52
CA PRO D 55 -38.19 30.93 21.14
C PRO D 55 -39.32 31.72 20.49
N ILE D 56 -39.83 32.72 21.20
CA ILE D 56 -40.90 33.57 20.67
C ILE D 56 -40.27 34.60 19.75
N HIS D 57 -40.58 34.52 18.47
CA HIS D 57 -40.05 35.47 17.50
C HIS D 57 -40.55 36.87 17.83
N GLY D 58 -39.65 37.74 18.27
CA GLY D 58 -39.98 39.09 18.66
C GLY D 58 -39.69 39.40 20.11
N LEU D 59 -39.48 38.37 20.95
CA LEU D 59 -39.17 38.61 22.36
C LEU D 59 -37.86 39.39 22.50
N ASP D 60 -36.78 38.86 21.94
CA ASP D 60 -35.60 39.68 21.74
C ASP D 60 -35.94 40.89 20.87
N GLU D 61 -35.25 41.99 21.12
CA GLU D 61 -35.53 43.34 20.61
C GLU D 61 -36.81 43.93 21.21
N ALA D 62 -37.54 43.18 22.03
CA ALA D 62 -38.61 43.72 22.86
C ALA D 62 -38.26 43.69 24.34
N VAL D 63 -37.57 42.65 24.80
CA VAL D 63 -36.93 42.68 26.12
C VAL D 63 -35.77 43.65 26.16
N GLY D 64 -35.20 43.97 25.00
CA GLY D 64 -34.12 44.93 24.93
C GLY D 64 -32.74 44.34 24.80
N TYR D 65 -32.62 43.11 24.29
CA TYR D 65 -31.30 42.48 24.19
C TYR D 65 -30.48 43.13 23.09
N ARG D 66 -31.08 43.34 21.91
CA ARG D 66 -30.44 43.97 20.77
C ARG D 66 -29.18 43.21 20.35
N GLY D 67 -29.38 41.96 19.94
CA GLY D 67 -28.33 41.17 19.32
C GLY D 67 -27.31 40.57 20.26
N THR D 68 -26.80 39.41 19.90
CA THR D 68 -25.76 38.73 20.66
C THR D 68 -24.41 38.90 19.95
N ARG D 69 -23.35 38.91 20.74
CA ARG D 69 -21.99 39.01 20.23
C ARG D 69 -21.36 37.65 19.96
N LEU D 70 -22.18 36.61 19.86
CA LEU D 70 -21.70 35.24 19.66
C LEU D 70 -21.22 34.96 18.24
N PRO D 71 -21.86 35.46 17.17
CA PRO D 71 -21.30 35.22 15.84
C PRO D 71 -19.90 35.79 15.64
N TRP D 72 -19.51 36.80 16.42
CA TRP D 72 -18.19 37.38 16.26
C TRP D 72 -17.10 36.55 16.95
N VAL D 73 -17.45 35.85 18.02
CA VAL D 73 -16.47 34.96 18.65
C VAL D 73 -16.45 33.60 17.96
N ILE D 74 -17.53 33.21 17.28
CA ILE D 74 -17.48 32.02 16.45
C ILE D 74 -16.55 32.24 15.27
N PHE D 75 -16.71 33.36 14.57
CA PHE D 75 -15.86 33.67 13.42
C PHE D 75 -14.43 33.91 13.85
N GLY D 76 -14.23 34.61 14.97
CA GLY D 76 -12.88 34.84 15.45
C GLY D 76 -12.17 33.55 15.81
N ALA D 77 -12.91 32.60 16.39
CA ALA D 77 -12.34 31.28 16.67
C ALA D 77 -12.39 30.37 15.46
N GLY D 78 -13.21 30.68 14.46
CA GLY D 78 -13.21 29.90 13.23
C GLY D 78 -12.12 30.33 12.27
N LEU D 79 -11.77 31.62 12.28
CA LEU D 79 -10.61 32.06 11.51
C LEU D 79 -9.31 31.64 12.17
N LEU D 80 -9.34 31.43 13.49
CA LEU D 80 -8.17 30.94 14.21
C LEU D 80 -7.99 29.44 14.04
N GLY D 81 -9.05 28.71 13.70
CA GLY D 81 -8.95 27.30 13.46
C GLY D 81 -8.68 26.98 12.00
N ALA D 82 -8.83 27.98 11.15
CA ALA D 82 -8.51 27.84 9.74
C ALA D 82 -7.08 28.31 9.44
N SER D 83 -6.72 29.50 9.92
CA SER D 83 -5.35 29.96 9.83
C SER D 83 -4.44 29.33 10.86
N GLY D 84 -4.96 28.42 11.67
CA GLY D 84 -4.15 27.69 12.63
C GLY D 84 -3.99 26.25 12.23
N MET D 85 -4.79 25.81 11.27
CA MET D 85 -4.65 24.49 10.68
C MET D 85 -3.95 24.51 9.33
N PHE D 86 -4.21 25.53 8.50
CA PHE D 86 -3.43 25.69 7.28
C PHE D 86 -1.98 26.05 7.60
N ALA D 87 -1.75 26.81 8.67
CA ALA D 87 -0.40 27.12 9.10
C ALA D 87 0.25 25.97 9.87
N LEU D 88 -0.51 24.93 10.21
CA LEU D 88 0.08 23.74 10.78
C LEU D 88 0.53 22.75 9.72
N GLN D 89 -0.30 22.52 8.70
CA GLN D 89 0.11 21.63 7.62
C GLN D 89 1.24 22.22 6.80
N THR D 90 1.21 23.54 6.59
CA THR D 90 2.31 24.19 5.87
C THR D 90 3.60 24.11 6.67
N TRP D 91 3.51 24.32 7.99
CA TRP D 91 4.69 24.18 8.84
C TRP D 91 5.17 22.74 8.88
N ILE D 92 4.24 21.79 8.86
CA ILE D 92 4.60 20.37 8.89
C ILE D 92 5.27 19.95 7.59
N ASN D 93 4.94 20.61 6.48
CA ASN D 93 5.45 20.21 5.19
C ASN D 93 6.54 21.12 4.64
N LEU D 94 6.80 22.26 5.27
CA LEU D 94 7.85 23.17 4.82
C LEU D 94 8.97 23.30 5.85
N VAL D 95 8.64 23.71 7.08
CA VAL D 95 9.65 24.05 8.06
C VAL D 95 10.06 22.82 8.86
N GLU D 96 9.11 22.20 9.54
CA GLU D 96 9.39 21.06 10.41
C GLU D 96 9.27 19.79 9.59
N TYR D 97 10.40 19.21 9.23
CA TYR D 97 10.49 17.93 8.54
C TYR D 97 9.76 17.93 7.20
N PRO D 98 10.26 18.64 6.20
CA PRO D 98 9.65 18.58 4.88
C PRO D 98 9.99 17.27 4.19
N LEU D 99 8.98 16.62 3.62
CA LEU D 99 9.13 15.30 3.04
C LEU D 99 8.83 15.32 1.55
N ASN D 100 9.55 14.48 0.81
CA ASN D 100 9.33 14.29 -0.63
C ASN D 100 8.25 13.26 -0.86
N ILE D 101 7.08 13.42 -0.24
CA ILE D 101 6.12 12.33 -0.21
C ILE D 101 5.29 12.36 -1.50
N GLY D 102 5.70 11.58 -2.48
CA GLY D 102 4.96 11.40 -3.70
C GLY D 102 5.38 12.28 -4.86
N GLY D 103 6.53 12.93 -4.79
CA GLY D 103 6.89 13.92 -5.77
C GLY D 103 6.08 15.20 -5.70
N ARG D 104 5.12 15.28 -4.77
CA ARG D 104 4.26 16.46 -4.65
C ARG D 104 5.04 17.59 -4.00
N PRO D 105 4.69 18.84 -4.30
CA PRO D 105 5.45 19.97 -3.77
C PRO D 105 5.30 20.08 -2.26
N LEU D 106 6.28 20.75 -1.64
CA LEU D 106 6.27 20.92 -0.20
C LEU D 106 5.06 21.73 0.24
N PHE D 107 4.91 22.94 -0.30
CA PHE D 107 3.68 23.71 -0.11
C PHE D 107 2.67 23.28 -1.16
N SER D 108 2.10 22.11 -0.93
CA SER D 108 0.92 21.69 -1.68
C SER D 108 -0.24 22.55 -1.22
N TRP D 109 -0.58 23.55 -2.02
CA TRP D 109 -1.65 24.45 -1.61
C TRP D 109 -3.01 23.74 -1.64
N PRO D 110 -3.28 22.80 -2.54
CA PRO D 110 -4.40 21.88 -2.30
C PRO D 110 -3.90 20.78 -1.35
N ALA D 111 -4.85 19.96 -0.90
CA ALA D 111 -4.61 18.87 0.06
C ALA D 111 -4.26 19.41 1.44
N PHE D 112 -4.12 20.73 1.56
CA PHE D 112 -4.09 21.39 2.86
C PHE D 112 -5.42 22.01 3.21
N ILE D 113 -6.27 22.23 2.21
CA ILE D 113 -7.54 22.92 2.37
C ILE D 113 -8.60 22.00 2.98
N PRO D 114 -8.76 20.74 2.56
CA PRO D 114 -9.73 19.87 3.25
C PRO D 114 -9.40 19.57 4.69
N ALA D 115 -8.20 19.94 5.18
CA ALA D 115 -7.87 19.78 6.58
C ALA D 115 -7.79 21.08 7.35
N THR D 116 -7.71 22.22 6.66
CA THR D 116 -7.92 23.51 7.30
C THR D 116 -9.37 23.96 7.20
N PHE D 117 -10.17 23.28 6.39
CA PHE D 117 -11.61 23.52 6.41
C PHE D 117 -12.24 22.88 7.64
N GLU D 118 -11.94 21.61 7.88
CA GLU D 118 -12.43 20.94 9.08
C GLU D 118 -11.70 21.38 10.34
N GLY D 119 -10.76 22.30 10.24
CA GLY D 119 -10.20 22.95 11.41
C GLY D 119 -10.93 24.26 11.65
N MET D 120 -11.56 24.76 10.60
CA MET D 120 -12.42 25.94 10.70
C MET D 120 -13.81 25.56 11.17
N VAL D 121 -14.36 24.44 10.67
CA VAL D 121 -15.66 23.98 11.12
C VAL D 121 -15.60 23.49 12.56
N LEU D 122 -14.51 22.84 12.94
CA LEU D 122 -14.41 22.29 14.29
C LEU D 122 -14.22 23.40 15.32
N LEU D 123 -13.32 24.34 15.07
CA LEU D 123 -13.06 25.39 16.05
C LEU D 123 -14.23 26.37 16.14
N SER D 124 -15.02 26.49 15.08
CA SER D 124 -16.20 27.35 15.15
C SER D 124 -17.29 26.69 15.97
N ALA D 125 -17.60 25.43 15.68
CA ALA D 125 -18.64 24.71 16.42
C ALA D 125 -18.24 24.46 17.86
N PHE D 126 -16.95 24.55 18.19
CA PHE D 126 -16.55 24.55 19.59
C PHE D 126 -16.84 25.88 20.25
N ALA D 127 -16.78 26.97 19.49
CA ALA D 127 -17.13 28.29 19.98
C ALA D 127 -18.58 28.64 19.70
N ALA D 128 -19.34 27.74 19.07
CA ALA D 128 -20.75 27.96 18.85
C ALA D 128 -21.58 27.38 19.99
N VAL D 129 -21.14 26.25 20.55
CA VAL D 129 -21.85 25.67 21.69
C VAL D 129 -21.26 26.18 22.99
N PHE D 130 -19.98 25.93 23.23
CA PHE D 130 -19.32 26.42 24.43
C PHE D 130 -19.14 27.94 24.41
N GLY D 131 -19.41 28.59 23.29
CA GLY D 131 -19.40 30.04 23.24
C GLY D 131 -20.79 30.59 23.49
N MET D 132 -21.79 29.74 23.35
CA MET D 132 -23.16 30.07 23.73
C MET D 132 -23.44 29.69 25.18
N ILE D 133 -23.01 28.48 25.56
CA ILE D 133 -23.18 28.02 26.94
C ILE D 133 -22.45 28.95 27.90
N ALA D 134 -21.30 29.49 27.48
CA ALA D 134 -20.62 30.49 28.28
C ALA D 134 -21.24 31.87 28.13
N ALA D 135 -21.89 32.14 26.99
CA ALA D 135 -22.58 33.42 26.81
C ALA D 135 -23.72 33.57 27.80
N CYS D 136 -24.61 32.58 27.83
CA CYS D 136 -25.56 32.47 28.92
C CYS D 136 -24.81 32.09 30.20
N GLY D 137 -25.49 32.24 31.33
CA GLY D 137 -25.00 31.63 32.55
C GLY D 137 -25.52 30.20 32.60
N LEU D 138 -25.21 29.42 31.58
CA LEU D 138 -25.84 28.12 31.38
C LEU D 138 -25.28 27.00 32.26
N PRO D 139 -23.92 26.77 32.33
CA PRO D 139 -23.42 25.60 33.08
C PRO D 139 -23.46 25.80 34.59
N ARG D 140 -24.61 26.25 35.09
CA ARG D 140 -24.85 26.38 36.52
C ARG D 140 -26.33 26.18 36.81
N PRO D 141 -26.69 25.11 37.50
CA PRO D 141 -28.07 24.97 37.97
C PRO D 141 -28.33 25.90 39.14
N TYR D 142 -29.51 25.82 39.74
CA TYR D 142 -29.94 26.75 40.79
C TYR D 142 -29.87 28.19 40.31
N HIS D 143 -30.68 28.51 39.34
CA HIS D 143 -30.88 29.94 39.17
C HIS D 143 -31.89 30.43 40.21
N PRO D 144 -31.75 31.67 40.68
CA PRO D 144 -32.71 32.18 41.67
C PRO D 144 -34.14 32.32 41.17
N VAL D 145 -34.41 31.89 39.93
CA VAL D 145 -35.76 31.95 39.39
C VAL D 145 -36.47 30.60 39.44
N PHE D 146 -35.73 29.49 39.54
CA PHE D 146 -36.37 28.17 39.52
C PHE D 146 -37.21 27.94 40.77
N ASN D 147 -36.89 28.61 41.87
CA ASN D 147 -37.68 28.48 43.09
C ASN D 147 -38.86 29.45 43.07
N ALA D 148 -39.61 29.43 41.99
CA ALA D 148 -40.87 30.14 41.84
C ALA D 148 -42.03 29.17 41.95
N PRO D 149 -43.22 29.63 42.36
CA PRO D 149 -44.29 28.66 42.66
C PRO D 149 -44.81 27.91 41.44
N ASN D 150 -44.58 28.42 40.23
CA ASN D 150 -45.07 27.71 39.06
C ASN D 150 -44.08 27.76 37.90
N PHE D 151 -42.79 28.04 38.18
CA PHE D 151 -41.82 28.15 37.10
C PHE D 151 -41.52 26.80 36.45
N GLU D 152 -41.79 25.69 37.13
CA GLU D 152 -41.57 24.38 36.51
C GLU D 152 -42.52 24.12 35.35
N ARG D 153 -43.43 25.04 35.07
CA ARG D 153 -44.23 25.01 33.85
C ARG D 153 -43.71 25.95 32.77
N ALA D 154 -42.63 26.68 33.04
CA ALA D 154 -42.10 27.61 32.05
C ALA D 154 -41.51 26.86 30.86
N SER D 155 -40.90 25.72 31.10
CA SER D 155 -40.35 24.91 30.01
C SER D 155 -41.36 23.95 29.43
N VAL D 156 -42.65 24.06 29.77
CA VAL D 156 -43.67 23.20 29.22
C VAL D 156 -44.76 24.03 28.54
N ASP D 157 -45.50 24.80 29.32
CA ASP D 157 -46.67 25.48 28.79
C ASP D 157 -46.70 26.97 29.09
N ARG D 158 -46.29 27.38 30.29
CA ARG D 158 -46.51 28.75 30.75
C ARG D 158 -45.37 29.67 30.32
N PHE D 159 -45.72 30.95 30.18
CA PHE D 159 -44.76 31.98 29.81
C PHE D 159 -44.62 32.96 30.96
N PHE D 160 -43.39 33.36 31.25
CA PHE D 160 -43.09 34.16 32.42
C PHE D 160 -42.36 35.43 32.05
N LEU D 161 -42.27 36.34 33.02
CA LEU D 161 -41.53 37.60 32.84
C LEU D 161 -41.06 38.04 34.22
N CYS D 162 -39.81 37.76 34.54
CA CYS D 162 -39.26 38.10 35.84
C CYS D 162 -38.54 39.44 35.77
N ILE D 163 -38.71 40.23 36.83
CA ILE D 163 -38.02 41.51 36.98
C ILE D 163 -37.09 41.39 38.17
N GLU D 164 -35.79 41.47 37.91
CA GLU D 164 -34.81 41.32 38.96
C GLU D 164 -34.88 42.50 39.94
N ALA D 165 -34.31 42.29 41.13
CA ALA D 165 -34.33 43.28 42.20
C ALA D 165 -33.06 44.14 42.21
N ALA D 166 -32.45 44.38 41.05
CA ALA D 166 -31.21 45.13 41.00
C ALA D 166 -31.41 46.54 40.47
N ASP D 167 -32.27 46.73 39.49
CA ASP D 167 -32.47 48.04 38.89
C ASP D 167 -33.09 49.00 39.91
N PRO D 168 -32.77 50.29 39.85
CA PRO D 168 -33.27 51.21 40.87
C PRO D 168 -34.78 51.42 40.81
N LYS D 169 -35.38 51.39 39.62
CA LYS D 169 -36.83 51.54 39.50
C LYS D 169 -37.48 50.19 39.75
N PHE D 170 -37.56 49.86 41.04
CA PHE D 170 -38.08 48.57 41.48
C PHE D 170 -38.49 48.69 42.95
N GLU D 171 -39.76 48.38 43.25
CA GLU D 171 -40.25 48.32 44.62
C GLU D 171 -41.22 47.16 44.72
N LEU D 172 -41.08 46.36 45.79
CA LEU D 172 -41.85 45.13 45.91
C LEU D 172 -43.35 45.42 45.95
N LYS D 173 -43.74 46.58 46.50
CA LYS D 173 -45.15 46.93 46.52
C LYS D 173 -45.58 47.67 45.26
N GLN D 174 -44.68 48.39 44.62
CA GLN D 174 -45.05 49.22 43.47
C GLN D 174 -45.05 48.41 42.18
N THR D 175 -43.93 47.76 41.85
CA THR D 175 -43.85 47.05 40.58
C THR D 175 -44.71 45.79 40.59
N ARG D 176 -45.13 45.31 41.76
CA ARG D 176 -46.11 44.24 41.80
C ARG D 176 -47.45 44.73 41.27
N GLN D 177 -47.83 45.97 41.60
CA GLN D 177 -49.03 46.55 41.03
C GLN D 177 -48.87 46.81 39.53
N PHE D 178 -47.64 47.13 39.09
CA PHE D 178 -47.39 47.29 37.66
C PHE D 178 -47.42 45.95 36.94
N LEU D 179 -46.90 44.90 37.58
CA LEU D 179 -46.98 43.56 36.99
C LEU D 179 -48.41 43.06 36.91
N GLU D 180 -49.27 43.48 37.83
CA GLU D 180 -50.69 43.18 37.72
C GLU D 180 -51.43 44.20 36.87
N SER D 181 -50.82 45.35 36.57
CA SER D 181 -51.39 46.27 35.59
C SER D 181 -51.29 45.69 34.18
N LEU D 182 -50.37 44.75 33.99
CA LEU D 182 -50.30 43.95 32.77
C LEU D 182 -51.40 42.90 32.85
N GLY D 183 -51.40 41.93 31.93
CA GLY D 183 -52.22 40.77 32.11
C GLY D 183 -51.41 39.55 32.52
N PRO D 184 -51.30 39.30 33.82
CA PRO D 184 -50.63 38.08 34.29
C PRO D 184 -51.62 36.98 34.64
N LEU D 185 -51.11 35.80 34.99
CA LEU D 185 -51.94 34.81 35.67
C LEU D 185 -51.73 34.86 37.18
N ALA D 186 -50.48 34.96 37.62
CA ALA D 186 -50.20 35.06 39.05
C ALA D 186 -48.83 35.71 39.21
N VAL D 187 -48.81 36.95 39.67
CA VAL D 187 -47.55 37.62 39.97
C VAL D 187 -47.05 37.14 41.32
N SER D 188 -45.83 36.62 41.36
CA SER D 188 -45.31 35.94 42.53
C SER D 188 -43.94 36.48 42.89
N THR D 189 -43.69 36.60 44.19
CA THR D 189 -42.38 36.99 44.70
C THR D 189 -41.44 35.79 44.63
N VAL D 190 -40.39 35.90 43.83
CA VAL D 190 -39.48 34.80 43.58
C VAL D 190 -38.32 34.94 44.56
N ASP D 191 -38.35 34.12 45.61
CA ASP D 191 -37.35 34.21 46.66
C ASP D 191 -36.01 33.66 46.17
N ASN D 192 -34.97 33.96 46.94
CA ASN D 192 -33.61 33.52 46.61
C ASN D 192 -32.86 33.12 47.88
C ACE E 1 7.13 1.30 23.64
O ACE E 1 7.38 0.57 24.60
CH3 ACE E 1 8.21 1.92 22.81
N CYS E 2 5.89 1.59 23.26
CA CYS E 2 4.72 1.07 23.97
C CYS E 2 4.20 -0.23 23.37
N HIS E 3 4.35 -0.39 22.06
CA HIS E 3 3.70 -1.49 21.36
C HIS E 3 4.65 -2.57 20.86
N LEU E 4 5.97 -2.34 20.90
CA LEU E 4 6.98 -3.38 20.73
C LEU E 4 6.73 -4.24 19.49
N GLU E 5 6.15 -3.65 18.45
CA GLU E 5 5.73 -4.45 17.31
C GLU E 5 6.93 -5.06 16.59
N MET E 6 7.88 -4.23 16.19
CA MET E 6 9.13 -4.69 15.60
C MET E 6 10.34 -4.24 16.40
N TYR E 7 10.14 -3.92 17.68
CA TYR E 7 11.27 -3.57 18.53
C TYR E 7 12.21 -4.75 18.71
N ASP E 8 11.65 -5.94 18.88
CA ASP E 8 12.42 -7.19 18.89
C ASP E 8 11.95 -8.01 17.69
N GLN E 9 12.87 -8.28 16.76
CA GLN E 9 12.52 -8.98 15.55
C GLN E 9 13.20 -10.34 15.50
N ALA E 10 12.58 -11.26 14.75
CA ALA E 10 13.10 -12.61 14.60
C ALA E 10 14.24 -12.62 13.59
N LYS E 11 15.36 -12.04 14.01
CA LYS E 11 16.59 -12.04 13.23
C LYS E 11 17.73 -11.69 14.16
N TYR E 12 18.91 -12.19 13.83
CA TYR E 12 20.08 -12.06 14.70
C TYR E 12 20.94 -10.90 14.22
N LYS E 13 20.86 -9.79 14.94
CA LYS E 13 21.70 -8.64 14.69
C LYS E 13 23.16 -8.98 15.04
N PRO E 14 24.13 -8.12 14.65
CA PRO E 14 25.55 -8.43 14.88
C PRO E 14 25.96 -8.96 16.26
N GLN E 15 25.19 -8.65 17.30
CA GLN E 15 25.43 -9.22 18.63
C GLN E 15 24.12 -9.23 19.39
N GLN E 16 23.63 -10.42 19.71
CA GLN E 16 22.53 -10.60 20.65
C GLN E 16 22.41 -12.07 20.98
N ALA E 17 21.79 -12.36 22.12
CA ALA E 17 21.77 -13.72 22.64
C ALA E 17 21.02 -14.66 21.70
N SER E 18 21.30 -15.95 21.85
CA SER E 18 20.69 -16.99 21.05
C SER E 18 20.05 -18.03 21.96
N GLU E 19 18.89 -18.54 21.55
CA GLU E 19 18.17 -19.53 22.31
C GLU E 19 18.24 -20.92 21.70
N ILE E 20 19.14 -21.13 20.74
CA ILE E 20 19.32 -22.41 20.08
C ILE E 20 20.67 -23.03 20.39
N PHE E 21 21.72 -22.22 20.52
CA PHE E 21 23.06 -22.72 20.75
C PHE E 21 23.36 -22.77 22.23
N ALA E 22 24.24 -23.72 22.61
CA ALA E 22 24.51 -23.99 24.02
C ALA E 22 25.07 -22.77 24.71
N ASP E 23 26.07 -22.13 24.10
CA ASP E 23 26.55 -20.81 24.54
C ASP E 23 25.78 -19.80 23.72
N GLY E 24 24.77 -19.18 24.34
CA GLY E 24 23.91 -18.28 23.61
C GLY E 24 24.68 -17.12 23.00
N ALA E 25 24.92 -17.20 21.71
CA ALA E 25 25.76 -16.21 21.08
C ALA E 25 25.15 -15.58 19.84
N SER E 26 24.48 -16.37 19.01
CA SER E 26 24.02 -16.00 17.67
C SER E 26 25.18 -15.60 16.75
N ALA E 27 26.41 -15.70 17.23
CA ALA E 27 27.63 -15.41 16.48
C ALA E 27 28.46 -16.67 16.60
N ARG E 28 28.24 -17.60 15.70
CA ARG E 28 28.89 -18.89 15.81
C ARG E 28 30.37 -18.78 15.41
N PRO E 29 31.23 -19.59 16.01
CA PRO E 29 32.64 -19.55 15.61
C PRO E 29 32.81 -20.02 14.18
N LEU E 30 33.76 -19.41 13.49
CA LEU E 30 34.05 -19.86 12.13
C LEU E 30 34.64 -21.26 12.17
N VAL E 31 34.26 -22.08 11.19
CA VAL E 31 34.82 -23.42 11.08
C VAL E 31 36.31 -23.30 10.87
N GLU E 32 37.07 -24.26 11.42
CA GLU E 32 38.47 -24.07 11.73
C GLU E 32 39.29 -23.68 10.50
N HIS E 33 39.21 -24.45 9.43
CA HIS E 33 40.09 -24.29 8.28
C HIS E 33 39.38 -23.78 7.03
N THR E 34 38.43 -22.87 7.21
CA THR E 34 37.78 -22.25 6.07
C THR E 34 38.45 -20.93 5.72
N VAL E 35 38.33 -20.57 4.43
CA VAL E 35 38.89 -19.34 3.90
C VAL E 35 37.74 -18.53 3.31
N ALA E 36 37.61 -17.28 3.77
CA ALA E 36 36.56 -16.41 3.27
C ALA E 36 36.92 -15.86 1.90
N ARG E 37 36.04 -15.04 1.35
CA ARG E 37 36.28 -14.50 0.01
C ARG E 37 37.36 -13.42 0.02
N GLY E 38 37.44 -12.62 1.07
CA GLY E 38 38.39 -11.54 1.10
C GLY E 38 39.61 -11.78 1.96
N ARG E 39 39.65 -12.93 2.64
CA ARG E 39 40.67 -13.22 3.63
C ARG E 39 41.40 -14.49 3.23
N LEU E 40 42.45 -14.34 2.40
CA LEU E 40 43.20 -15.49 1.92
C LEU E 40 44.33 -15.86 2.89
N ARG E 41 45.24 -14.92 3.14
CA ARG E 41 46.25 -15.02 4.20
C ARG E 41 47.20 -16.21 3.98
N ILE E 42 47.84 -16.22 2.81
CA ILE E 42 48.82 -17.24 2.45
C ILE E 42 50.11 -16.66 1.90
N ASP E 43 50.27 -15.34 1.86
CA ASP E 43 51.46 -14.72 1.30
C ASP E 43 52.31 -14.14 2.42
N ALA E 44 53.43 -13.52 2.03
CA ALA E 44 54.30 -12.87 3.00
C ALA E 44 53.71 -11.58 3.55
N THR E 45 52.65 -11.05 2.92
CA THR E 45 52.03 -9.81 3.37
C THR E 45 51.00 -10.06 4.47
N SER E 46 50.05 -10.96 4.23
CA SER E 46 48.96 -11.16 5.17
C SER E 46 49.40 -11.95 6.39
N THR E 47 50.43 -12.80 6.25
CA THR E 47 51.11 -13.39 7.39
C THR E 47 52.61 -13.17 7.23
N GLY E 48 53.28 -12.85 8.32
CA GLY E 48 54.70 -12.50 8.22
C GLY E 48 55.57 -13.71 8.09
N ARG E 49 55.32 -14.57 7.11
CA ARG E 49 56.21 -15.72 6.88
C ARG E 49 56.66 -15.70 5.42
N VAL E 50 57.79 -16.33 5.09
CA VAL E 50 58.40 -16.18 3.74
C VAL E 50 57.46 -16.57 2.61
N ASP E 51 56.62 -17.59 2.79
CA ASP E 51 55.65 -17.89 1.74
C ASP E 51 54.28 -18.21 2.31
N GLY E 52 54.00 -17.78 3.54
CA GLY E 52 52.75 -18.09 4.18
C GLY E 52 52.72 -19.40 4.94
N ASP E 53 53.81 -20.17 4.89
CA ASP E 53 53.85 -21.45 5.59
C ASP E 53 53.99 -21.23 7.09
N PRO E 54 53.17 -21.88 7.92
CA PRO E 54 53.30 -21.70 9.36
C PRO E 54 54.64 -22.15 9.90
N ASN E 55 55.25 -23.16 9.29
CA ASN E 55 56.64 -23.53 9.57
C ASN E 55 57.59 -22.80 8.62
N GLY E 56 57.41 -21.47 8.56
CA GLY E 56 58.23 -20.63 7.66
C GLY E 56 59.33 -19.90 8.37
N ALA E 57 59.93 -18.91 7.72
CA ALA E 57 61.13 -18.27 8.31
C ALA E 57 60.96 -16.80 8.71
N TYR E 58 59.75 -16.24 8.65
CA TYR E 58 59.50 -14.84 9.10
C TYR E 58 59.92 -13.90 7.99
N VAL E 59 59.54 -12.63 8.07
CA VAL E 59 59.85 -11.65 7.00
C VAL E 59 60.71 -10.57 7.64
N THR E 60 61.87 -10.23 7.05
CA THR E 60 62.79 -9.28 7.70
C THR E 60 62.33 -7.84 7.45
N THR E 61 62.00 -7.50 6.20
CA THR E 61 61.44 -6.18 5.97
C THR E 61 59.92 -6.27 5.87
N ILE E 62 59.26 -5.17 6.20
CA ILE E 62 57.80 -5.13 6.13
C ILE E 62 57.37 -5.27 4.67
N PRO E 63 56.49 -6.20 4.34
CA PRO E 63 56.16 -6.46 2.94
C PRO E 63 55.44 -5.30 2.25
N ILE E 64 54.47 -4.69 2.92
CA ILE E 64 53.75 -3.58 2.30
C ILE E 64 54.65 -2.35 2.27
N ARG E 65 54.37 -1.46 1.33
CA ARG E 65 55.16 -0.23 1.18
C ARG E 65 54.79 0.73 2.30
N ILE E 66 55.79 1.17 3.06
CA ILE E 66 55.56 2.04 4.21
C ILE E 66 55.46 3.47 3.70
N THR E 67 54.24 3.91 3.45
CA THR E 67 53.97 5.29 3.06
C THR E 67 53.90 6.18 4.30
N PRO E 68 54.27 7.46 4.17
CA PRO E 68 54.28 8.34 5.35
C PRO E 68 52.91 8.52 6.00
N GLU E 69 51.82 8.29 5.28
CA GLU E 69 50.50 8.35 5.92
C GLU E 69 50.16 7.07 6.66
N LEU E 70 50.99 6.03 6.55
CA LEU E 70 50.77 4.78 7.27
C LEU E 70 51.45 4.78 8.64
N LEU E 71 52.55 5.51 8.79
CA LEU E 71 53.21 5.59 10.09
C LEU E 71 52.35 6.37 11.08
N GLU E 72 51.69 7.44 10.62
CA GLU E 72 50.71 8.10 11.46
C GLU E 72 49.50 7.24 11.73
N ARG E 73 49.24 6.26 10.85
CA ARG E 73 48.23 5.24 11.14
C ARG E 73 48.77 4.19 12.09
N GLY E 74 50.08 3.93 12.06
CA GLY E 74 50.69 3.01 12.98
C GLY E 74 50.88 3.59 14.36
N ALA E 75 51.36 4.84 14.43
CA ALA E 75 51.51 5.51 15.72
C ALA E 75 50.17 5.76 16.39
N GLN E 76 49.09 5.84 15.61
CA GLN E 76 47.75 5.94 16.17
C GLN E 76 47.20 4.59 16.58
N ARG E 77 47.54 3.52 15.85
CA ARG E 77 47.09 2.18 16.21
C ARG E 77 47.94 1.58 17.32
N TYR E 78 49.23 1.90 17.36
CA TYR E 78 50.07 1.47 18.47
C TYR E 78 49.62 2.13 19.77
N ARG E 79 49.19 3.39 19.68
CA ARG E 79 48.72 4.10 20.87
C ARG E 79 47.41 3.53 21.39
N ILE E 80 46.66 2.83 20.55
CA ILE E 80 45.39 2.24 20.98
C ILE E 80 45.63 0.93 21.71
N TYR E 81 46.22 -0.04 21.02
CA TYR E 81 46.31 -1.40 21.53
C TYR E 81 47.53 -1.61 22.43
N CYS E 82 48.72 -1.41 21.86
CA CYS E 82 49.94 -1.79 22.57
C CYS E 82 50.27 -0.83 23.70
N ALA E 83 49.97 0.46 23.53
CA ALA E 83 50.48 1.47 24.45
C ALA E 83 49.86 1.36 25.83
N VAL E 84 48.69 0.71 25.94
CA VAL E 84 48.06 0.57 27.25
C VAL E 84 48.83 -0.41 28.12
N CYS E 85 49.70 -1.22 27.53
CA CYS E 85 50.37 -2.29 28.25
C CYS E 85 51.85 -2.42 27.91
N HIS E 86 52.34 -1.78 26.84
CA HIS E 86 53.76 -1.65 26.57
C HIS E 86 54.29 -0.23 26.74
N GLY E 87 53.45 0.72 27.13
CA GLY E 87 53.90 2.10 27.23
C GLY E 87 53.81 2.82 25.91
N VAL E 88 53.54 4.14 25.97
CA VAL E 88 53.39 4.93 24.76
C VAL E 88 54.69 5.00 23.98
N ASN E 89 55.83 5.03 24.68
CA ASN E 89 57.13 5.13 24.05
C ASN E 89 57.85 3.79 23.95
N GLY E 90 57.17 2.69 24.26
CA GLY E 90 57.71 1.38 23.97
C GLY E 90 58.63 0.79 25.00
N ASN E 91 58.85 1.46 26.12
CA ASN E 91 59.76 0.95 27.14
C ASN E 91 59.07 0.05 28.16
N GLY E 92 57.95 -0.56 27.79
CA GLY E 92 57.32 -1.56 28.65
C GLY E 92 56.83 -1.04 29.97
N ARG E 93 56.58 0.28 30.07
CA ARG E 93 56.13 0.89 31.31
C ARG E 93 54.68 1.37 31.21
N GLY E 94 53.85 0.66 30.45
CA GLY E 94 52.45 0.98 30.39
C GLY E 94 51.76 0.81 31.73
N GLN E 95 50.63 1.51 31.87
CA GLN E 95 49.91 1.49 33.15
C GLN E 95 49.43 0.11 33.54
N VAL E 96 49.25 -0.79 32.57
CA VAL E 96 48.83 -2.16 32.84
C VAL E 96 50.06 -3.05 32.85
N GLY E 97 51.06 -2.68 32.05
CA GLY E 97 52.27 -3.49 31.96
C GLY E 97 52.98 -3.65 33.28
N LEU E 98 52.95 -2.61 34.12
CA LEU E 98 53.56 -2.71 35.44
C LEU E 98 52.81 -3.66 36.37
N LEU E 99 51.63 -4.13 35.98
CA LEU E 99 50.83 -5.01 36.80
C LEU E 99 50.77 -6.44 36.29
N LEU E 100 51.41 -6.74 35.17
CA LEU E 100 51.50 -8.10 34.67
C LEU E 100 52.72 -8.78 35.29
N ASN E 101 52.54 -10.02 35.75
CA ASN E 101 53.58 -10.68 36.52
C ASN E 101 54.82 -11.00 35.69
N PRO E 102 54.73 -11.58 34.48
CA PRO E 102 55.91 -11.58 33.60
C PRO E 102 55.90 -10.33 32.72
N ARG E 103 56.27 -9.20 33.34
CA ARG E 103 56.20 -7.82 32.86
C ARG E 103 56.57 -7.73 31.38
N PRO E 104 55.82 -6.98 30.58
CA PRO E 104 56.06 -6.95 29.13
C PRO E 104 57.46 -6.45 28.82
N PRO E 105 58.17 -7.13 27.92
CA PRO E 105 59.55 -6.73 27.60
C PRO E 105 59.56 -5.41 26.85
N SER E 106 60.35 -4.47 27.37
CA SER E 106 60.56 -3.21 26.67
C SER E 106 61.20 -3.47 25.31
N PHE E 107 61.00 -2.52 24.40
CA PHE E 107 61.80 -2.49 23.18
C PHE E 107 63.13 -1.84 23.54
N TYR E 108 63.93 -1.50 22.53
CA TYR E 108 65.26 -0.90 22.65
C TYR E 108 66.28 -1.82 23.29
N ASP E 109 65.90 -3.05 23.64
CA ASP E 109 66.85 -4.04 24.14
C ASP E 109 67.26 -4.95 23.00
N GLN E 110 68.50 -5.45 23.07
CA GLN E 110 69.09 -6.17 21.94
C GLN E 110 68.34 -7.43 21.57
N ARG E 111 67.46 -7.92 22.45
CA ARG E 111 66.67 -9.12 22.12
C ARG E 111 65.61 -8.81 21.08
N LEU E 112 65.04 -7.61 21.12
CA LEU E 112 63.91 -7.26 20.26
C LEU E 112 64.29 -6.35 19.10
N LEU E 113 65.55 -5.96 18.97
CA LEU E 113 65.98 -5.25 17.76
C LEU E 113 66.25 -6.23 16.62
N ASP E 114 67.02 -7.27 16.88
CA ASP E 114 67.28 -8.28 15.86
C ASP E 114 66.08 -9.19 15.62
N MET E 115 65.03 -9.09 16.43
CA MET E 115 63.81 -9.82 16.18
C MET E 115 63.14 -9.26 14.93
N PRO E 116 62.84 -10.14 13.93
CA PRO E 116 62.32 -9.76 12.63
C PRO E 116 60.90 -9.22 12.64
N ASP E 117 60.52 -8.49 11.60
CA ASP E 117 59.16 -8.00 11.51
C ASP E 117 58.13 -9.13 11.47
N GLY E 118 58.56 -10.37 11.27
CA GLY E 118 57.62 -11.48 11.31
C GLY E 118 57.14 -11.76 12.72
N GLU E 119 58.07 -11.72 13.67
CA GLU E 119 57.72 -12.03 15.08
C GLU E 119 56.86 -10.88 15.57
N TYR E 120 57.26 -9.66 15.25
CA TYR E 120 56.45 -8.52 15.67
C TYR E 120 55.05 -8.62 15.11
N TYR E 121 54.88 -9.32 13.98
CA TYR E 121 53.57 -9.59 13.41
C TYR E 121 53.00 -10.91 13.92
N ASP E 122 53.86 -11.87 14.26
CA ASP E 122 53.38 -13.16 14.75
C ASP E 122 52.70 -12.98 16.11
N VAL E 123 53.32 -12.21 17.00
CA VAL E 123 52.69 -11.94 18.29
C VAL E 123 51.53 -10.97 18.14
N LEU E 124 51.52 -10.17 17.07
CA LEU E 124 50.40 -9.25 16.84
C LEU E 124 49.16 -9.99 16.34
N VAL E 125 49.32 -11.23 15.90
CA VAL E 125 48.22 -12.03 15.39
C VAL E 125 47.95 -13.24 16.26
N ASN E 126 49.00 -13.87 16.80
CA ASN E 126 48.85 -15.09 17.59
C ASN E 126 49.24 -14.92 19.04
N GLY E 127 49.78 -13.78 19.44
CA GLY E 127 50.13 -13.58 20.83
C GLY E 127 51.34 -14.39 21.26
N ARG E 128 51.60 -14.32 22.56
CA ARG E 128 52.74 -15.02 23.15
C ARG E 128 52.27 -15.90 24.31
N ARG E 129 53.23 -16.41 25.10
CA ARG E 129 52.88 -17.27 26.21
C ARG E 129 52.07 -16.54 27.29
N THR E 130 52.17 -15.22 27.35
CA THR E 130 51.38 -14.43 28.29
C THR E 130 50.54 -13.36 27.60
N MET E 131 51.04 -12.77 26.52
CA MET E 131 50.27 -11.79 25.77
C MET E 131 49.22 -12.52 24.94
N TYR E 132 47.95 -12.21 25.19
CA TYR E 132 46.87 -12.87 24.47
C TYR E 132 46.89 -12.47 23.00
N PRO E 133 46.39 -13.32 22.11
CA PRO E 133 46.50 -13.03 20.67
C PRO E 133 45.71 -11.80 20.28
N TYR E 134 46.39 -10.87 19.61
CA TYR E 134 45.73 -9.74 18.97
C TYR E 134 45.44 -10.14 17.53
N GLY E 135 45.13 -9.19 16.67
CA GLY E 135 44.80 -9.51 15.30
C GLY E 135 43.33 -9.79 15.07
N TYR E 136 42.60 -10.18 16.10
CA TYR E 136 41.15 -10.05 16.06
C TYR E 136 40.70 -8.68 16.55
N ARG E 137 41.62 -7.87 17.05
CA ARG E 137 41.39 -6.47 17.36
C ARG E 137 41.84 -5.55 16.25
N VAL E 138 43.03 -5.77 15.69
CA VAL E 138 43.50 -4.99 14.56
C VAL E 138 42.72 -5.36 13.31
N GLN E 139 42.75 -6.64 12.93
CA GLN E 139 41.87 -7.22 11.91
C GLN E 139 42.09 -6.60 10.54
N SER E 140 43.25 -6.01 10.30
CA SER E 140 43.54 -5.40 9.00
C SER E 140 45.04 -5.40 8.80
N ILE E 141 45.50 -6.04 7.71
CA ILE E 141 46.92 -6.23 7.47
C ILE E 141 47.63 -4.88 7.31
N SER E 142 46.94 -3.87 6.79
CA SER E 142 47.53 -2.55 6.66
C SER E 142 47.88 -1.97 8.03
N ASP E 143 46.93 -2.01 8.97
CA ASP E 143 47.19 -1.55 10.32
C ASP E 143 47.98 -2.56 11.14
N ARG E 144 47.97 -3.84 10.73
CA ARG E 144 48.77 -4.84 11.42
C ARG E 144 50.26 -4.60 11.20
N TRP E 145 50.64 -4.22 9.98
CA TRP E 145 52.03 -3.89 9.70
C TRP E 145 52.36 -2.44 10.04
N ALA E 146 51.35 -1.58 10.12
CA ALA E 146 51.61 -0.20 10.53
C ALA E 146 52.04 -0.12 11.98
N ILE E 147 51.47 -0.97 12.83
CA ILE E 147 51.92 -1.06 14.21
C ILE E 147 53.36 -1.54 14.26
N VAL E 148 53.67 -2.59 13.49
CA VAL E 148 55.05 -3.08 13.40
C VAL E 148 55.95 -2.00 12.82
N ALA E 149 55.41 -1.16 11.94
CA ALA E 149 56.20 -0.06 11.39
C ALA E 149 56.53 0.99 12.45
N HIS E 150 55.56 1.31 13.30
CA HIS E 150 55.81 2.30 14.35
C HIS E 150 56.78 1.77 15.39
N ILE E 151 56.67 0.49 15.75
CA ILE E 151 57.62 -0.11 16.66
C ILE E 151 58.99 -0.20 16.01
N ARG E 152 59.02 -0.33 14.68
CA ARG E 152 60.29 -0.27 13.95
C ARG E 152 60.90 1.13 14.01
N GLU E 153 60.08 2.17 14.19
CA GLU E 153 60.58 3.52 14.29
C GLU E 153 60.63 4.05 15.72
N LEU E 154 59.98 3.36 16.66
CA LEU E 154 60.25 3.65 18.08
C LEU E 154 61.69 3.34 18.41
N GLN E 155 62.22 2.23 17.89
CA GLN E 155 63.59 1.82 18.12
C GLN E 155 64.61 2.70 17.40
N LYS E 156 64.17 3.75 16.69
CA LYS E 156 65.08 4.69 16.05
C LYS E 156 65.51 5.82 16.99
N ASN E 157 65.05 5.81 18.24
CA ASN E 157 65.48 6.81 19.20
C ASN E 157 65.33 6.26 20.63
N PRO E 158 66.37 5.61 21.17
CA PRO E 158 66.33 5.01 22.51
C PRO E 158 66.33 6.06 23.62
N GLU F 5 -48.49 48.11 -9.34
CA GLU F 5 -48.49 48.20 -10.79
C GLU F 5 -47.86 49.51 -11.27
N PRO F 6 -46.55 49.64 -11.14
CA PRO F 6 -45.89 50.91 -11.49
C PRO F 6 -46.03 51.23 -12.97
N ALA F 7 -46.53 52.44 -13.24
CA ALA F 7 -46.72 52.88 -14.62
C ALA F 7 -45.40 53.21 -15.29
N ALA F 8 -44.36 53.53 -14.53
CA ALA F 8 -43.04 53.82 -15.07
C ALA F 8 -42.16 52.59 -15.17
N LEU F 9 -42.76 51.40 -15.30
CA LEU F 9 -42.02 50.15 -15.46
C LEU F 9 -42.03 49.67 -16.90
N ARG F 10 -43.16 49.77 -17.59
CA ARG F 10 -43.20 49.44 -19.01
C ARG F 10 -42.31 50.34 -19.86
N PRO F 11 -42.29 51.66 -19.69
CA PRO F 11 -41.31 52.47 -20.44
C PRO F 11 -39.90 52.44 -19.87
N ALA F 12 -39.68 51.73 -18.76
CA ALA F 12 -38.34 51.60 -18.21
C ALA F 12 -37.63 50.37 -18.77
N LEU F 13 -38.30 49.22 -18.75
CA LEU F 13 -37.76 48.05 -19.45
C LEU F 13 -37.81 48.24 -20.96
N GLY F 14 -38.74 49.08 -21.44
CA GLY F 14 -38.76 49.38 -22.86
C GLY F 14 -37.54 50.17 -23.31
N ARG F 15 -37.04 51.04 -22.44
CA ARG F 15 -35.79 51.74 -22.75
C ARG F 15 -34.61 50.81 -22.65
N LEU F 16 -34.59 49.94 -21.63
CA LEU F 16 -33.50 48.99 -21.48
C LEU F 16 -33.49 47.96 -22.61
N GLN F 17 -34.67 47.61 -23.11
CA GLN F 17 -34.75 46.67 -24.23
C GLN F 17 -34.14 47.25 -25.48
N GLN F 18 -34.53 48.47 -25.84
CA GLN F 18 -34.04 49.06 -27.08
C GLN F 18 -32.59 49.53 -26.98
N VAL F 19 -32.14 49.91 -25.79
CA VAL F 19 -30.75 50.32 -25.63
C VAL F 19 -29.81 49.13 -25.67
N ALA F 20 -30.16 48.05 -24.97
CA ALA F 20 -29.33 46.85 -25.00
C ALA F 20 -29.30 46.25 -26.40
N LEU F 21 -30.39 46.35 -27.15
CA LEU F 21 -30.41 45.79 -28.49
C LEU F 21 -29.58 46.63 -29.46
N ILE F 22 -29.45 47.93 -29.20
CA ILE F 22 -28.49 48.71 -29.97
C ILE F 22 -27.06 48.36 -29.56
N VAL F 23 -26.83 48.21 -28.25
CA VAL F 23 -25.51 47.78 -27.78
C VAL F 23 -25.22 46.36 -28.28
N GLY F 24 -26.19 45.48 -28.18
CA GLY F 24 -26.04 44.14 -28.73
C GLY F 24 -26.09 44.07 -30.23
N GLY F 25 -26.37 45.18 -30.91
CA GLY F 25 -26.38 45.21 -32.36
C GLY F 25 -25.13 45.86 -32.92
N VAL F 26 -24.64 46.89 -32.24
CA VAL F 26 -23.41 47.55 -32.69
C VAL F 26 -22.19 46.75 -32.29
N ALA F 27 -22.17 46.22 -31.07
CA ALA F 27 -21.06 45.38 -30.65
C ALA F 27 -21.03 44.07 -31.43
N MET F 28 -22.21 43.58 -31.82
CA MET F 28 -22.24 42.43 -32.71
C MET F 28 -21.82 42.82 -34.12
N LEU F 29 -22.06 44.07 -34.50
CA LEU F 29 -21.56 44.56 -35.79
C LEU F 29 -20.05 44.73 -35.76
N LEU F 30 -19.48 44.95 -34.56
CA LEU F 30 -18.02 45.04 -34.45
C LEU F 30 -17.39 43.67 -34.28
N ALA F 31 -18.10 42.73 -33.66
CA ALA F 31 -17.57 41.36 -33.54
C ALA F 31 -17.44 40.72 -34.90
N VAL F 32 -18.41 40.95 -35.79
CA VAL F 32 -18.30 40.43 -37.15
C VAL F 32 -17.27 41.23 -37.94
N ALA F 33 -17.22 42.55 -37.72
CA ALA F 33 -16.19 43.35 -38.36
C ALA F 33 -14.81 43.01 -37.83
N GLY F 34 -14.71 42.71 -36.53
CA GLY F 34 -13.45 42.24 -35.99
C GLY F 34 -13.10 40.84 -36.44
N ALA F 35 -14.11 40.05 -36.81
CA ALA F 35 -13.84 38.71 -37.35
C ALA F 35 -13.15 38.78 -38.70
N PHE F 36 -13.43 39.82 -39.49
CA PHE F 36 -12.80 39.95 -40.80
C PHE F 36 -11.32 40.30 -40.70
N LEU F 37 -10.84 40.73 -39.53
CA LEU F 37 -9.41 40.88 -39.33
C LEU F 37 -8.77 39.54 -39.00
N GLY F 38 -9.19 38.94 -37.89
CA GLY F 38 -8.79 37.59 -37.56
C GLY F 38 -9.99 36.67 -37.39
N ALA F 39 -10.15 35.72 -38.31
CA ALA F 39 -11.35 34.88 -38.30
C ALA F 39 -11.35 33.87 -37.16
N ALA F 40 -10.19 33.59 -36.57
CA ALA F 40 -10.10 32.61 -35.50
C ALA F 40 -10.34 33.23 -34.13
N GLN F 41 -9.91 34.49 -33.94
CA GLN F 41 -10.04 35.12 -32.64
C GLN F 41 -11.50 35.45 -32.32
N PHE F 42 -12.34 35.60 -33.35
CA PHE F 42 -13.75 35.84 -33.10
C PHE F 42 -14.41 34.63 -32.46
N PHE F 43 -14.27 33.46 -33.08
CA PHE F 43 -14.90 32.26 -32.55
C PHE F 43 -14.28 31.84 -31.23
N HIS F 44 -12.97 32.06 -31.07
CA HIS F 44 -12.34 31.84 -29.76
C HIS F 44 -12.97 32.73 -28.70
N SER F 45 -13.37 33.95 -29.08
CA SER F 45 -14.00 34.88 -28.16
C SER F 45 -15.51 34.75 -28.13
N TYR F 46 -16.13 34.29 -29.22
CA TYR F 46 -17.57 34.11 -29.24
C TYR F 46 -18.01 32.95 -28.36
N ILE F 47 -17.20 31.89 -28.28
CA ILE F 47 -17.55 30.77 -27.42
C ILE F 47 -17.42 31.14 -25.95
N PHE F 48 -16.47 32.01 -25.62
CA PHE F 48 -16.35 32.49 -24.24
C PHE F 48 -17.58 33.29 -23.86
N ALA F 49 -17.92 34.29 -24.68
CA ALA F 49 -19.10 35.11 -24.43
C ALA F 49 -20.40 34.34 -24.57
N TYR F 50 -20.39 33.18 -25.22
CA TYR F 50 -21.60 32.40 -25.32
C TYR F 50 -21.93 31.70 -24.00
N PHE F 51 -20.93 31.09 -23.36
CA PHE F 51 -21.17 30.38 -22.11
C PHE F 51 -21.69 31.31 -21.03
N PHE F 52 -21.05 32.47 -20.87
CA PHE F 52 -21.41 33.34 -19.76
C PHE F 52 -22.86 33.79 -19.83
N TRP F 53 -23.40 33.93 -21.04
CA TRP F 53 -24.80 34.28 -21.18
C TRP F 53 -25.69 33.06 -21.34
N MET F 54 -25.17 31.96 -21.88
CA MET F 54 -25.93 30.71 -21.87
C MET F 54 -26.05 30.16 -20.45
N ALA F 55 -24.97 30.18 -19.68
CA ALA F 55 -25.04 29.74 -18.29
C ALA F 55 -25.72 30.76 -17.39
N LEU F 56 -26.10 31.92 -17.91
CA LEU F 56 -27.00 32.83 -17.23
C LEU F 56 -28.43 32.74 -17.75
N SER F 57 -28.59 32.49 -19.05
CA SER F 57 -29.91 32.18 -19.59
C SER F 57 -30.44 30.88 -19.00
N LEU F 58 -29.58 29.88 -18.91
CA LEU F 58 -30.02 28.59 -18.38
C LEU F 58 -29.94 28.57 -16.86
N GLY F 59 -29.12 29.44 -16.26
CA GLY F 59 -29.11 29.55 -14.82
C GLY F 59 -30.42 30.04 -14.28
N GLY F 60 -31.05 30.99 -14.96
CA GLY F 60 -32.39 31.42 -14.60
C GLY F 60 -33.44 30.36 -14.80
N LEU F 61 -33.17 29.35 -15.62
CA LEU F 61 -34.12 28.27 -15.81
C LEU F 61 -34.00 27.22 -14.72
N LEU F 62 -32.78 27.00 -14.21
CA LEU F 62 -32.61 26.02 -13.14
C LEU F 62 -33.24 26.52 -11.85
N VAL F 63 -33.09 27.80 -11.54
CA VAL F 63 -33.68 28.34 -10.33
C VAL F 63 -35.19 28.49 -10.48
N LEU F 64 -35.67 28.83 -11.68
CA LEU F 64 -37.10 28.87 -11.92
C LEU F 64 -37.74 27.51 -11.65
N MET F 65 -37.06 26.43 -12.01
CA MET F 65 -37.57 25.11 -11.66
C MET F 65 -37.41 24.83 -10.17
N ILE F 66 -36.39 25.41 -9.54
CA ILE F 66 -36.27 25.29 -8.08
C ILE F 66 -37.34 26.14 -7.40
N ASN F 67 -37.56 27.36 -7.90
CA ASN F 67 -38.57 28.21 -7.31
C ASN F 67 -39.97 27.63 -7.46
N HIS F 68 -40.25 27.02 -8.62
CA HIS F 68 -41.54 26.36 -8.81
C HIS F 68 -41.68 25.10 -7.98
N LEU F 69 -40.57 24.54 -7.52
CA LEU F 69 -40.62 23.28 -6.78
C LEU F 69 -40.74 23.48 -5.28
N THR F 70 -40.23 24.60 -4.76
CA THR F 70 -40.21 24.87 -3.34
C THR F 70 -40.90 26.19 -3.05
N GLN F 71 -41.74 26.20 -2.02
CA GLN F 71 -42.54 27.37 -1.66
C GLN F 71 -41.67 28.34 -0.86
N GLY F 72 -41.13 29.34 -1.55
CA GLY F 72 -40.36 30.38 -0.90
C GLY F 72 -40.81 31.75 -1.36
N VAL F 73 -40.72 32.72 -0.45
CA VAL F 73 -41.03 34.09 -0.83
C VAL F 73 -39.94 34.65 -1.74
N TRP F 74 -38.70 34.23 -1.50
CA TRP F 74 -37.68 34.34 -2.54
C TRP F 74 -38.17 33.61 -3.78
N GLY F 75 -37.78 34.10 -4.94
CA GLY F 75 -38.19 33.46 -6.17
C GLY F 75 -39.55 33.90 -6.65
N LEU F 76 -40.50 34.10 -5.73
CA LEU F 76 -41.69 34.86 -6.10
C LEU F 76 -41.31 36.26 -6.53
N MET F 77 -40.38 36.89 -5.80
CA MET F 77 -39.78 38.14 -6.25
C MET F 77 -39.02 37.97 -7.55
N LEU F 78 -38.58 36.75 -7.86
CA LEU F 78 -37.82 36.48 -9.07
C LEU F 78 -38.60 35.70 -10.11
N ARG F 79 -39.88 35.37 -9.84
CA ARG F 79 -40.65 34.53 -10.75
C ARG F 79 -40.79 35.11 -12.14
N ARG F 80 -40.59 36.41 -12.30
CA ARG F 80 -40.50 37.00 -13.62
C ARG F 80 -39.09 37.39 -14.01
N LEU F 81 -38.20 37.58 -13.04
CA LEU F 81 -36.79 37.74 -13.35
C LEU F 81 -36.14 36.42 -13.73
N LEU F 82 -36.76 35.29 -13.38
CA LEU F 82 -36.29 33.99 -13.81
C LEU F 82 -37.00 33.49 -15.05
N GLU F 83 -38.30 33.73 -15.18
CA GLU F 83 -39.02 33.35 -16.38
C GLU F 83 -38.61 34.16 -17.59
N ALA F 84 -38.05 35.34 -17.38
CA ALA F 84 -37.51 36.13 -18.49
C ALA F 84 -36.05 35.78 -18.77
N ALA F 85 -35.28 35.50 -17.72
CA ALA F 85 -33.90 35.04 -17.93
C ALA F 85 -33.88 33.66 -18.57
N ALA F 86 -34.87 32.83 -18.27
CA ALA F 86 -34.97 31.52 -18.92
C ALA F 86 -35.51 31.62 -20.33
N LEU F 87 -36.26 32.67 -20.65
CA LEU F 87 -36.86 32.82 -21.97
C LEU F 87 -35.95 33.52 -22.96
N THR F 88 -34.69 33.76 -22.60
CA THR F 88 -33.69 34.14 -23.57
C THR F 88 -33.02 32.93 -24.20
N LEU F 89 -33.46 31.73 -23.88
CA LEU F 89 -33.01 30.50 -24.51
C LEU F 89 -33.51 30.40 -25.95
N PRO F 90 -34.70 30.92 -26.31
CA PRO F 90 -34.98 31.13 -27.73
C PRO F 90 -33.98 32.02 -28.45
N LEU F 91 -33.20 32.82 -27.72
CA LEU F 91 -32.15 33.63 -28.32
C LEU F 91 -30.80 32.92 -28.33
N MET F 92 -30.43 32.28 -27.22
CA MET F 92 -29.16 31.54 -27.17
C MET F 92 -29.15 30.41 -28.18
N ALA F 93 -30.31 29.87 -28.54
CA ALA F 93 -30.38 28.92 -29.64
C ALA F 93 -30.06 29.60 -30.97
N ILE F 94 -30.53 30.84 -31.15
CA ILE F 94 -30.22 31.57 -32.37
C ILE F 94 -28.77 32.02 -32.37
N LEU F 95 -28.29 32.51 -31.22
CA LEU F 95 -26.89 32.91 -31.12
C LEU F 95 -25.93 31.74 -31.12
N PHE F 96 -26.43 30.51 -30.99
CA PHE F 96 -25.58 29.34 -31.15
C PHE F 96 -25.25 29.07 -32.61
N LEU F 97 -26.03 29.59 -33.54
CA LEU F 97 -25.79 29.33 -34.96
C LEU F 97 -24.41 29.74 -35.44
N PRO F 98 -23.82 30.87 -35.02
CA PRO F 98 -22.41 31.12 -35.39
C PRO F 98 -21.44 30.10 -34.81
N ILE F 99 -21.81 29.39 -33.74
CA ILE F 99 -20.97 28.30 -33.26
C ILE F 99 -21.20 27.05 -34.11
N ALA F 100 -22.44 26.83 -34.56
CA ALA F 100 -22.71 25.75 -35.49
C ALA F 100 -22.23 26.08 -36.90
N ALA F 101 -22.19 27.36 -37.26
CA ALA F 101 -21.69 27.75 -38.57
C ALA F 101 -20.19 27.51 -38.71
N GLU F 102 -19.47 27.43 -37.60
CA GLU F 102 -18.06 27.08 -37.65
C GLU F 102 -17.85 25.58 -37.72
N THR F 103 -18.66 24.81 -36.99
CA THR F 103 -18.54 23.36 -37.02
C THR F 103 -18.86 22.82 -38.41
N LEU F 104 -19.82 23.45 -39.10
CA LEU F 104 -20.18 23.01 -40.44
C LEU F 104 -19.08 23.35 -41.44
N MET F 105 -18.54 24.56 -41.37
CA MET F 105 -17.49 24.96 -42.29
C MET F 105 -16.17 24.28 -41.92
N GLY F 106 -15.33 24.09 -42.92
CA GLY F 106 -14.07 23.40 -42.71
C GLY F 106 -12.94 24.32 -42.31
N THR F 107 -13.05 24.92 -41.12
CA THR F 107 -12.00 25.79 -40.61
C THR F 107 -11.38 25.32 -39.30
N HIS F 108 -12.09 24.50 -38.52
CA HIS F 108 -11.58 23.92 -37.28
C HIS F 108 -11.13 24.98 -36.28
N TYR F 109 -11.83 26.11 -36.25
CA TYR F 109 -11.47 27.16 -35.30
C TYR F 109 -11.85 26.77 -33.88
N LEU F 110 -13.11 26.39 -33.67
CA LEU F 110 -13.59 26.09 -32.33
C LEU F 110 -13.18 24.69 -31.89
N PHE F 111 -13.66 23.68 -32.59
CA PHE F 111 -13.51 22.30 -32.15
C PHE F 111 -12.44 21.61 -32.96
N PRO F 112 -11.36 21.11 -32.34
CA PRO F 112 -10.35 20.36 -33.09
C PRO F 112 -10.75 18.95 -33.43
N TRP F 113 -11.84 18.42 -32.88
CA TRP F 113 -12.33 17.13 -33.34
C TRP F 113 -13.04 17.22 -34.68
N THR F 114 -13.22 18.43 -35.22
CA THR F 114 -13.65 18.59 -36.60
C THR F 114 -12.47 18.61 -37.57
N ASN F 115 -11.26 18.83 -37.06
CA ASN F 115 -10.07 18.81 -37.90
C ASN F 115 -9.79 17.37 -38.32
N PRO F 116 -9.85 17.04 -39.62
CA PRO F 116 -9.56 15.66 -40.03
C PRO F 116 -8.11 15.26 -39.85
N GLU F 117 -7.22 16.21 -39.55
CA GLU F 117 -5.85 15.89 -39.18
C GLU F 117 -5.74 15.47 -37.73
N VAL F 118 -6.49 16.10 -36.83
CA VAL F 118 -6.44 15.75 -35.41
C VAL F 118 -7.08 14.38 -35.18
N VAL F 119 -8.24 14.12 -35.78
CA VAL F 119 -8.89 12.83 -35.62
C VAL F 119 -8.21 11.72 -36.41
N ALA F 120 -7.14 12.02 -37.15
CA ALA F 120 -6.32 11.00 -37.78
C ALA F 120 -4.93 10.90 -37.19
N ASN F 121 -4.40 11.99 -36.63
CA ASN F 121 -3.11 11.93 -35.96
C ASN F 121 -3.26 11.40 -34.54
N ASP F 122 -4.22 11.93 -33.79
CA ASP F 122 -4.42 11.53 -32.41
C ASP F 122 -5.36 10.33 -32.32
N GLU F 123 -5.17 9.53 -31.27
CA GLU F 123 -6.00 8.37 -31.02
C GLU F 123 -7.04 8.60 -29.93
N VAL F 124 -6.73 9.46 -28.95
CA VAL F 124 -7.70 9.76 -27.91
C VAL F 124 -8.91 10.49 -28.48
N VAL F 125 -8.70 11.37 -29.45
CA VAL F 125 -9.83 12.07 -30.07
C VAL F 125 -10.56 11.17 -31.04
N ALA F 126 -9.87 10.24 -31.70
CA ALA F 126 -10.50 9.39 -32.69
C ALA F 126 -11.42 8.35 -32.06
N LEU F 127 -11.28 8.07 -30.77
CA LEU F 127 -12.19 7.18 -30.08
C LEU F 127 -13.41 7.89 -29.53
N LYS F 128 -13.39 9.23 -29.48
CA LYS F 128 -14.55 10.01 -29.11
C LYS F 128 -15.33 10.50 -30.32
N THR F 129 -14.87 10.19 -31.53
CA THR F 129 -15.58 10.58 -32.74
C THR F 129 -17.01 10.03 -32.83
N PRO F 130 -17.34 8.84 -32.30
CA PRO F 130 -18.76 8.49 -32.16
C PRO F 130 -19.60 9.54 -31.45
N TYR F 131 -19.02 10.28 -30.51
CA TYR F 131 -19.73 11.36 -29.84
C TYR F 131 -19.34 12.73 -30.34
N LEU F 132 -18.15 12.88 -30.93
CA LEU F 132 -17.65 14.16 -31.42
C LEU F 132 -17.54 14.10 -32.93
N ASN F 133 -18.65 14.38 -33.62
CA ASN F 133 -18.64 14.58 -35.06
C ASN F 133 -19.77 15.54 -35.41
N VAL F 134 -19.68 16.11 -36.62
CA VAL F 134 -20.56 17.21 -36.99
C VAL F 134 -22.04 16.82 -37.02
N PRO F 135 -22.46 15.73 -37.68
CA PRO F 135 -23.91 15.46 -37.73
C PRO F 135 -24.53 15.14 -36.40
N PHE F 136 -23.76 14.64 -35.44
CA PHE F 136 -24.30 14.34 -34.11
C PHE F 136 -24.14 15.50 -33.14
N PHE F 137 -23.09 16.31 -33.28
CA PHE F 137 -22.92 17.47 -32.41
C PHE F 137 -24.01 18.50 -32.67
N LEU F 138 -24.52 18.56 -33.90
CA LEU F 138 -25.59 19.50 -34.22
C LEU F 138 -26.96 18.93 -33.91
N ALA F 139 -27.14 17.62 -34.04
CA ALA F 139 -28.39 16.99 -33.63
C ALA F 139 -28.57 17.07 -32.13
N ARG F 140 -27.46 16.97 -31.38
CA ARG F 140 -27.53 17.17 -29.94
C ARG F 140 -27.84 18.61 -29.60
N ALA F 141 -27.28 19.55 -30.35
CA ALA F 141 -27.50 20.97 -30.08
C ALA F 141 -28.97 21.34 -30.29
N VAL F 142 -29.60 20.80 -31.34
CA VAL F 142 -31.03 21.01 -31.53
C VAL F 142 -31.82 20.36 -30.40
N ILE F 143 -31.33 19.24 -29.87
CA ILE F 143 -32.03 18.54 -28.80
C ILE F 143 -32.02 19.37 -27.52
N TYR F 144 -30.89 20.03 -27.21
CA TYR F 144 -30.84 20.89 -26.04
C TYR F 144 -31.79 22.07 -26.20
N PHE F 145 -31.75 22.74 -27.34
CA PHE F 145 -32.61 23.88 -27.60
C PHE F 145 -34.04 23.48 -27.96
N VAL F 146 -34.38 22.21 -27.77
CA VAL F 146 -35.77 21.78 -27.72
C VAL F 146 -36.21 21.54 -26.28
N LEU F 147 -35.33 20.96 -25.47
CA LEU F 147 -35.61 20.78 -24.05
C LEU F 147 -35.46 22.10 -23.29
N PHE F 148 -34.36 22.82 -23.51
CA PHE F 148 -34.13 24.07 -22.79
C PHE F 148 -35.20 25.10 -23.12
N ILE F 149 -35.50 25.26 -24.41
CA ILE F 149 -36.54 26.20 -24.80
C ILE F 149 -37.92 25.67 -24.42
N GLY F 150 -38.12 24.36 -24.57
CA GLY F 150 -39.41 23.78 -24.23
C GLY F 150 -39.76 23.93 -22.77
N MET F 151 -38.82 23.55 -21.89
CA MET F 151 -39.05 23.70 -20.46
C MET F 151 -39.09 25.15 -20.02
N ALA F 152 -38.51 26.07 -20.80
CA ALA F 152 -38.62 27.48 -20.50
C ALA F 152 -39.85 28.11 -21.11
N TYR F 153 -40.45 27.46 -22.10
CA TYR F 153 -41.68 27.95 -22.71
C TYR F 153 -42.92 27.33 -22.08
N LEU F 154 -42.84 26.08 -21.65
CA LEU F 154 -43.95 25.47 -20.92
C LEU F 154 -44.13 26.13 -19.57
N LEU F 155 -43.03 26.40 -18.87
CA LEU F 155 -43.10 27.05 -17.57
C LEU F 155 -43.46 28.52 -17.67
N ARG F 156 -43.58 29.06 -18.88
CA ARG F 156 -44.04 30.44 -19.08
C ARG F 156 -45.50 30.51 -19.47
N GLN F 157 -45.96 29.65 -20.39
CA GLN F 157 -47.37 29.64 -20.76
C GLN F 157 -48.26 29.30 -19.57
N TRP F 158 -47.79 28.41 -18.70
CA TRP F 158 -48.52 28.15 -17.47
C TRP F 158 -48.45 29.33 -16.51
N SER F 159 -47.35 30.08 -16.54
CA SER F 159 -47.24 31.26 -15.69
C SER F 159 -48.11 32.40 -16.21
N LEU F 160 -48.25 32.52 -17.53
CA LEU F 160 -49.22 33.46 -18.08
C LEU F 160 -50.64 32.94 -17.92
N GLU F 161 -50.80 31.61 -17.83
CA GLU F 161 -52.10 31.04 -17.51
C GLU F 161 -52.45 31.26 -16.05
N GLU F 162 -51.46 31.24 -15.17
CA GLU F 162 -51.70 31.47 -13.75
C GLU F 162 -52.20 32.88 -13.50
N ASP F 163 -51.71 33.85 -14.26
CA ASP F 163 -52.14 35.23 -14.10
C ASP F 163 -53.51 35.46 -14.73
N ALA F 164 -53.72 34.94 -15.94
CA ALA F 164 -54.96 35.19 -16.66
C ALA F 164 -56.12 34.42 -16.06
N LYS F 165 -56.01 33.09 -16.01
CA LYS F 165 -57.10 32.26 -15.50
C LYS F 165 -57.24 32.42 -13.99
N GLY F 166 -56.20 32.07 -13.25
CA GLY F 166 -56.22 32.14 -11.80
C GLY F 166 -55.44 30.97 -11.23
N PHE F 167 -54.96 31.15 -10.00
CA PHE F 167 -54.14 30.14 -9.35
C PHE F 167 -55.03 29.00 -8.88
N SER F 168 -54.96 27.87 -9.58
CA SER F 168 -55.61 26.64 -9.15
C SER F 168 -54.55 25.68 -8.64
N ASP F 169 -54.97 24.74 -7.79
CA ASP F 169 -54.04 23.77 -7.26
C ASP F 169 -53.54 22.81 -8.31
N ASP F 170 -54.30 22.61 -9.40
CA ASP F 170 -53.83 21.76 -10.48
C ASP F 170 -52.70 22.43 -11.24
N LEU F 171 -52.79 23.75 -11.44
CA LEU F 171 -51.73 24.46 -12.13
C LEU F 171 -50.45 24.51 -11.30
N ARG F 172 -50.60 24.68 -9.99
CA ARG F 172 -49.44 24.55 -9.10
C ARG F 172 -48.86 23.14 -9.16
N GLY F 173 -49.71 22.14 -9.35
CA GLY F 173 -49.22 20.78 -9.52
C GLY F 173 -48.54 20.56 -10.86
N ARG F 174 -48.97 21.28 -11.89
CA ARG F 174 -48.32 21.15 -13.19
C ARG F 174 -46.92 21.74 -13.18
N PHE F 175 -46.68 22.75 -12.35
CA PHE F 175 -45.34 23.30 -12.23
C PHE F 175 -44.39 22.29 -11.64
N GLN F 176 -44.75 21.69 -10.50
CA GLN F 176 -43.90 20.71 -9.85
C GLN F 176 -43.87 19.38 -10.60
N ARG F 177 -44.83 19.14 -11.48
CA ARG F 177 -44.79 17.95 -12.32
C ARG F 177 -43.83 18.09 -13.49
N LEU F 178 -43.41 19.31 -13.81
CA LEU F 178 -42.40 19.55 -14.83
C LEU F 178 -41.10 20.12 -14.26
N SER F 179 -41.17 20.84 -13.14
CA SER F 179 -39.94 21.31 -12.53
C SER F 179 -39.16 20.17 -11.89
N GLY F 180 -39.83 19.09 -11.53
CA GLY F 180 -39.15 17.92 -11.02
C GLY F 180 -38.36 17.21 -12.10
N PRO F 181 -39.04 16.62 -13.07
CA PRO F 181 -38.33 15.96 -14.18
C PRO F 181 -37.63 16.93 -15.10
N GLY F 182 -37.89 18.24 -14.99
CA GLY F 182 -37.21 19.19 -15.84
C GLY F 182 -35.75 19.35 -15.47
N ILE F 183 -35.46 19.48 -14.17
CA ILE F 183 -34.08 19.63 -13.72
C ILE F 183 -33.26 18.40 -14.11
N VAL F 184 -33.86 17.22 -14.00
CA VAL F 184 -33.19 16.00 -14.44
C VAL F 184 -32.86 16.08 -15.92
N VAL F 185 -33.81 16.55 -16.73
CA VAL F 185 -33.53 16.78 -18.14
C VAL F 185 -32.60 17.98 -18.29
N LEU F 186 -32.75 18.99 -17.45
CA LEU F 186 -31.92 20.19 -17.59
C LEU F 186 -30.46 19.91 -17.27
N VAL F 187 -30.20 19.12 -16.22
CA VAL F 187 -28.82 18.78 -15.89
C VAL F 187 -28.24 17.82 -16.92
N MET F 188 -28.98 16.76 -17.28
CA MET F 188 -28.46 15.78 -18.22
C MET F 188 -28.24 16.39 -19.59
N ALA F 189 -29.15 17.24 -20.05
CA ALA F 189 -28.93 17.93 -21.31
C ALA F 189 -27.91 19.04 -21.19
N TRP F 190 -27.42 19.34 -19.98
CA TRP F 190 -26.30 20.24 -19.84
C TRP F 190 -24.97 19.50 -19.79
N THR F 191 -24.93 18.32 -19.16
CA THR F 191 -23.73 17.51 -19.20
C THR F 191 -23.52 16.83 -20.53
N PHE F 192 -24.39 17.08 -21.52
CA PHE F 192 -24.06 16.85 -22.91
C PHE F 192 -23.86 18.15 -23.66
N ALA F 193 -24.07 19.30 -23.01
CA ALA F 193 -23.81 20.59 -23.62
C ALA F 193 -22.49 21.21 -23.16
N ALA F 194 -22.02 20.86 -21.97
CA ALA F 194 -20.71 21.32 -21.52
C ALA F 194 -19.59 20.40 -21.99
N THR F 195 -19.91 19.19 -22.44
CA THR F 195 -18.93 18.37 -23.12
C THR F 195 -18.87 18.69 -24.61
N ASP F 196 -20.03 18.96 -25.22
CA ASP F 196 -20.06 19.38 -26.62
C ASP F 196 -19.31 20.69 -26.80
N TRP F 197 -19.75 21.72 -26.08
CA TRP F 197 -19.26 23.07 -26.34
C TRP F 197 -18.08 23.46 -25.46
N GLY F 198 -17.97 22.90 -24.26
CA GLY F 198 -16.95 23.36 -23.33
C GLY F 198 -15.79 22.42 -23.12
N MET F 199 -16.06 21.12 -23.03
CA MET F 199 -15.00 20.15 -22.78
C MET F 199 -14.31 19.69 -24.05
N SER F 200 -15.05 19.57 -25.15
CA SER F 200 -14.46 19.12 -26.40
C SER F 200 -13.69 20.21 -27.13
N LEU F 201 -13.57 21.41 -26.55
CA LEU F 201 -12.56 22.34 -27.04
C LEU F 201 -11.16 21.82 -26.74
N GLU F 202 -11.02 21.07 -25.64
CA GLU F 202 -9.86 20.26 -25.32
C GLU F 202 -10.28 18.80 -25.41
N PRO F 203 -10.36 18.24 -26.62
CA PRO F 203 -10.97 16.90 -26.77
C PRO F 203 -10.13 15.79 -26.18
N GLU F 204 -8.83 15.99 -26.02
CA GLU F 204 -7.98 14.99 -25.38
C GLU F 204 -8.13 14.96 -23.87
N TRP F 205 -9.01 15.79 -23.32
CA TRP F 205 -9.19 15.93 -21.88
C TRP F 205 -10.64 15.62 -21.53
N PHE F 206 -10.83 14.73 -20.56
CA PHE F 206 -12.15 14.41 -20.05
C PHE F 206 -12.16 14.66 -18.55
N SER F 207 -13.30 15.11 -18.04
CA SER F 207 -13.52 15.14 -16.60
C SER F 207 -15.00 15.35 -16.37
N SER F 208 -15.63 14.42 -15.67
CA SER F 208 -16.93 14.73 -15.09
C SER F 208 -16.75 15.84 -14.05
N MET F 209 -17.86 16.41 -13.61
CA MET F 209 -17.92 17.57 -12.72
C MET F 209 -17.38 18.82 -13.42
N TYR F 210 -17.06 18.74 -14.71
CA TYR F 210 -16.86 19.92 -15.54
C TYR F 210 -18.21 20.50 -15.95
N PRO F 211 -19.22 19.70 -16.30
CA PRO F 211 -20.57 20.28 -16.44
C PRO F 211 -21.23 20.59 -15.12
N VAL F 212 -20.70 20.10 -14.01
CA VAL F 212 -21.27 20.42 -12.70
C VAL F 212 -20.69 21.72 -12.16
N THR F 213 -19.44 22.05 -12.50
CA THR F 213 -18.89 23.32 -12.06
C THR F 213 -19.45 24.51 -12.83
N TYR F 214 -20.17 24.26 -13.92
CA TYR F 214 -20.96 25.32 -14.54
C TYR F 214 -22.29 25.49 -13.82
N ILE F 215 -22.93 24.38 -13.46
CA ILE F 215 -24.22 24.41 -12.78
C ILE F 215 -24.12 25.21 -11.49
N ALA F 216 -23.04 25.01 -10.73
CA ALA F 216 -22.84 25.79 -9.52
C ALA F 216 -22.51 27.24 -9.82
N SER F 217 -22.06 27.53 -11.04
CA SER F 217 -21.86 28.91 -11.47
C SER F 217 -23.03 29.46 -12.27
N MET F 218 -23.92 28.59 -12.75
CA MET F 218 -25.18 29.08 -13.29
C MET F 218 -26.05 29.66 -12.19
N LEU F 219 -25.91 29.16 -10.96
CA LEU F 219 -26.71 29.62 -9.83
C LEU F 219 -26.13 30.86 -9.15
N ILE F 220 -24.89 31.22 -9.44
CA ILE F 220 -24.37 32.49 -8.96
C ILE F 220 -24.82 33.63 -9.86
N LEU F 221 -24.84 33.39 -11.17
CA LEU F 221 -25.24 34.43 -12.11
C LEU F 221 -26.72 34.76 -11.99
N THR F 222 -27.57 33.73 -11.86
CA THR F 222 -29.00 33.99 -11.79
C THR F 222 -29.44 34.47 -10.42
N PHE F 223 -28.62 34.27 -9.39
CA PHE F 223 -28.92 34.84 -8.08
C PHE F 223 -28.24 36.18 -7.90
N GLY F 224 -26.98 36.29 -8.33
CA GLY F 224 -26.34 37.59 -8.39
C GLY F 224 -27.07 38.53 -9.32
N GLY F 225 -27.54 38.02 -10.46
CA GLY F 225 -28.38 38.82 -11.33
C GLY F 225 -29.75 39.06 -10.74
N GLY F 226 -30.25 38.13 -9.93
CA GLY F 226 -31.52 38.35 -9.27
C GLY F 226 -31.47 39.49 -8.28
N ILE F 227 -30.36 39.61 -7.54
CA ILE F 227 -30.20 40.75 -6.64
C ILE F 227 -29.84 42.01 -7.42
N ILE F 228 -29.15 41.87 -8.55
CA ILE F 228 -28.84 43.04 -9.36
C ILE F 228 -30.11 43.62 -9.98
N ALA F 229 -30.90 42.76 -10.63
CA ALA F 229 -32.11 43.23 -11.28
C ALA F 229 -33.15 43.71 -10.28
N LEU F 230 -33.19 43.12 -9.09
CA LEU F 230 -34.10 43.59 -8.07
C LEU F 230 -33.64 44.91 -7.47
N ALA F 231 -32.38 45.26 -7.61
CA ALA F 231 -31.87 46.54 -7.11
C ALA F 231 -32.05 47.66 -8.11
N VAL F 232 -31.75 47.40 -9.39
CA VAL F 232 -32.00 48.40 -10.42
C VAL F 232 -33.48 48.71 -10.53
N LEU F 233 -34.33 47.74 -10.21
CA LEU F 233 -35.77 47.99 -10.20
C LEU F 233 -36.20 48.70 -8.92
N LYS F 234 -35.48 48.50 -7.82
CA LYS F 234 -35.85 49.18 -6.57
C LYS F 234 -35.12 50.50 -6.40
N SER F 235 -33.95 50.66 -7.00
CA SER F 235 -33.27 51.96 -6.93
C SER F 235 -34.02 53.00 -7.73
N ARG F 236 -34.60 52.62 -8.86
CA ARG F 236 -35.41 53.52 -9.67
C ARG F 236 -36.88 53.49 -9.27
N ASN F 237 -37.23 52.74 -8.23
CA ASN F 237 -38.61 52.61 -7.74
C ASN F 237 -39.54 52.11 -8.87
N LEU F 238 -39.25 50.92 -9.35
CA LEU F 238 -40.04 50.28 -10.39
C LEU F 238 -40.64 48.95 -9.98
N LEU F 239 -40.33 48.45 -8.80
CA LEU F 239 -40.85 47.17 -8.37
C LEU F 239 -42.31 47.28 -7.96
N PRO F 240 -43.12 46.26 -8.23
CA PRO F 240 -44.50 46.23 -7.72
C PRO F 240 -44.61 45.75 -6.29
N PHE F 241 -43.51 45.68 -5.54
CA PHE F 241 -43.52 45.21 -4.17
C PHE F 241 -42.24 45.67 -3.50
N GLY F 242 -42.36 46.26 -2.32
CA GLY F 242 -41.18 46.60 -1.55
C GLY F 242 -40.44 45.36 -1.13
N ILE F 243 -39.14 45.31 -1.38
CA ILE F 243 -38.33 44.13 -1.04
C ILE F 243 -38.28 43.99 0.48
N PRO F 244 -38.79 42.89 1.02
CA PRO F 244 -38.64 42.67 2.47
C PRO F 244 -37.18 42.41 2.81
N VAL F 245 -36.69 43.14 3.82
CA VAL F 245 -35.27 43.09 4.16
C VAL F 245 -34.85 41.72 4.66
N ASP F 246 -35.80 40.86 5.03
CA ASP F 246 -35.48 39.52 5.47
C ASP F 246 -35.46 38.54 4.30
N ARG F 247 -36.20 38.81 3.23
CA ARG F 247 -36.16 37.98 2.04
C ARG F 247 -35.10 38.43 1.05
N LEU F 248 -34.64 39.67 1.14
CA LEU F 248 -33.39 40.04 0.50
C LEU F 248 -32.22 39.30 1.15
N HIS F 249 -32.32 39.06 2.45
CA HIS F 249 -31.37 38.21 3.16
C HIS F 249 -31.46 36.77 2.71
N ASP F 250 -32.58 36.37 2.10
CA ASP F 250 -32.69 35.02 1.53
C ASP F 250 -31.94 34.92 0.21
N LEU F 251 -32.08 35.93 -0.65
CA LEU F 251 -31.28 35.97 -1.87
C LEU F 251 -29.79 36.11 -1.55
N GLY F 252 -29.46 36.83 -0.47
CA GLY F 252 -28.08 36.92 -0.06
C GLY F 252 -27.56 35.60 0.51
N LYS F 253 -28.43 34.84 1.18
CA LYS F 253 -28.02 33.54 1.68
C LYS F 253 -27.91 32.52 0.56
N PHE F 254 -28.73 32.65 -0.48
CA PHE F 254 -28.57 31.79 -1.66
C PHE F 254 -27.30 32.15 -2.41
N LEU F 255 -27.07 33.45 -2.63
CA LEU F 255 -25.87 33.88 -3.34
C LEU F 255 -24.62 33.46 -2.58
N PHE F 256 -24.65 33.58 -1.25
CA PHE F 256 -23.49 33.21 -0.45
C PHE F 256 -23.29 31.71 -0.42
N ALA F 257 -24.38 30.94 -0.33
CA ALA F 257 -24.27 29.49 -0.32
C ALA F 257 -23.82 28.93 -1.65
N PHE F 258 -24.01 29.67 -2.74
CA PHE F 258 -23.61 29.19 -4.06
C PHE F 258 -22.23 29.67 -4.48
N VAL F 259 -21.66 30.66 -3.81
CA VAL F 259 -20.23 30.89 -3.93
C VAL F 259 -19.47 29.82 -3.17
N ALA F 260 -20.07 29.29 -2.10
CA ALA F 260 -19.45 28.17 -1.39
C ALA F 260 -19.60 26.87 -2.17
N VAL F 261 -20.70 26.68 -2.88
CA VAL F 261 -20.85 25.48 -3.71
C VAL F 261 -19.97 25.57 -4.93
N TRP F 262 -19.87 26.76 -5.53
CA TRP F 262 -18.98 26.94 -6.68
C TRP F 262 -17.53 26.67 -6.30
N ALA F 263 -17.10 27.17 -5.14
CA ALA F 263 -15.75 26.87 -4.68
C ALA F 263 -15.62 25.43 -4.23
N TYR F 264 -16.73 24.77 -3.93
CA TYR F 264 -16.69 23.36 -3.59
C TYR F 264 -16.57 22.49 -4.84
N VAL F 265 -17.10 22.93 -5.97
CA VAL F 265 -17.02 22.12 -7.17
C VAL F 265 -15.78 22.44 -8.01
N ASN F 266 -15.29 23.68 -7.97
CA ASN F 266 -14.08 24.00 -8.71
C ASN F 266 -12.84 23.51 -8.00
N PHE F 267 -12.81 23.59 -6.68
CA PHE F 267 -11.63 23.13 -5.96
C PHE F 267 -11.56 21.61 -5.93
N SER F 268 -12.69 20.94 -5.72
CA SER F 268 -12.69 19.48 -5.73
C SER F 268 -12.38 18.95 -7.12
N GLU F 269 -12.76 19.67 -8.17
CA GLU F 269 -12.30 19.29 -9.50
C GLU F 269 -10.79 19.44 -9.64
N TYR F 270 -10.20 20.42 -8.95
CA TYR F 270 -8.75 20.59 -8.98
C TYR F 270 -8.04 19.67 -8.01
N LEU F 271 -8.54 19.58 -6.77
CA LEU F 271 -7.93 18.71 -5.77
C LEU F 271 -7.88 17.25 -6.23
N ILE F 272 -8.81 16.85 -7.08
CA ILE F 272 -8.80 15.50 -7.62
C ILE F 272 -7.75 15.37 -8.72
N ILE F 273 -7.78 16.29 -9.69
CA ILE F 273 -6.86 16.21 -10.81
C ILE F 273 -5.44 16.50 -10.38
N TRP F 274 -5.25 17.36 -9.37
CA TRP F 274 -3.91 17.65 -8.88
C TRP F 274 -3.34 16.47 -8.11
N SER F 275 -4.14 15.84 -7.26
CA SER F 275 -3.63 14.76 -6.42
C SER F 275 -3.13 13.59 -7.26
N GLY F 276 -4.04 12.94 -7.98
CA GLY F 276 -3.61 11.95 -8.94
C GLY F 276 -3.48 12.59 -10.30
N ASN F 277 -2.27 12.99 -10.69
CA ASN F 277 -2.08 13.79 -11.89
C ASN F 277 -1.93 12.88 -13.11
N VAL F 278 -3.01 12.18 -13.44
CA VAL F 278 -3.06 11.40 -14.66
C VAL F 278 -2.97 12.37 -15.83
N PRO F 279 -1.99 12.21 -16.72
CA PRO F 279 -1.76 13.21 -17.78
C PRO F 279 -2.87 13.36 -18.80
N GLU F 280 -3.99 12.67 -18.60
CA GLU F 280 -5.15 12.92 -19.44
C GLU F 280 -6.08 13.94 -18.81
N LEU F 281 -6.18 13.94 -17.48
CA LEU F 281 -6.99 14.93 -16.78
C LEU F 281 -6.22 16.20 -16.47
N THR F 282 -4.90 16.12 -16.40
CA THR F 282 -3.99 17.22 -16.08
C THR F 282 -3.91 18.35 -17.11
N PRO F 283 -3.94 18.12 -18.44
CA PRO F 283 -3.70 19.23 -19.37
C PRO F 283 -4.66 20.40 -19.23
N TRP F 284 -5.84 20.21 -18.66
CA TRP F 284 -6.74 21.34 -18.42
C TRP F 284 -6.17 22.28 -17.37
N HIS F 285 -6.00 21.78 -16.15
CA HIS F 285 -5.41 22.58 -15.10
C HIS F 285 -3.92 22.81 -15.28
N GLY F 286 -3.30 22.12 -16.23
CA GLY F 286 -1.89 22.35 -16.51
C GLY F 286 -1.69 23.56 -17.39
N HIS F 287 -2.51 23.70 -18.42
CA HIS F 287 -2.46 24.87 -19.27
C HIS F 287 -3.04 26.10 -18.59
N ARG F 288 -3.89 25.91 -17.58
CA ARG F 288 -4.51 27.00 -16.85
C ARG F 288 -3.82 27.29 -15.53
N SER F 289 -2.56 26.87 -15.38
CA SER F 289 -1.74 27.22 -14.23
C SER F 289 -0.35 27.66 -14.65
N ALA F 290 -0.10 27.84 -15.94
CA ALA F 290 1.21 28.24 -16.42
C ALA F 290 1.04 29.16 -17.61
N GLY F 291 1.96 30.11 -17.76
CA GLY F 291 1.95 31.04 -18.87
C GLY F 291 1.14 32.29 -18.66
N GLY F 292 0.69 32.56 -17.44
CA GLY F 292 -0.12 33.71 -17.14
C GLY F 292 -1.54 33.38 -16.76
N TRP F 293 -1.99 32.16 -17.03
CA TRP F 293 -3.33 31.77 -16.63
C TRP F 293 -3.43 31.50 -15.14
N GLU F 294 -2.30 31.36 -14.44
CA GLU F 294 -2.34 31.23 -13.00
C GLU F 294 -2.74 32.53 -12.32
N ILE F 295 -2.58 33.66 -13.01
CA ILE F 295 -3.06 34.93 -12.47
C ILE F 295 -4.58 34.94 -12.41
N LEU F 296 -5.23 34.38 -13.43
CA LEU F 296 -6.66 34.16 -13.37
C LEU F 296 -7.03 32.96 -12.52
N GLY F 297 -6.06 32.14 -12.15
CA GLY F 297 -6.31 31.02 -11.27
C GLY F 297 -6.31 31.42 -9.82
N ILE F 298 -5.36 32.26 -9.42
CA ILE F 298 -5.32 32.74 -8.04
C ILE F 298 -6.39 33.78 -7.80
N VAL F 299 -7.00 34.33 -8.84
CA VAL F 299 -8.16 35.19 -8.65
C VAL F 299 -9.37 34.35 -8.27
N MET F 300 -9.50 33.16 -8.87
CA MET F 300 -10.59 32.26 -8.52
C MET F 300 -10.51 31.81 -7.05
N ILE F 301 -9.30 31.68 -6.52
CA ILE F 301 -9.15 31.22 -5.15
C ILE F 301 -9.44 32.34 -4.16
N PHE F 302 -8.99 33.54 -4.48
CA PHE F 302 -9.08 34.67 -3.55
C PHE F 302 -10.16 35.67 -3.93
N GLY F 303 -10.22 36.09 -5.20
CA GLY F 303 -11.20 37.09 -5.60
C GLY F 303 -12.57 36.53 -5.91
N HIS F 304 -12.69 35.23 -6.14
CA HIS F 304 -13.97 34.60 -6.40
C HIS F 304 -14.56 33.91 -5.19
N PHE F 305 -13.77 33.13 -4.46
CA PHE F 305 -14.24 32.50 -3.24
C PHE F 305 -13.93 33.33 -2.01
N LEU F 306 -12.64 33.54 -1.72
CA LEU F 306 -12.27 34.05 -0.40
C LEU F 306 -12.68 35.51 -0.19
N LEU F 307 -12.78 36.29 -1.25
CA LEU F 307 -13.25 37.66 -1.04
C LEU F 307 -14.77 37.73 -0.90
N PRO F 308 -15.57 37.09 -1.77
CA PRO F 308 -17.02 37.10 -1.54
C PRO F 308 -17.52 36.01 -0.60
N PHE F 309 -16.63 35.31 0.09
CA PHE F 309 -17.02 34.48 1.22
C PHE F 309 -16.88 35.20 2.54
N MET F 310 -15.83 36.02 2.69
CA MET F 310 -15.70 36.84 3.88
C MET F 310 -16.67 38.02 3.85
N LEU F 311 -16.98 38.53 2.66
CA LEU F 311 -17.90 39.65 2.56
C LEU F 311 -19.34 39.20 2.79
N LEU F 312 -19.75 38.11 2.14
CA LEU F 312 -21.10 37.59 2.25
C LEU F 312 -21.31 36.77 3.51
N LEU F 313 -20.39 36.86 4.49
CA LEU F 313 -20.50 36.04 5.69
C LEU F 313 -21.39 36.68 6.74
N SER F 314 -21.48 38.01 6.76
CA SER F 314 -22.23 38.71 7.79
C SER F 314 -23.64 39.00 7.34
N ARG F 315 -24.50 39.32 8.32
CA ARG F 315 -25.83 39.82 8.01
C ARG F 315 -25.73 41.13 7.25
N PHE F 316 -24.90 42.05 7.73
CA PHE F 316 -24.44 43.15 6.89
C PHE F 316 -23.73 42.60 5.66
N ALA F 317 -23.90 43.29 4.53
CA ALA F 317 -23.54 42.85 3.19
C ALA F 317 -24.39 41.67 2.72
N LYS F 318 -25.43 41.31 3.48
CA LYS F 318 -26.48 40.43 3.00
C LYS F 318 -27.87 40.98 3.28
N ARG F 319 -28.00 41.92 4.22
CA ARG F 319 -29.27 42.52 4.57
C ARG F 319 -29.50 43.85 3.87
N ARG F 320 -28.44 44.60 3.62
CA ARG F 320 -28.53 45.85 2.88
C ARG F 320 -28.50 45.56 1.39
N LEU F 321 -29.30 46.32 0.63
CA LEU F 321 -29.34 46.12 -0.82
C LEU F 321 -28.12 46.74 -1.49
N ALA F 322 -27.66 47.88 -0.99
CA ALA F 322 -26.50 48.54 -1.59
C ALA F 322 -25.20 47.80 -1.33
N ASN F 323 -25.16 46.97 -0.28
CA ASN F 323 -23.98 46.17 0.00
C ASN F 323 -24.06 44.75 -0.53
N LEU F 324 -25.26 44.29 -0.88
CA LEU F 324 -25.43 42.96 -1.48
C LEU F 324 -25.37 43.03 -3.00
N THR F 325 -25.84 44.12 -3.60
CA THR F 325 -25.71 44.29 -5.04
C THR F 325 -24.27 44.58 -5.43
N ALA F 326 -23.55 45.34 -4.61
CA ALA F 326 -22.15 45.62 -4.87
C ALA F 326 -21.31 44.35 -4.85
N ILE F 327 -21.79 43.29 -4.19
CA ILE F 327 -21.14 41.99 -4.27
C ILE F 327 -21.64 41.20 -5.47
N ALA F 328 -22.93 41.33 -5.79
CA ALA F 328 -23.45 40.68 -6.99
C ALA F 328 -22.89 41.31 -8.25
N ILE F 329 -22.75 42.63 -8.26
CA ILE F 329 -22.06 43.30 -9.38
C ILE F 329 -20.62 42.84 -9.45
N TYR F 330 -19.99 42.61 -8.30
CA TYR F 330 -18.60 42.17 -8.28
C TYR F 330 -18.46 40.71 -8.65
N LEU F 331 -19.42 39.86 -8.27
CA LEU F 331 -19.36 38.46 -8.68
C LEU F 331 -19.53 38.29 -10.18
N TYR F 332 -20.29 39.19 -10.82
CA TYR F 332 -20.37 39.14 -12.28
C TYR F 332 -19.04 39.50 -12.92
N LEU F 333 -18.33 40.47 -12.35
CA LEU F 333 -17.03 40.87 -12.88
C LEU F 333 -15.94 39.86 -12.57
N ILE F 334 -16.25 38.79 -11.84
CA ILE F 334 -15.30 37.72 -11.58
C ILE F 334 -15.69 36.44 -12.29
N GLU F 335 -17.01 36.17 -12.39
CA GLU F 335 -17.45 35.05 -13.23
C GLU F 335 -17.08 35.29 -14.68
N ILE F 336 -17.16 36.54 -15.14
CA ILE F 336 -16.67 36.88 -16.48
C ILE F 336 -15.19 36.53 -16.60
N VAL F 337 -14.42 36.81 -15.56
CA VAL F 337 -13.02 36.38 -15.54
C VAL F 337 -12.94 34.86 -15.45
N TRP F 338 -13.90 34.23 -14.77
CA TRP F 338 -13.85 32.78 -14.61
C TRP F 338 -14.25 32.06 -15.89
N TYR F 339 -15.31 32.52 -16.56
CA TYR F 339 -15.63 31.95 -17.86
C TYR F 339 -14.59 32.28 -18.91
N PHE F 340 -13.72 33.24 -18.65
CA PHE F 340 -12.54 33.47 -19.49
C PHE F 340 -11.41 32.53 -19.11
N TRP F 341 -11.17 32.33 -17.83
CA TRP F 341 -10.13 31.41 -17.39
C TRP F 341 -10.47 29.96 -17.70
N LYS F 342 -11.74 29.64 -17.91
CA LYS F 342 -12.16 28.26 -18.12
C LYS F 342 -12.35 27.92 -19.59
N ILE F 343 -12.83 28.84 -20.40
CA ILE F 343 -13.09 28.60 -21.81
C ILE F 343 -11.92 29.01 -22.68
N MET F 344 -11.38 30.22 -22.46
CA MET F 344 -10.36 30.74 -23.36
C MET F 344 -9.07 29.93 -23.40
N PRO F 345 -8.48 29.49 -22.28
CA PRO F 345 -7.22 28.74 -22.38
C PRO F 345 -7.30 27.43 -23.14
N ALA F 346 -8.49 27.01 -23.58
CA ALA F 346 -8.54 25.96 -24.59
C ALA F 346 -7.94 26.42 -25.91
N PHE F 347 -7.84 27.73 -26.10
CA PHE F 347 -7.21 28.33 -27.27
C PHE F 347 -6.08 29.22 -26.78
N HIS F 348 -4.90 29.06 -27.38
CA HIS F 348 -3.66 29.63 -26.85
C HIS F 348 -3.47 29.16 -25.42
N PRO F 349 -3.20 27.87 -25.20
CA PRO F 349 -3.06 27.38 -23.82
C PRO F 349 -1.72 27.77 -23.21
N ASP F 350 -0.72 27.95 -24.06
CA ASP F 350 0.64 28.24 -23.60
C ASP F 350 0.87 29.74 -23.50
N GLY F 351 0.01 30.38 -22.73
CA GLY F 351 0.13 31.80 -22.47
C GLY F 351 -1.22 32.46 -22.29
N PHE F 352 -1.23 33.55 -21.54
CA PHE F 352 -2.45 34.34 -21.34
C PHE F 352 -2.64 35.24 -22.55
N HIS F 353 -3.71 35.01 -23.31
CA HIS F 353 -4.02 35.83 -24.47
C HIS F 353 -5.43 36.36 -24.33
N ILE F 354 -5.55 37.68 -24.19
CA ILE F 354 -6.83 38.37 -24.19
C ILE F 354 -6.86 39.28 -25.41
N HIS F 355 -8.04 39.41 -26.01
CA HIS F 355 -8.23 40.23 -27.19
C HIS F 355 -9.38 41.20 -26.93
N TRP F 356 -9.43 42.26 -27.74
CA TRP F 356 -10.50 43.22 -27.57
C TRP F 356 -11.87 42.64 -27.94
N LEU F 357 -11.91 41.49 -28.61
CA LEU F 357 -13.18 40.84 -28.88
C LEU F 357 -13.78 40.25 -27.61
N ASP F 358 -12.94 39.84 -26.64
CA ASP F 358 -13.44 39.28 -25.40
C ASP F 358 -14.28 40.27 -24.61
N LEU F 359 -14.10 41.57 -24.85
CA LEU F 359 -14.95 42.59 -24.27
C LEU F 359 -16.05 43.05 -25.22
N VAL F 360 -15.80 43.01 -26.53
CA VAL F 360 -16.79 43.49 -27.50
C VAL F 360 -17.86 42.43 -27.75
N THR F 361 -17.45 41.17 -27.97
CA THR F 361 -18.47 40.15 -28.20
C THR F 361 -19.12 39.68 -26.91
N LEU F 362 -18.59 40.07 -25.75
CA LEU F 362 -19.29 39.80 -24.50
C LEU F 362 -20.43 40.79 -24.28
N ILE F 363 -20.22 42.06 -24.63
CA ILE F 363 -21.30 43.04 -24.63
C ILE F 363 -22.12 43.00 -25.90
N ALA F 364 -21.81 42.08 -26.82
CA ALA F 364 -22.63 41.86 -28.01
C ALA F 364 -23.70 40.82 -27.74
N ILE F 365 -23.29 39.64 -27.27
CA ILE F 365 -24.26 38.63 -26.85
C ILE F 365 -25.06 39.13 -25.66
N GLY F 366 -24.41 39.88 -24.76
CA GLY F 366 -25.11 40.38 -23.59
C GLY F 366 -26.14 41.44 -23.92
N GLY F 367 -25.82 42.31 -24.87
CA GLY F 367 -26.79 43.30 -25.30
C GLY F 367 -28.01 42.66 -25.94
N LEU F 368 -27.80 41.59 -26.70
CA LEU F 368 -28.92 40.82 -27.22
C LEU F 368 -29.61 40.05 -26.11
N TRP F 369 -28.85 39.56 -25.12
CA TRP F 369 -29.43 38.85 -24.00
C TRP F 369 -30.27 39.79 -23.13
N LEU F 370 -29.69 40.94 -22.76
CA LEU F 370 -30.46 41.93 -22.01
C LEU F 370 -31.56 42.57 -22.83
N GLY F 371 -31.55 42.40 -24.15
CA GLY F 371 -32.62 42.91 -24.98
C GLY F 371 -33.79 41.96 -25.01
N VAL F 372 -33.51 40.66 -25.11
CA VAL F 372 -34.58 39.67 -25.08
C VAL F 372 -35.09 39.49 -23.66
N PHE F 373 -34.19 39.56 -22.66
CA PHE F 373 -34.61 39.46 -21.28
C PHE F 373 -35.51 40.63 -20.89
N ALA F 374 -35.23 41.83 -21.40
CA ALA F 374 -36.09 42.96 -21.10
C ALA F 374 -37.42 42.86 -21.83
N TRP F 375 -37.40 42.34 -23.06
CA TRP F 375 -38.65 42.15 -23.79
C TRP F 375 -39.48 41.03 -23.17
N ASN F 376 -38.83 40.04 -22.56
CA ASN F 376 -39.54 38.98 -21.86
C ASN F 376 -39.94 39.36 -20.44
N LEU F 377 -39.69 40.60 -20.02
CA LEU F 377 -40.20 41.12 -18.76
C LEU F 377 -41.46 41.94 -18.93
N GLN F 378 -41.57 42.71 -20.01
CA GLN F 378 -42.72 43.59 -20.19
C GLN F 378 -44.01 42.81 -20.42
N ARG F 379 -43.92 41.55 -20.83
CA ARG F 379 -45.09 40.71 -21.04
C ARG F 379 -45.53 39.98 -19.77
N ALA F 380 -45.16 40.48 -18.61
CA ALA F 380 -45.53 39.88 -17.33
C ALA F 380 -45.59 40.98 -16.28
N PRO F 381 -46.52 40.88 -15.33
CA PRO F 381 -46.72 41.96 -14.35
C PRO F 381 -45.63 42.06 -13.28
N LEU F 382 -44.53 41.31 -13.41
CA LEU F 382 -43.37 41.29 -12.51
C LEU F 382 -43.67 40.72 -11.14
N LEU F 383 -44.92 40.33 -10.86
CA LEU F 383 -45.28 39.79 -9.56
C LEU F 383 -46.12 38.52 -9.63
N ALA F 384 -46.76 38.22 -10.76
CA ALA F 384 -47.71 37.12 -10.89
C ALA F 384 -48.82 37.29 -9.87
N PRO F 385 -49.72 38.25 -10.08
CA PRO F 385 -50.70 38.61 -9.03
C PRO F 385 -51.51 37.44 -8.49
N ASN F 386 -51.81 36.45 -9.32
CA ASN F 386 -52.53 35.27 -8.85
C ASN F 386 -51.52 34.19 -8.49
N ASP F 387 -50.85 34.40 -7.37
CA ASP F 387 -49.90 33.44 -6.83
C ASP F 387 -50.29 33.11 -5.40
N TYR F 388 -49.81 31.97 -4.92
CA TYR F 388 -50.10 31.54 -3.55
C TYR F 388 -49.10 32.10 -2.54
N ARG F 389 -48.06 32.78 -2.99
CA ARG F 389 -47.09 33.38 -2.09
C ARG F 389 -47.13 34.90 -2.09
N VAL F 390 -47.84 35.53 -3.02
CA VAL F 390 -48.02 36.97 -2.97
C VAL F 390 -48.91 37.38 -1.79
N PRO F 391 -49.87 36.58 -1.29
CA PRO F 391 -50.46 36.94 0.01
C PRO F 391 -49.50 36.75 1.15
N LEU F 392 -48.43 35.99 0.97
CA LEU F 392 -47.36 35.87 1.94
C LEU F 392 -46.32 36.97 1.78
N LEU F 393 -46.28 37.62 0.62
CA LEU F 393 -45.35 38.73 0.39
C LEU F 393 -45.99 40.08 0.67
N ARG F 394 -47.31 40.19 0.59
CA ARG F 394 -47.97 41.44 0.95
C ARG F 394 -47.78 41.74 2.44
N ARG F 395 -47.73 40.71 3.27
CA ARG F 395 -47.15 40.84 4.60
C ARG F 395 -45.67 40.49 4.53
N GLN F 396 -44.93 40.91 5.56
CA GLN F 396 -43.47 40.97 5.63
C GLN F 396 -42.95 42.12 4.77
N GLU F 397 -43.84 42.75 4.01
CA GLU F 397 -43.55 44.00 3.31
C GLU F 397 -44.22 45.18 3.99
N ALA F 398 -45.52 45.07 4.27
CA ALA F 398 -46.22 46.05 5.09
C ALA F 398 -46.02 45.80 6.58
N SER F 399 -45.25 44.78 6.95
CA SER F 399 -44.93 44.45 8.33
C SER F 399 -46.19 44.22 9.18
FE HEC G . 12.39 7.08 12.64
CHA HEC G . 11.51 5.44 15.50
CHB HEC G . 9.11 6.84 11.53
CHC HEC G . 13.21 8.53 9.67
CHD HEC G . 15.67 7.19 13.61
NA HEC G . 10.66 6.28 13.35
C1A HEC G . 10.51 5.69 14.59
C2A HEC G . 9.11 5.38 14.77
C3A HEC G . 8.46 5.77 13.67
C4A HEC G . 9.42 6.33 12.77
CMA HEC G . 6.96 5.66 13.39
CAA HEC G . 8.48 4.73 16.00
CBA HEC G . 8.23 3.27 15.65
CGA HEC G . 7.55 2.58 16.79
O1A HEC G . 7.21 3.26 17.78
O2A HEC G . 7.35 1.35 16.67
NB HEC G . 11.36 7.59 10.96
C1B HEC G . 10.03 7.40 10.69
C2B HEC G . 9.73 7.87 9.35
C3B HEC G . 10.87 8.35 8.84
C4B HEC G . 11.91 8.17 9.83
CMB HEC G . 8.32 7.79 8.73
CAB HEC G . 11.19 8.95 7.46
CBB HEC G . 10.25 10.09 7.02
NC HEC G . 14.11 7.71 11.80
C1C HEC G . 14.22 8.32 10.57
C2C HEC G . 15.56 8.80 10.41
C3C HEC G . 16.27 8.37 11.46
C4C HEC G . 15.36 7.72 12.38
CMC HEC G . 16.07 9.45 9.12
CAC HEC G . 17.78 8.60 11.70
CBC HEC G . 18.05 10.10 11.93
ND HEC G . 13.44 6.39 14.29
C1D HEC G . 14.80 6.62 14.51
C2D HEC G . 15.12 6.16 15.85
C3D HEC G . 13.81 5.62 16.43
C4D HEC G . 12.83 5.80 15.39
CMD HEC G . 16.48 6.20 16.56
CAD HEC G . 13.61 5.03 17.83
CBD HEC G . 12.69 5.94 18.63
CGD HEC G . 12.36 5.29 19.94
O1D HEC G . 13.17 4.46 20.41
O2D HEC G . 11.27 5.59 20.49
FE HEC H . 23.48 9.84 12.22
CHA HEC H . 24.96 9.50 9.21
CHB HEC H . 21.86 6.79 11.78
CHC HEC H . 21.91 10.16 15.23
CHD HEC H . 25.12 12.82 12.80
NA HEC H . 23.41 8.41 10.77
C1A HEC H . 24.12 8.47 9.58
C2A HEC H . 23.80 7.27 8.83
C3A HEC H . 22.94 6.55 9.54
C4A HEC H . 22.68 7.24 10.78
CMA HEC H . 22.34 5.19 9.12
CAA HEC H . 24.30 6.84 7.44
CBA HEC H . 24.17 7.94 6.39
CGA HEC H . 23.91 7.29 5.06
O1A HEC H . 23.22 6.25 5.03
O2A HEC H . 24.37 7.85 4.03
NB HEC H . 22.18 8.68 13.31
C1B HEC H . 21.57 7.50 12.92
C2B HEC H . 20.60 7.14 13.92
C3B HEC H . 20.62 8.07 14.87
C4B HEC H . 21.60 9.05 14.50
CMB HEC H . 19.70 5.89 13.85
CAB HEC H . 19.74 8.17 16.14
CBB HEC H . 20.03 7.06 17.16
NC HEC H . 23.51 11.22 13.71
C1C HEC H . 22.79 11.14 14.87
C2C HEC H . 23.16 12.23 15.73
C3C HEC H . 23.98 13.03 15.03
C4C HEC H . 24.27 12.38 13.78
CMC HEC H . 22.47 12.54 17.07
CAC HEC H . 24.62 14.36 15.51
CBC HEC H . 25.53 14.16 16.72
ND HEC H . 24.84 10.98 11.17
C1D HEC H . 25.39 12.19 11.60
C2D HEC H . 26.30 12.67 10.59
C3D HEC H . 26.24 11.64 9.46
C4D HEC H . 25.31 10.63 9.92
CMD HEC H . 27.14 13.96 10.63
CAD HEC H . 27.04 11.68 8.14
CBD HEC H . 26.11 11.75 6.94
CGD HEC H . 26.90 11.57 5.67
O1D HEC H . 26.26 11.35 4.61
O2D HEC H . 28.15 11.66 5.71
FE HEC I . 27.62 4.16 20.01
CHA HEC I . 25.58 1.55 20.72
CHB HEC I . 30.33 2.35 21.16
CHC HEC I . 29.73 6.74 19.26
CHD HEC I . 24.95 6.11 19.11
NA HEC I . 27.89 2.33 20.83
C1A HEC I . 26.91 1.37 20.96
C2A HEC I . 27.52 0.15 21.42
C3A HEC I . 28.82 0.38 21.54
C4A HEC I . 29.10 1.75 21.18
CMA HEC I . 29.87 -0.66 21.98
CAA HEC I . 26.81 -1.19 21.69
CBA HEC I . 26.26 -1.73 20.38
CGA HEC I . 25.68 -3.08 20.63
O1A HEC I . 26.10 -3.74 21.63
O2A HEC I . 24.80 -3.52 19.85
NB HEC I . 29.64 4.48 20.18
C1B HEC I . 30.58 3.60 20.67
C2B HEC I . 31.87 4.24 20.59
C3B HEC I . 31.70 5.46 20.08
C4B HEC I . 30.30 5.63 19.81
CMB HEC I . 33.20 3.62 21.06
CAB HEC I . 32.76 6.54 19.79
CBB HEC I . 33.52 6.23 18.50
NC HEC I . 27.38 6.05 19.35
C1C HEC I . 28.39 6.93 19.05
C2C HEC I . 27.83 8.05 18.36
C3C HEC I . 26.50 7.95 18.41
C4C HEC I . 26.20 6.65 18.96
CMC HEC I . 28.64 9.29 18.00
CAC HEC I . 25.47 8.98 17.88
CBC HEC I . 25.53 9.14 16.35
ND HEC I . 25.61 3.89 19.96
C1D HEC I . 24.69 4.81 19.47
C2D HEC I . 23.41 4.19 19.40
C3D HEC I . 23.59 2.78 19.90
C4D HEC I . 24.99 2.68 20.23
CMD HEC I . 22.11 4.85 18.91
CAD HEC I . 22.55 1.66 20.01
CBD HEC I . 22.25 1.21 18.58
CGD HEC I . 22.21 -0.29 18.49
O1D HEC I . 21.37 -0.82 17.72
O2D HEC I . 23.02 -0.95 19.18
FE HEC J . 32.79 0.66 26.11
CHA HEC J . 29.74 -0.73 26.56
CHB HEC J . 31.28 3.58 25.03
CHC HEC J . 35.86 2.15 25.73
CHD HEC J . 34.36 -2.29 26.89
NA HEC J . 30.87 1.31 25.86
C1A HEC J . 29.74 0.56 26.08
C2A HEC J . 28.59 1.38 25.75
C3A HEC J . 29.02 2.56 25.33
C4A HEC J . 30.46 2.54 25.39
CMA HEC J . 28.15 3.75 24.85
CAA HEC J . 27.10 0.96 25.84
CBA HEC J . 26.83 -0.31 25.07
CGA HEC J . 25.41 -0.75 25.27
O1A HEC J . 25.21 -1.84 25.85
O2A HEC J . 24.50 -0.02 24.83
NB HEC J . 33.44 2.49 25.48
C1B HEC J . 32.65 3.56 25.13
C2B HEC J . 33.50 4.70 24.87
C3B HEC J . 34.76 4.31 25.04
C4B HEC J . 34.75 2.93 25.44
CMB HEC J . 32.97 6.08 24.44
CAB HEC J . 36.03 5.17 24.89
CBB HEC J . 36.17 6.08 26.13
NC HEC J . 34.72 0.05 26.25
C1C HEC J . 35.84 0.84 26.11
C2C HEC J . 37.00 0.06 26.46
C3C HEC J . 36.60 -1.18 26.72
C4C HEC J . 35.15 -1.20 26.64
CMC HEC J . 38.45 0.58 26.34
CAC HEC J . 37.47 -2.40 27.11
CBC HEC J . 38.22 -2.22 28.45
ND HEC J . 32.15 -1.23 26.61
C1D HEC J . 32.98 -2.29 26.97
C2D HEC J . 32.17 -3.38 27.45
C3D HEC J . 30.73 -2.88 27.34
C4D HEC J . 30.82 -1.54 26.82
CMD HEC J . 32.65 -4.74 27.97
CAD HEC J . 29.46 -3.65 27.75
CBD HEC J . 29.43 -3.64 29.27
CGD HEC J . 28.52 -2.55 29.73
O1D HEC J . 27.62 -2.16 28.94
O2D HEC J . 28.68 -2.09 30.89
FE HEC K . 39.63 -5.04 33.92
CHA HEC K . 39.82 -4.13 37.19
CHB HEC K . 36.34 -6.04 34.40
CHC HEC K . 39.40 -5.99 30.65
CHD HEC K . 42.90 -4.09 33.37
NA HEC K . 38.32 -5.10 35.49
C1A HEC K . 38.62 -4.65 36.77
C2A HEC K . 37.43 -4.82 37.59
C3A HEC K . 36.48 -5.34 36.82
C4A HEC K . 37.01 -5.53 35.49
CMA HEC K . 35.05 -5.69 37.28
CAA HEC K . 37.31 -4.45 39.07
CBA HEC K . 37.06 -2.95 39.20
CGA HEC K . 37.46 -2.49 40.57
O1A HEC K . 38.06 -3.30 41.32
O2A HEC K . 37.18 -1.31 40.90
NB HEC K . 38.16 -5.87 32.76
C1B HEC K . 36.87 -6.19 33.14
C2B HEC K . 36.17 -6.68 31.97
C3B HEC K . 37.02 -6.67 30.95
C4B HEC K . 38.28 -6.15 31.42
CMB HEC K . 34.70 -7.17 31.94
CAB HEC K . 36.73 -7.12 29.50
CBB HEC K . 35.92 -6.05 28.76
NC HEC K . 40.91 -5.04 32.33
C1C HEC K . 40.60 -5.48 31.06
C2C HEC K . 41.72 -5.21 30.19
C3C HEC K . 42.73 -4.81 30.96
C4C HEC K . 42.22 -4.61 32.31
CMC HEC K . 41.80 -5.74 28.75
CAC HEC K . 44.18 -4.50 30.49
CBC HEC K . 44.24 -3.28 29.53
ND HEC K . 41.13 -4.25 35.10
C1D HEC K . 42.41 -3.92 34.66
C2D HEC K . 43.15 -3.36 35.75
C3D HEC K . 42.19 -3.36 36.94
C4D HEC K . 40.96 -3.94 36.44
CMD HEC K . 44.60 -2.85 35.71
CAD HEC K . 42.44 -2.88 38.38
CBD HEC K . 43.51 -3.73 39.04
CGD HEC K . 43.21 -3.85 40.50
O1D HEC K . 44.06 -4.38 41.26
O2D HEC K . 42.09 -3.43 40.92
FE1 SF4 L . 14.61 -15.30 -13.72
FE2 SF4 L . 16.09 -13.02 -13.83
FE3 SF4 L . 13.63 -13.00 -12.64
FE4 SF4 L . 13.84 -13.26 -15.36
S1 SF4 L . 14.46 -11.46 -14.11
S2 SF4 L . 12.51 -14.46 -13.95
S3 SF4 L . 15.74 -14.50 -15.52
S4 SF4 L . 15.46 -14.15 -11.95
FE1 SF4 M . 15.76 -6.70 -4.14
FE2 SF4 M . 13.55 -5.22 -4.72
FE3 SF4 M . 13.32 -7.91 -4.30
FE4 SF4 M . 14.53 -6.98 -6.56
S1 SF4 M . 12.35 -6.70 -5.97
S2 SF4 M . 15.27 -8.65 -5.21
S3 SF4 M . 15.56 -5.12 -5.76
S4 SF4 M . 13.97 -6.35 -2.78
FE1 SF4 N . 6.49 1.42 -6.33
FE2 SF4 N . 4.60 2.73 -4.88
FE3 SF4 N . 3.84 0.97 -6.83
FE4 SF4 N . 4.98 3.37 -7.51
S1 SF4 N . 2.98 3.05 -6.46
S2 SF4 N . 5.48 1.33 -8.37
S3 SF4 N . 6.46 3.64 -5.81
S4 SF4 N . 4.98 0.49 -4.92
FE1 F3S O . -0.66 1.74 3.32
FE3 F3S O . 0.36 1.55 6.20
FE4 F3S O . -0.54 4.25 5.06
S1 F3S O . -0.23 0.07 4.68
S2 F3S O . -1.50 3.78 3.13
S3 F3S O . 0.92 2.74 4.45
S4 F3S O . -0.06 3.53 7.08
C1 EL6 P . -3.45 -6.95 20.66
C2 EL6 P . -4.51 -6.03 21.23
C3 EL6 P . -4.37 -4.64 20.61
O31 EL6 P . -5.61 -4.20 20.12
O32 EL6 P . -5.37 -2.29 21.25
C31 EL6 P . -5.83 -2.84 20.31
C32 EL6 P . -6.67 -2.05 19.30
C33 EL6 P . -7.09 -0.72 19.91
C34 EL6 P . -7.41 0.27 18.79
C35 EL6 P . -8.44 1.29 19.26
C36 EL6 P . -9.39 1.62 18.12
C37 EL6 P . -10.79 1.86 18.68
C38 EL6 P . -11.77 0.85 18.08
C39 EL6 P . -12.82 0.47 19.13
O21 EL6 P . -5.78 -6.54 20.95
O22 EL6 P . -5.69 -7.65 22.90
C21 EL6 P . -6.36 -7.27 22.00
C22 EL6 P . -7.85 -7.60 21.97
C23 EL6 P . -8.65 -6.33 22.25
C24 EL6 P . -10.13 -6.70 22.33
C25 EL6 P . -11.00 -5.45 22.27
C26 EL6 P . -12.46 -5.85 22.45
C27 EL6 P . -13.29 -4.61 22.77
C28 EL6 P . -13.40 -3.74 21.51
C29 EL6 P . -13.23 -2.27 21.89
C2A EL6 P . -14.25 -1.89 22.96
FE HEC Q . 52.95 -7.48 23.81
CHA HEC Q . 55.56 -9.51 24.67
CHB HEC Q . 54.32 -7.02 20.69
CHC HEC Q . 50.39 -5.34 22.95
CHD HEC Q . 51.63 -7.76 26.96
NA HEC Q . 54.60 -8.16 22.86
C1A HEC Q . 55.58 -8.96 23.41
C2A HEC Q . 56.64 -9.11 22.43
C3A HEC Q . 56.29 -8.44 21.34
C4A HEC Q . 55.01 -7.82 21.58
CMA HEC Q . 57.13 -8.33 20.05
CAA HEC Q . 57.93 -9.93 22.62
CBA HEC Q . 57.64 -11.42 22.57
CGA HEC Q . 58.90 -12.19 22.81
O1A HEC Q . 59.95 -11.54 23.02
O2A HEC Q . 58.87 -13.44 22.78
NB HEC Q . 52.47 -6.36 22.15
C1B HEC Q . 53.12 -6.38 20.93
C2B HEC Q . 52.34 -5.63 19.98
C3B HEC Q . 51.25 -5.16 20.61
C4B HEC Q . 51.32 -5.61 21.98
CMB HEC Q . 52.73 -5.42 18.50
CAB HEC Q . 50.11 -4.31 20.02
CBB HEC Q . 49.18 -5.17 19.13
NC HEC Q . 51.33 -6.71 24.76
C1C HEC Q . 50.40 -5.84 24.22
C2C HEC Q . 49.34 -5.67 25.19
C3C HEC Q . 49.77 -6.18 26.34
C4C HEC Q . 50.97 -6.94 26.06
CMC HEC Q . 48.27 -4.57 25.00
CAC HEC Q . 49.05 -6.15 27.71
CBC HEC Q . 47.77 -7.00 27.63
ND HEC Q . 53.53 -8.47 25.56
C1D HEC Q . 52.78 -8.48 26.72
C2D HEC Q . 53.39 -9.38 27.67
C3D HEC Q . 54.61 -9.94 26.96
C4D HEC Q . 54.63 -9.31 25.66
CMD HEC Q . 52.89 -9.73 29.08
CAD HEC Q . 55.59 -10.98 27.59
CBD HEC Q . 55.60 -12.26 26.78
CGD HEC Q . 56.13 -13.37 27.66
O1D HEC Q . 55.65 -13.50 28.81
O2D HEC Q . 57.02 -14.13 27.20
C1 EL6 R . 0.69 2.05 24.53
C2 EL6 R . 1.11 3.52 24.56
C3 EL6 R . 0.34 4.27 23.48
O31 EL6 R . -0.25 5.40 24.03
O32 EL6 R . -1.95 5.07 22.61
C31 EL6 R . -1.41 5.81 23.35
C32 EL6 R . -1.96 7.21 23.56
C33 EL6 R . -2.71 7.64 22.30
C34 EL6 R . -4.10 8.15 22.68
C35 EL6 R . -4.73 8.83 21.48
C36 EL6 R . -6.03 9.50 21.90
C37 EL6 R . -6.26 10.74 21.04
C38 EL6 R . -7.38 11.60 21.63
C39 EL6 R . -7.38 12.98 20.99
C3A EL6 R . -8.73 13.25 20.33
C3B EL6 R . -8.96 12.27 19.19
C3C EL6 R . -10.25 12.58 18.46
C3D EL6 R . -10.46 11.55 17.36
C3E EL6 R . -11.83 10.90 17.51
C3F EL6 R . -11.88 10.06 18.79
C3G EL6 R . -10.87 8.92 18.71
C3H EL6 R . -11.16 7.91 19.81
C3I EL6 R . -12.44 7.14 19.47
O21 EL6 R . 0.79 4.06 25.82
O22 EL6 R . 2.98 4.42 26.15
C21 EL6 R . 1.88 4.41 26.60
C22 EL6 R . 1.67 4.79 28.07
C23 EL6 R . 0.45 4.05 28.61
C24 EL6 R . 0.05 4.65 29.94
C25 EL6 R . -0.60 6.01 29.72
C26 EL6 R . -1.89 5.84 28.91
C27 EL6 R . -2.59 7.18 28.78
C28 EL6 R . -3.90 7.01 28.02
C29 EL6 R . -4.80 8.23 28.25
C2A EL6 R . -5.73 7.96 29.43
C2B EL6 R . -5.22 8.67 30.68
C2C EL6 R . -5.38 7.75 31.90
C2D EL6 R . -4.61 8.33 33.09
C2E EL6 R . -3.23 7.69 33.16
C2F EL6 R . -2.73 7.71 34.60
C2G EL6 R . -1.33 7.10 34.68
C2H EL6 R . -1.34 5.69 34.09
C2I EL6 R . -0.04 4.98 34.43
#